data_2YTY
#
_entry.id   2YTY
#
_cell.length_a   1.000
_cell.length_b   1.000
_cell.length_c   1.000
_cell.angle_alpha   90.00
_cell.angle_beta   90.00
_cell.angle_gamma   90.00
#
_symmetry.space_group_name_H-M   'P 1'
#
_entity_poly.entity_id   1
_entity_poly.type   'polypeptide(L)'
_entity_poly.pdbx_seq_one_letter_code
;GSSGSSGRLLGRNSNSKRLLGYVATLKDNFGFIETANHDKEIFFHYSEFSGDVDSLELGDMVEYSLSKGKGNKVSAEKVN
KTSGPSSG
;
_entity_poly.pdbx_strand_id   A
#
# COMPACT_ATOMS: atom_id res chain seq x y z
N GLY A 1 12.58 12.02 5.08
CA GLY A 1 13.52 10.98 4.72
C GLY A 1 14.89 11.20 5.31
N SER A 2 15.40 12.43 5.17
CA SER A 2 16.72 12.77 5.71
C SER A 2 17.79 11.87 5.08
N SER A 3 19.01 11.98 5.61
CA SER A 3 20.13 11.19 5.10
C SER A 3 20.96 10.62 6.26
N GLY A 4 21.76 9.61 5.96
CA GLY A 4 22.59 8.99 6.98
C GLY A 4 23.00 7.58 6.63
N SER A 5 22.64 6.63 7.48
CA SER A 5 22.98 5.23 7.26
C SER A 5 22.19 4.66 6.08
N SER A 6 20.98 5.19 5.88
CA SER A 6 20.12 4.73 4.79
C SER A 6 19.82 3.24 4.93
N GLY A 7 18.66 2.93 5.51
CA GLY A 7 18.26 1.55 5.69
C GLY A 7 17.79 0.91 4.40
N ARG A 8 16.88 -0.05 4.52
CA ARG A 8 16.35 -0.74 3.35
C ARG A 8 14.90 -0.33 3.07
N LEU A 9 14.73 0.82 2.43
CA LEU A 9 13.41 1.33 2.11
C LEU A 9 13.20 1.38 0.61
N LEU A 10 14.24 1.76 -0.13
CA LEU A 10 14.16 1.85 -1.59
C LEU A 10 14.40 0.49 -2.22
N GLY A 11 13.75 0.24 -3.35
CA GLY A 11 13.90 -1.02 -4.04
C GLY A 11 13.85 -0.86 -5.55
N ARG A 12 12.85 -1.45 -6.18
CA ARG A 12 12.69 -1.39 -7.62
C ARG A 12 11.38 -0.70 -7.99
N ASN A 13 11.41 0.07 -9.09
CA ASN A 13 10.23 0.78 -9.55
C ASN A 13 10.16 0.79 -11.08
N SER A 14 9.33 -0.09 -11.63
CA SER A 14 9.18 -0.18 -13.08
C SER A 14 8.02 -1.10 -13.43
N ASN A 15 7.88 -2.20 -12.70
CA ASN A 15 6.82 -3.17 -12.95
C ASN A 15 5.84 -3.20 -11.79
N SER A 16 5.60 -2.03 -11.18
CA SER A 16 4.69 -1.93 -10.05
C SER A 16 3.85 -0.66 -10.14
N LYS A 17 2.54 -0.82 -10.30
CA LYS A 17 1.63 0.30 -10.40
C LYS A 17 1.37 0.92 -9.02
N ARG A 18 0.67 2.05 -9.01
CA ARG A 18 0.35 2.73 -7.76
C ARG A 18 -1.16 2.75 -7.52
N LEU A 19 -1.55 2.70 -6.26
CA LEU A 19 -2.97 2.70 -5.90
C LEU A 19 -3.19 3.48 -4.60
N LEU A 20 -4.45 3.80 -4.32
CA LEU A 20 -4.81 4.54 -3.11
C LEU A 20 -5.94 3.84 -2.36
N GLY A 21 -6.14 4.23 -1.10
CA GLY A 21 -7.19 3.63 -0.30
C GLY A 21 -7.52 4.46 0.92
N TYR A 22 -8.36 3.92 1.80
CA TYR A 22 -8.76 4.61 3.01
C TYR A 22 -8.71 3.67 4.21
N VAL A 23 -8.03 4.11 5.27
CA VAL A 23 -7.91 3.31 6.48
C VAL A 23 -9.28 2.89 7.00
N ALA A 24 -9.59 1.61 6.85
CA ALA A 24 -10.87 1.08 7.31
C ALA A 24 -10.84 0.79 8.80
N THR A 25 -9.74 0.20 9.27
CA THR A 25 -9.59 -0.14 10.68
C THR A 25 -8.12 -0.14 11.09
N LEU A 26 -7.85 0.30 12.31
CA LEU A 26 -6.48 0.35 12.82
C LEU A 26 -6.38 -0.38 14.16
N LYS A 27 -5.62 -1.47 14.18
CA LYS A 27 -5.44 -2.26 15.38
C LYS A 27 -4.02 -2.09 15.94
N ASP A 28 -3.70 -2.84 16.99
CA ASP A 28 -2.38 -2.77 17.60
C ASP A 28 -1.49 -3.90 17.08
N ASN A 29 -1.44 -4.06 15.77
CA ASN A 29 -0.62 -5.10 15.15
C ASN A 29 -0.72 -5.04 13.63
N PHE A 30 -1.92 -4.78 13.13
CA PHE A 30 -2.16 -4.70 11.70
C PHE A 30 -3.35 -3.79 11.39
N GLY A 31 -3.46 -3.38 10.13
CA GLY A 31 -4.54 -2.51 9.72
C GLY A 31 -5.20 -2.96 8.43
N PHE A 32 -6.35 -2.37 8.11
CA PHE A 32 -7.07 -2.72 6.90
C PHE A 32 -7.31 -1.48 6.03
N ILE A 33 -7.49 -1.70 4.73
CA ILE A 33 -7.72 -0.61 3.80
C ILE A 33 -8.96 -0.86 2.95
N GLU A 34 -9.83 0.13 2.87
CA GLU A 34 -11.06 0.01 2.10
C GLU A 34 -10.89 0.62 0.71
N THR A 35 -11.01 -0.21 -0.32
CA THR A 35 -10.86 0.23 -1.69
C THR A 35 -11.94 1.26 -2.06
N ALA A 36 -11.95 1.67 -3.33
CA ALA A 36 -12.93 2.64 -3.80
C ALA A 36 -14.30 2.01 -3.96
N ASN A 37 -14.31 0.70 -4.23
CA ASN A 37 -15.56 -0.03 -4.41
C ASN A 37 -16.20 -0.37 -3.06
N HIS A 38 -15.38 -0.43 -2.03
CA HIS A 38 -15.87 -0.74 -0.69
C HIS A 38 -16.46 -2.14 -0.64
N ASP A 39 -15.89 -3.05 -1.43
CA ASP A 39 -16.36 -4.42 -1.47
C ASP A 39 -15.31 -5.38 -0.94
N LYS A 40 -14.04 -4.99 -1.06
CA LYS A 40 -12.93 -5.81 -0.59
C LYS A 40 -12.07 -5.03 0.40
N GLU A 41 -11.14 -5.74 1.04
CA GLU A 41 -10.24 -5.11 2.01
C GLU A 41 -8.81 -5.61 1.83
N ILE A 42 -7.84 -4.72 2.05
CA ILE A 42 -6.44 -5.08 1.91
C ILE A 42 -5.82 -5.38 3.27
N PHE A 43 -4.85 -6.30 3.27
CA PHE A 43 -4.17 -6.69 4.51
C PHE A 43 -2.69 -6.28 4.46
N PHE A 44 -2.29 -5.46 5.41
CA PHE A 44 -0.91 -4.99 5.49
C PHE A 44 -0.39 -5.05 6.92
N HIS A 45 0.81 -5.58 7.09
CA HIS A 45 1.41 -5.70 8.41
C HIS A 45 2.16 -4.42 8.78
N TYR A 46 2.28 -4.17 10.09
CA TYR A 46 2.97 -2.98 10.57
C TYR A 46 4.41 -2.93 10.07
N SER A 47 4.99 -4.11 9.85
CA SER A 47 6.37 -4.22 9.38
C SER A 47 6.47 -3.81 7.91
N GLU A 48 5.39 -4.02 7.17
CA GLU A 48 5.36 -3.67 5.75
C GLU A 48 5.15 -2.17 5.57
N PHE A 49 4.52 -1.54 6.54
CA PHE A 49 4.26 -0.11 6.48
C PHE A 49 5.50 0.69 6.86
N SER A 50 5.90 1.60 5.98
CA SER A 50 7.08 2.44 6.22
C SER A 50 6.69 3.89 6.41
N GLY A 51 6.54 4.30 7.66
CA GLY A 51 6.18 5.67 7.96
C GLY A 51 5.70 5.85 9.39
N ASP A 52 4.50 6.36 9.56
CA ASP A 52 3.94 6.59 10.89
C ASP A 52 2.60 5.86 11.05
N VAL A 53 2.65 4.53 10.99
CA VAL A 53 1.43 3.73 11.13
C VAL A 53 0.71 4.04 12.43
N ASP A 54 1.46 4.49 13.43
CA ASP A 54 0.88 4.84 14.72
C ASP A 54 0.14 6.16 14.65
N SER A 55 0.55 7.03 13.74
CA SER A 55 -0.08 8.34 13.58
C SER A 55 -1.31 8.23 12.68
N LEU A 56 -1.31 7.24 11.79
CA LEU A 56 -2.42 7.05 10.88
C LEU A 56 -3.73 6.95 11.63
N GLU A 57 -4.83 7.32 10.96
CA GLU A 57 -6.15 7.28 11.58
C GLU A 57 -7.18 6.73 10.60
N LEU A 58 -8.45 6.76 11.01
CA LEU A 58 -9.54 6.26 10.17
C LEU A 58 -10.01 7.34 9.19
N GLY A 59 -9.88 7.05 7.90
CA GLY A 59 -10.30 8.00 6.88
C GLY A 59 -9.12 8.56 6.09
N ASP A 60 -7.94 8.52 6.70
CA ASP A 60 -6.73 9.03 6.06
C ASP A 60 -6.43 8.24 4.79
N MET A 61 -5.68 8.86 3.88
CA MET A 61 -5.31 8.21 2.62
C MET A 61 -3.92 7.58 2.72
N VAL A 62 -3.71 6.52 1.96
CA VAL A 62 -2.42 5.83 1.95
C VAL A 62 -2.08 5.30 0.57
N GLU A 63 -0.83 4.92 0.38
CA GLU A 63 -0.37 4.40 -0.91
C GLU A 63 0.06 2.94 -0.78
N TYR A 64 -0.39 2.11 -1.71
CA TYR A 64 -0.05 0.69 -1.70
C TYR A 64 -0.02 0.13 -3.13
N SER A 65 0.28 -1.16 -3.23
CA SER A 65 0.34 -1.82 -4.53
C SER A 65 -0.05 -3.30 -4.41
N LEU A 66 -0.30 -3.92 -5.55
CA LEU A 66 -0.68 -5.33 -5.58
C LEU A 66 0.24 -6.13 -6.50
N SER A 67 0.39 -7.42 -6.22
CA SER A 67 1.23 -8.29 -7.02
C SER A 67 0.77 -9.74 -6.94
N LYS A 68 -0.51 -9.96 -7.24
CA LYS A 68 -1.08 -11.30 -7.20
C LYS A 68 -2.15 -11.46 -8.29
N GLY A 69 -2.44 -12.71 -8.65
CA GLY A 69 -3.44 -12.99 -9.66
C GLY A 69 -4.85 -12.72 -9.16
N LYS A 70 -5.82 -13.38 -9.77
CA LYS A 70 -7.21 -13.21 -9.40
C LYS A 70 -7.56 -14.09 -8.20
N GLY A 71 -7.84 -13.46 -7.06
CA GLY A 71 -8.18 -14.20 -5.86
C GLY A 71 -8.77 -13.32 -4.78
N ASN A 72 -9.47 -13.92 -3.83
CA ASN A 72 -10.09 -13.18 -2.74
C ASN A 72 -9.03 -12.77 -1.71
N LYS A 73 -7.96 -13.54 -1.62
CA LYS A 73 -6.88 -13.25 -0.69
C LYS A 73 -5.89 -12.26 -1.29
N VAL A 74 -5.99 -11.00 -0.87
CA VAL A 74 -5.11 -9.95 -1.36
C VAL A 74 -4.44 -9.22 -0.20
N SER A 75 -3.18 -8.81 -0.41
CA SER A 75 -2.43 -8.09 0.61
C SER A 75 -1.55 -7.02 -0.01
N ALA A 76 -1.32 -5.94 0.73
CA ALA A 76 -0.50 -4.84 0.26
C ALA A 76 0.97 -5.05 0.62
N GLU A 77 1.83 -4.21 0.08
CA GLU A 77 3.26 -4.30 0.34
C GLU A 77 3.93 -2.94 0.24
N LYS A 78 4.88 -2.67 1.14
CA LYS A 78 5.59 -1.40 1.15
C LYS A 78 4.62 -0.23 1.19
N VAL A 79 3.68 -0.28 2.14
CA VAL A 79 2.68 0.77 2.28
C VAL A 79 3.30 2.03 2.89
N ASN A 80 2.83 3.20 2.46
CA ASN A 80 3.34 4.46 2.96
C ASN A 80 2.30 5.56 2.79
N LYS A 81 2.27 6.48 3.75
CA LYS A 81 1.33 7.60 3.72
C LYS A 81 1.60 8.50 2.52
N THR A 82 0.54 9.12 2.00
CA THR A 82 0.68 10.01 0.86
C THR A 82 -0.39 11.11 0.88
N SER A 83 -0.01 12.30 0.43
CA SER A 83 -0.93 13.43 0.42
C SER A 83 -1.71 13.48 -0.90
N GLY A 84 -2.79 14.25 -0.91
CA GLY A 84 -3.61 14.37 -2.11
C GLY A 84 -3.89 15.81 -2.47
N PRO A 85 -4.67 16.02 -3.55
CA PRO A 85 -5.04 17.35 -4.02
C PRO A 85 -5.99 18.07 -3.08
N SER A 86 -5.69 19.32 -2.77
CA SER A 86 -6.51 20.12 -1.87
C SER A 86 -6.02 21.56 -1.81
N SER A 87 -6.87 22.45 -1.31
CA SER A 87 -6.53 23.86 -1.20
C SER A 87 -5.27 24.04 -0.36
N GLY A 88 -4.21 24.53 -1.01
CA GLY A 88 -2.96 24.75 -0.30
C GLY A 88 -2.71 26.21 0.00
N GLY A 1 -6.08 -13.42 -45.76
CA GLY A 1 -4.97 -13.78 -44.90
C GLY A 1 -4.34 -12.56 -44.24
N SER A 2 -3.01 -12.59 -44.10
CA SER A 2 -2.30 -11.49 -43.48
C SER A 2 -2.84 -11.19 -42.08
N SER A 3 -2.28 -11.86 -41.08
CA SER A 3 -2.72 -11.66 -39.69
C SER A 3 -1.52 -11.43 -38.78
N GLY A 4 -0.46 -10.88 -39.34
CA GLY A 4 0.74 -10.61 -38.55
C GLY A 4 1.24 -9.19 -38.71
N SER A 5 0.62 -8.26 -37.98
CA SER A 5 1.00 -6.86 -38.05
C SER A 5 1.80 -6.45 -36.82
N SER A 6 2.57 -5.38 -36.95
CA SER A 6 3.39 -4.88 -35.85
C SER A 6 2.80 -3.59 -35.27
N GLY A 7 1.78 -3.75 -34.43
CA GLY A 7 1.15 -2.58 -33.82
C GLY A 7 2.11 -1.78 -32.97
N ARG A 8 2.14 -0.48 -33.18
CA ARG A 8 3.02 0.41 -32.43
C ARG A 8 2.51 0.59 -31.00
N LEU A 9 3.31 0.16 -30.04
CA LEU A 9 2.94 0.27 -28.62
C LEU A 9 3.00 1.73 -28.17
N LEU A 10 2.59 1.97 -26.93
CA LEU A 10 2.60 3.32 -26.37
C LEU A 10 2.24 3.29 -24.88
N GLY A 11 2.97 4.09 -24.10
CA GLY A 11 2.73 4.14 -22.67
C GLY A 11 3.63 3.20 -21.89
N ARG A 12 4.29 3.73 -20.87
CA ARG A 12 5.18 2.92 -20.04
C ARG A 12 4.43 2.31 -18.86
N ASN A 13 4.02 1.06 -19.02
CA ASN A 13 3.29 0.36 -17.97
C ASN A 13 4.06 0.40 -16.66
N SER A 14 5.34 0.04 -16.72
CA SER A 14 6.19 0.02 -15.54
C SER A 14 5.68 -1.00 -14.52
N ASN A 15 6.54 -1.36 -13.58
CA ASN A 15 6.19 -2.32 -12.54
C ASN A 15 5.75 -1.61 -11.26
N SER A 16 4.69 -0.81 -11.37
CA SER A 16 4.17 -0.06 -10.23
C SER A 16 2.74 0.37 -10.47
N LYS A 17 1.79 -0.33 -9.87
CA LYS A 17 0.37 -0.02 -10.01
C LYS A 17 0.06 1.33 -9.42
N ARG A 18 0.64 1.62 -8.26
CA ARG A 18 0.42 2.89 -7.57
C ARG A 18 -1.07 3.15 -7.38
N LEU A 19 -1.64 2.60 -6.30
CA LEU A 19 -3.05 2.78 -6.01
C LEU A 19 -3.24 3.45 -4.65
N LEU A 20 -4.35 4.16 -4.50
CA LEU A 20 -4.66 4.85 -3.26
C LEU A 20 -5.67 4.07 -2.43
N GLY A 21 -5.83 4.46 -1.17
CA GLY A 21 -6.77 3.78 -0.29
C GLY A 21 -7.10 4.59 0.94
N TYR A 22 -8.04 4.09 1.74
CA TYR A 22 -8.45 4.78 2.96
C TYR A 22 -8.50 3.82 4.14
N VAL A 23 -7.92 4.24 5.26
CA VAL A 23 -7.89 3.42 6.47
C VAL A 23 -9.30 3.04 6.91
N ALA A 24 -9.61 1.76 6.90
CA ALA A 24 -10.92 1.27 7.31
C ALA A 24 -10.92 0.86 8.77
N THR A 25 -9.82 0.24 9.22
CA THR A 25 -9.70 -0.21 10.60
C THR A 25 -8.24 -0.27 11.03
N LEU A 26 -7.99 0.04 12.30
CA LEU A 26 -6.63 0.01 12.84
C LEU A 26 -6.56 -0.86 14.09
N LYS A 27 -5.60 -1.76 14.11
CA LYS A 27 -5.41 -2.65 15.26
C LYS A 27 -4.03 -2.47 15.88
N ASP A 28 -3.72 -3.29 16.87
CA ASP A 28 -2.43 -3.21 17.55
C ASP A 28 -1.46 -4.25 16.99
N ASN A 29 -1.48 -4.41 15.67
CA ASN A 29 -0.60 -5.37 15.01
C ASN A 29 -0.67 -5.22 13.49
N PHE A 30 -1.87 -4.97 12.98
CA PHE A 30 -2.07 -4.81 11.55
C PHE A 30 -3.27 -3.91 11.27
N GLY A 31 -3.24 -3.23 10.12
CA GLY A 31 -4.32 -2.35 9.75
C GLY A 31 -5.15 -2.89 8.61
N PHE A 32 -6.17 -2.13 8.21
CA PHE A 32 -7.05 -2.54 7.11
C PHE A 32 -7.32 -1.37 6.17
N ILE A 33 -7.18 -1.63 4.87
CA ILE A 33 -7.41 -0.60 3.86
C ILE A 33 -8.56 -1.00 2.92
N GLU A 34 -9.46 -0.06 2.67
CA GLU A 34 -10.59 -0.32 1.78
C GLU A 34 -10.34 0.27 0.40
N THR A 35 -11.09 -0.21 -0.58
CA THR A 35 -10.95 0.27 -1.95
C THR A 35 -12.10 1.21 -2.32
N ALA A 36 -11.94 1.91 -3.45
CA ALA A 36 -12.97 2.84 -3.92
C ALA A 36 -14.30 2.13 -4.11
N ASN A 37 -14.25 0.82 -4.34
CA ASN A 37 -15.46 0.03 -4.54
C ASN A 37 -15.96 -0.54 -3.22
N HIS A 38 -15.04 -0.69 -2.27
CA HIS A 38 -15.39 -1.23 -0.95
C HIS A 38 -15.97 -2.64 -1.08
N ASP A 39 -15.39 -3.43 -1.98
CA ASP A 39 -15.84 -4.80 -2.20
C ASP A 39 -14.88 -5.80 -1.57
N LYS A 40 -13.61 -5.41 -1.46
CA LYS A 40 -12.60 -6.28 -0.87
C LYS A 40 -11.69 -5.49 0.07
N GLU A 41 -11.30 -6.13 1.18
CA GLU A 41 -10.45 -5.48 2.16
C GLU A 41 -8.99 -5.88 1.95
N ILE A 42 -8.09 -5.04 2.43
CA ILE A 42 -6.65 -5.30 2.29
C ILE A 42 -6.02 -5.60 3.65
N PHE A 43 -5.01 -6.47 3.65
CA PHE A 43 -4.32 -6.83 4.88
C PHE A 43 -2.83 -6.55 4.77
N PHE A 44 -2.36 -5.55 5.52
CA PHE A 44 -0.95 -5.19 5.50
C PHE A 44 -0.35 -5.27 6.91
N HIS A 45 0.90 -5.73 6.98
CA HIS A 45 1.58 -5.86 8.26
C HIS A 45 2.27 -4.56 8.65
N TYR A 46 2.41 -4.33 9.95
CA TYR A 46 3.05 -3.11 10.45
C TYR A 46 4.48 -3.00 9.94
N SER A 47 5.10 -4.14 9.68
CA SER A 47 6.47 -4.17 9.18
C SER A 47 6.54 -3.73 7.73
N GLU A 48 5.47 -3.99 6.99
CA GLU A 48 5.41 -3.63 5.57
C GLU A 48 5.17 -2.13 5.41
N PHE A 49 4.53 -1.53 6.41
CA PHE A 49 4.25 -0.10 6.38
C PHE A 49 5.49 0.72 6.71
N SER A 50 5.82 1.68 5.85
CA SER A 50 6.99 2.52 6.05
C SER A 50 6.57 3.94 6.40
N GLY A 51 6.67 4.30 7.68
CA GLY A 51 6.31 5.62 8.12
C GLY A 51 5.68 5.63 9.50
N ASP A 52 4.67 6.48 9.69
CA ASP A 52 3.98 6.58 10.96
C ASP A 52 2.67 5.78 10.95
N VAL A 53 2.76 4.50 11.27
CA VAL A 53 1.58 3.64 11.29
C VAL A 53 0.87 3.72 12.63
N ASP A 54 1.62 4.04 13.67
CA ASP A 54 1.06 4.15 15.02
C ASP A 54 0.24 5.43 15.16
N SER A 55 0.58 6.44 14.38
CA SER A 55 -0.12 7.72 14.42
C SER A 55 -1.10 7.84 13.26
N LEU A 56 -1.66 6.71 12.85
CA LEU A 56 -2.62 6.68 11.74
C LEU A 56 -4.03 6.94 12.24
N GLU A 57 -4.93 7.28 11.32
CA GLU A 57 -6.32 7.55 11.67
C GLU A 57 -7.26 6.87 10.69
N LEU A 58 -8.56 6.98 10.96
CA LEU A 58 -9.57 6.37 10.10
C LEU A 58 -10.02 7.34 9.00
N GLY A 59 -9.79 6.96 7.75
CA GLY A 59 -10.17 7.80 6.63
C GLY A 59 -8.97 8.39 5.93
N ASP A 60 -7.83 8.44 6.61
CA ASP A 60 -6.61 8.99 6.06
C ASP A 60 -6.26 8.29 4.73
N MET A 61 -5.66 9.04 3.82
CA MET A 61 -5.27 8.51 2.52
C MET A 61 -3.90 7.85 2.59
N VAL A 62 -3.75 6.73 1.89
CA VAL A 62 -2.48 6.00 1.86
C VAL A 62 -2.15 5.51 0.47
N GLU A 63 -0.95 4.96 0.30
CA GLU A 63 -0.51 4.45 -0.99
C GLU A 63 0.06 3.04 -0.86
N TYR A 64 -0.47 2.12 -1.65
CA TYR A 64 -0.01 0.73 -1.60
C TYR A 64 0.10 0.15 -3.02
N SER A 65 0.58 -1.08 -3.11
CA SER A 65 0.74 -1.74 -4.40
C SER A 65 0.30 -3.20 -4.31
N LEU A 66 0.14 -3.84 -5.47
CA LEU A 66 -0.28 -5.23 -5.53
C LEU A 66 0.62 -6.03 -6.48
N SER A 67 0.90 -7.27 -6.12
CA SER A 67 1.74 -8.13 -6.94
C SER A 67 1.23 -9.57 -6.91
N LYS A 68 0.00 -9.77 -7.38
CA LYS A 68 -0.61 -11.09 -7.41
C LYS A 68 -1.88 -11.09 -8.24
N GLY A 69 -2.00 -12.05 -9.15
CA GLY A 69 -3.16 -12.15 -10.00
C GLY A 69 -4.34 -12.78 -9.30
N LYS A 70 -5.20 -13.44 -10.07
CA LYS A 70 -6.39 -14.10 -9.52
C LYS A 70 -7.19 -13.13 -8.66
N GLY A 71 -8.12 -12.42 -9.28
CA GLY A 71 -8.95 -11.48 -8.55
C GLY A 71 -9.83 -12.15 -7.52
N ASN A 72 -9.34 -12.25 -6.29
CA ASN A 72 -10.09 -12.87 -5.21
C ASN A 72 -9.59 -12.41 -3.85
N LYS A 73 -8.32 -12.69 -3.57
CA LYS A 73 -7.71 -12.30 -2.30
C LYS A 73 -6.27 -11.86 -2.50
N VAL A 74 -6.00 -10.58 -2.28
CA VAL A 74 -4.67 -10.03 -2.43
C VAL A 74 -4.32 -9.08 -1.28
N SER A 75 -3.08 -9.14 -0.82
CA SER A 75 -2.62 -8.29 0.28
C SER A 75 -1.79 -7.13 -0.26
N ALA A 76 -1.60 -6.11 0.57
CA ALA A 76 -0.82 -4.94 0.20
C ALA A 76 0.64 -5.12 0.58
N GLU A 77 1.52 -4.36 -0.08
CA GLU A 77 2.94 -4.43 0.21
C GLU A 77 3.59 -3.05 0.09
N LYS A 78 4.47 -2.73 1.04
CA LYS A 78 5.16 -1.45 1.05
C LYS A 78 4.16 -0.30 1.06
N VAL A 79 3.45 -0.15 2.18
CA VAL A 79 2.46 0.91 2.31
C VAL A 79 3.10 2.17 2.90
N ASN A 80 2.66 3.33 2.39
CA ASN A 80 3.18 4.61 2.86
C ASN A 80 2.12 5.70 2.76
N LYS A 81 2.06 6.55 3.77
CA LYS A 81 1.10 7.64 3.80
C LYS A 81 1.33 8.61 2.65
N THR A 82 0.25 9.15 2.10
CA THR A 82 0.34 10.09 0.99
C THR A 82 -0.46 11.35 1.27
N SER A 83 0.16 12.51 1.04
CA SER A 83 -0.51 13.79 1.28
C SER A 83 -1.65 14.00 0.30
N GLY A 84 -1.39 13.71 -0.98
CA GLY A 84 -2.41 13.87 -2.00
C GLY A 84 -2.14 15.06 -2.91
N PRO A 85 -2.85 15.12 -4.04
CA PRO A 85 -2.71 16.20 -5.02
C PRO A 85 -3.25 17.53 -4.49
N SER A 86 -3.19 18.55 -5.33
CA SER A 86 -3.67 19.87 -4.95
C SER A 86 -4.17 20.65 -6.18
N SER A 87 -4.53 21.91 -5.96
CA SER A 87 -5.02 22.76 -7.05
C SER A 87 -6.21 22.11 -7.75
N GLY A 88 -7.28 21.88 -6.98
CA GLY A 88 -8.47 21.26 -7.54
C GLY A 88 -8.65 19.83 -7.09
N GLY A 1 18.94 2.24 2.65
CA GLY A 1 20.06 1.61 1.98
C GLY A 1 19.67 1.03 0.64
N SER A 2 19.94 1.77 -0.44
CA SER A 2 19.61 1.32 -1.79
C SER A 2 20.30 -0.01 -2.11
N SER A 3 21.50 -0.18 -1.55
CA SER A 3 22.27 -1.39 -1.78
C SER A 3 22.49 -1.64 -3.27
N GLY A 4 23.13 -2.75 -3.60
CA GLY A 4 23.39 -3.09 -4.99
C GLY A 4 24.83 -3.48 -5.24
N SER A 5 25.02 -4.48 -6.08
CA SER A 5 26.37 -4.95 -6.39
C SER A 5 26.99 -4.13 -7.53
N SER A 6 28.31 -4.17 -7.62
CA SER A 6 29.03 -3.42 -8.65
C SER A 6 28.82 -4.05 -10.02
N GLY A 7 27.94 -3.46 -10.81
CA GLY A 7 27.66 -3.97 -12.14
C GLY A 7 26.52 -3.25 -12.81
N ARG A 8 25.66 -4.00 -13.51
CA ARG A 8 24.52 -3.42 -14.21
C ARG A 8 23.34 -4.38 -14.23
N LEU A 9 22.14 -3.85 -14.44
CA LEU A 9 20.94 -4.66 -14.48
C LEU A 9 20.02 -4.21 -15.62
N LEU A 10 19.78 -5.12 -16.57
CA LEU A 10 18.91 -4.82 -17.71
C LEU A 10 17.65 -5.66 -17.66
N GLY A 11 16.50 -4.99 -17.56
CA GLY A 11 15.23 -5.69 -17.50
C GLY A 11 14.10 -4.82 -17.01
N ARG A 12 12.99 -5.44 -16.63
CA ARG A 12 11.83 -4.71 -16.13
C ARG A 12 12.16 -3.99 -14.83
N ASN A 13 12.19 -2.67 -14.88
CA ASN A 13 12.49 -1.86 -13.69
C ASN A 13 11.21 -1.33 -13.06
N SER A 14 11.14 -1.41 -11.73
CA SER A 14 9.97 -0.95 -11.00
C SER A 14 8.71 -1.68 -11.46
N ASN A 15 7.57 -1.26 -10.95
CA ASN A 15 6.29 -1.86 -11.31
C ASN A 15 5.42 -0.89 -12.10
N SER A 16 5.63 0.40 -11.85
CA SER A 16 4.86 1.44 -12.54
C SER A 16 3.37 1.32 -12.21
N LYS A 17 3.07 0.99 -10.96
CA LYS A 17 1.69 0.85 -10.51
C LYS A 17 1.52 1.37 -9.08
N ARG A 18 0.55 2.26 -8.90
CA ARG A 18 0.29 2.83 -7.58
C ARG A 18 -1.21 3.01 -7.36
N LEU A 19 -1.71 2.46 -6.26
CA LEU A 19 -3.13 2.57 -5.93
C LEU A 19 -3.33 3.32 -4.62
N LEU A 20 -4.51 3.91 -4.47
CA LEU A 20 -4.84 4.67 -3.26
C LEU A 20 -6.05 4.07 -2.55
N GLY A 21 -6.16 4.33 -1.26
CA GLY A 21 -7.28 3.83 -0.48
C GLY A 21 -7.54 4.62 0.77
N TYR A 22 -8.34 4.07 1.67
CA TYR A 22 -8.67 4.75 2.92
C TYR A 22 -8.64 3.78 4.10
N VAL A 23 -7.90 4.16 5.14
CA VAL A 23 -7.78 3.32 6.33
C VAL A 23 -9.15 2.93 6.87
N ALA A 24 -9.42 1.63 6.87
CA ALA A 24 -10.70 1.13 7.37
C ALA A 24 -10.63 0.79 8.86
N THR A 25 -9.52 0.18 9.27
CA THR A 25 -9.32 -0.18 10.66
C THR A 25 -7.83 -0.27 11.00
N LEU A 26 -7.49 0.18 12.20
CA LEU A 26 -6.10 0.16 12.65
C LEU A 26 -5.97 -0.55 13.99
N LYS A 27 -5.41 -1.76 13.95
CA LYS A 27 -5.22 -2.55 15.16
C LYS A 27 -3.86 -2.29 15.78
N ASP A 28 -3.49 -3.10 16.77
CA ASP A 28 -2.21 -2.95 17.44
C ASP A 28 -1.18 -3.92 16.87
N ASN A 29 -1.20 -4.07 15.54
CA ASN A 29 -0.27 -4.97 14.87
C ASN A 29 -0.43 -4.89 13.36
N PHE A 30 -1.68 -4.76 12.91
CA PHE A 30 -1.98 -4.67 11.49
C PHE A 30 -3.21 -3.81 11.24
N GLY A 31 -3.41 -3.40 9.99
CA GLY A 31 -4.55 -2.57 9.65
C GLY A 31 -5.26 -3.06 8.40
N PHE A 32 -6.32 -2.36 8.02
CA PHE A 32 -7.09 -2.72 6.83
C PHE A 32 -7.39 -1.49 5.98
N ILE A 33 -7.56 -1.71 4.68
CA ILE A 33 -7.84 -0.63 3.75
C ILE A 33 -9.13 -0.88 2.99
N GLU A 34 -9.94 0.16 2.82
CA GLU A 34 -11.21 0.06 2.11
C GLU A 34 -11.12 0.69 0.73
N THR A 35 -11.23 -0.12 -0.30
CA THR A 35 -11.16 0.35 -1.68
C THR A 35 -12.31 1.31 -1.99
N ALA A 36 -12.18 2.02 -3.10
CA ALA A 36 -13.22 2.97 -3.51
C ALA A 36 -14.54 2.26 -3.76
N ASN A 37 -14.47 1.03 -4.25
CA ASN A 37 -15.67 0.26 -4.53
C ASN A 37 -16.34 -0.20 -3.24
N HIS A 38 -15.56 -0.28 -2.17
CA HIS A 38 -16.07 -0.71 -0.87
C HIS A 38 -16.59 -2.14 -0.93
N ASP A 39 -15.92 -2.98 -1.72
CA ASP A 39 -16.30 -4.37 -1.86
C ASP A 39 -15.20 -5.30 -1.38
N LYS A 40 -13.95 -4.85 -1.54
CA LYS A 40 -12.80 -5.64 -1.12
C LYS A 40 -11.93 -4.85 -0.14
N GLU A 41 -11.10 -5.57 0.62
CA GLU A 41 -10.21 -4.93 1.59
C GLU A 41 -8.77 -5.37 1.37
N ILE A 42 -7.85 -4.73 2.09
CA ILE A 42 -6.43 -5.06 1.97
C ILE A 42 -5.83 -5.34 3.34
N PHE A 43 -4.81 -6.20 3.36
CA PHE A 43 -4.15 -6.57 4.61
C PHE A 43 -2.67 -6.15 4.57
N PHE A 44 -2.26 -5.38 5.57
CA PHE A 44 -0.89 -4.92 5.66
C PHE A 44 -0.37 -4.99 7.09
N HIS A 45 0.89 -5.37 7.25
CA HIS A 45 1.50 -5.49 8.57
C HIS A 45 2.23 -4.20 8.94
N TYR A 46 2.26 -3.90 10.24
CA TYR A 46 2.92 -2.69 10.73
C TYR A 46 4.35 -2.62 10.22
N SER A 47 5.02 -3.76 10.19
CA SER A 47 6.41 -3.84 9.74
C SER A 47 6.51 -3.48 8.26
N GLU A 48 5.45 -3.78 7.51
CA GLU A 48 5.42 -3.50 6.07
C GLU A 48 5.21 -2.01 5.82
N PHE A 49 4.54 -1.35 6.76
CA PHE A 49 4.26 0.08 6.63
C PHE A 49 5.50 0.91 6.97
N SER A 50 5.93 1.73 6.02
CA SER A 50 7.11 2.57 6.20
C SER A 50 6.70 4.01 6.50
N GLY A 51 6.98 4.45 7.73
CA GLY A 51 6.64 5.81 8.13
C GLY A 51 5.95 5.86 9.48
N ASP A 52 4.91 6.69 9.58
CA ASP A 52 4.17 6.83 10.82
C ASP A 52 2.85 6.07 10.76
N VAL A 53 2.91 4.78 11.10
CA VAL A 53 1.72 3.93 11.08
C VAL A 53 0.82 4.22 12.27
N ASP A 54 1.42 4.72 13.35
CA ASP A 54 0.68 5.04 14.56
C ASP A 54 -0.11 6.33 14.39
N SER A 55 0.55 7.35 13.83
CA SER A 55 -0.10 8.64 13.62
C SER A 55 -1.33 8.50 12.73
N LEU A 56 -1.32 7.48 11.87
CA LEU A 56 -2.43 7.23 10.97
C LEU A 56 -3.75 7.13 11.74
N GLU A 57 -4.85 7.36 11.04
CA GLU A 57 -6.17 7.30 11.66
C GLU A 57 -7.21 6.77 10.68
N LEU A 58 -8.47 6.78 11.09
CA LEU A 58 -9.56 6.29 10.25
C LEU A 58 -9.96 7.34 9.21
N GLY A 59 -9.85 6.98 7.94
CA GLY A 59 -10.21 7.89 6.88
C GLY A 59 -9.00 8.38 6.11
N ASP A 60 -7.85 8.43 6.77
CA ASP A 60 -6.61 8.88 6.14
C ASP A 60 -6.34 8.10 4.86
N MET A 61 -5.59 8.73 3.95
CA MET A 61 -5.26 8.08 2.68
C MET A 61 -3.90 7.41 2.76
N VAL A 62 -3.75 6.29 2.05
CA VAL A 62 -2.51 5.55 2.04
C VAL A 62 -2.25 4.94 0.66
N GLU A 63 -0.97 4.87 0.29
CA GLU A 63 -0.58 4.31 -1.01
C GLU A 63 -0.06 2.88 -0.85
N TYR A 64 -0.46 2.00 -1.75
CA TYR A 64 -0.04 0.61 -1.71
C TYR A 64 -0.10 -0.02 -3.10
N SER A 65 0.39 -1.25 -3.20
CA SER A 65 0.39 -1.97 -4.47
C SER A 65 -0.03 -3.42 -4.28
N LEU A 66 -0.20 -4.13 -5.39
CA LEU A 66 -0.62 -5.53 -5.35
C LEU A 66 0.23 -6.38 -6.29
N SER A 67 0.38 -7.65 -5.96
CA SER A 67 1.17 -8.56 -6.79
C SER A 67 0.31 -9.72 -7.29
N LYS A 68 0.93 -10.65 -8.02
CA LYS A 68 0.23 -11.80 -8.56
C LYS A 68 0.26 -12.96 -7.57
N GLY A 69 -0.88 -13.62 -7.41
CA GLY A 69 -0.96 -14.75 -6.49
C GLY A 69 -2.31 -14.84 -5.82
N LYS A 70 -2.73 -16.07 -5.49
CA LYS A 70 -4.01 -16.30 -4.83
C LYS A 70 -3.80 -16.88 -3.43
N GLY A 71 -2.72 -16.49 -2.79
CA GLY A 71 -2.43 -16.98 -1.45
C GLY A 71 -3.27 -16.30 -0.39
N ASN A 72 -4.49 -16.80 -0.20
CA ASN A 72 -5.41 -16.24 0.78
C ASN A 72 -5.66 -14.76 0.51
N LYS A 73 -6.37 -14.47 -0.58
CA LYS A 73 -6.68 -13.11 -0.95
C LYS A 73 -5.41 -12.30 -1.23
N VAL A 74 -5.58 -11.04 -1.59
CA VAL A 74 -4.44 -10.17 -1.87
C VAL A 74 -4.17 -9.22 -0.70
N SER A 75 -2.89 -8.93 -0.49
CA SER A 75 -2.49 -8.04 0.59
C SER A 75 -1.63 -6.89 0.07
N ALA A 76 -1.41 -5.89 0.92
CA ALA A 76 -0.61 -4.73 0.54
C ALA A 76 0.87 -4.96 0.86
N GLU A 77 1.74 -4.28 0.13
CA GLU A 77 3.18 -4.41 0.34
C GLU A 77 3.87 -3.04 0.30
N LYS A 78 4.64 -2.75 1.34
CA LYS A 78 5.35 -1.47 1.41
C LYS A 78 4.38 -0.30 1.39
N VAL A 79 3.54 -0.22 2.41
CA VAL A 79 2.56 0.86 2.52
C VAL A 79 3.17 2.11 3.13
N ASN A 80 2.80 3.27 2.60
CA ASN A 80 3.32 4.53 3.10
C ASN A 80 2.26 5.64 2.99
N LYS A 81 2.21 6.50 3.99
CA LYS A 81 1.25 7.60 4.01
C LYS A 81 1.45 8.52 2.80
N THR A 82 0.38 9.17 2.37
CA THR A 82 0.44 10.08 1.23
C THR A 82 -0.65 11.13 1.31
N SER A 83 -0.26 12.39 1.17
CA SER A 83 -1.21 13.50 1.23
C SER A 83 -1.09 14.39 -0.01
N GLY A 84 -1.81 14.04 -1.06
CA GLY A 84 -1.75 14.82 -2.29
C GLY A 84 -1.68 13.95 -3.53
N PRO A 85 -1.89 14.57 -4.70
CA PRO A 85 -1.85 13.86 -5.98
C PRO A 85 -0.43 13.41 -6.36
N SER A 86 -0.33 12.74 -7.50
CA SER A 86 0.96 12.25 -7.97
C SER A 86 1.58 11.28 -6.96
N SER A 87 2.79 10.81 -7.26
CA SER A 87 3.48 9.88 -6.38
C SER A 87 4.51 10.60 -5.53
N GLY A 88 4.37 10.46 -4.20
CA GLY A 88 5.30 11.12 -3.29
C GLY A 88 6.17 10.12 -2.55
N GLY A 1 18.12 12.40 3.52
CA GLY A 1 16.68 12.54 3.68
C GLY A 1 16.24 13.99 3.66
N SER A 2 15.93 14.50 2.47
CA SER A 2 15.48 15.88 2.32
C SER A 2 13.98 15.95 2.14
N SER A 3 13.42 17.15 2.31
CA SER A 3 11.99 17.35 2.18
C SER A 3 11.66 18.12 0.89
N GLY A 4 10.38 18.32 0.64
CA GLY A 4 9.96 19.04 -0.55
C GLY A 4 9.44 18.11 -1.64
N SER A 5 10.34 17.31 -2.21
CA SER A 5 9.97 16.37 -3.26
C SER A 5 10.52 14.98 -2.97
N SER A 6 9.72 13.96 -3.28
CA SER A 6 10.11 12.58 -3.05
C SER A 6 10.78 11.99 -4.30
N GLY A 7 11.88 11.27 -4.09
CA GLY A 7 12.59 10.67 -5.20
C GLY A 7 12.40 9.17 -5.26
N ARG A 8 12.40 8.62 -6.47
CA ARG A 8 12.22 7.19 -6.67
C ARG A 8 13.39 6.41 -6.06
N LEU A 9 13.09 5.28 -5.44
CA LEU A 9 14.11 4.44 -4.83
C LEU A 9 14.56 3.33 -5.77
N LEU A 10 15.60 2.61 -5.38
CA LEU A 10 16.13 1.52 -6.20
C LEU A 10 15.47 0.19 -5.82
N GLY A 11 14.61 -0.31 -6.69
CA GLY A 11 13.93 -1.57 -6.44
C GLY A 11 13.02 -1.99 -7.58
N ARG A 12 13.51 -1.84 -8.80
CA ARG A 12 12.73 -2.20 -9.98
C ARG A 12 11.41 -1.47 -10.01
N ASN A 13 11.41 -0.25 -10.53
CA ASN A 13 10.20 0.57 -10.61
C ASN A 13 10.11 1.25 -11.97
N SER A 14 9.41 0.62 -12.90
CA SER A 14 9.25 1.16 -14.24
C SER A 14 7.77 1.44 -14.53
N ASN A 15 6.92 0.48 -14.18
CA ASN A 15 5.49 0.62 -14.41
C ASN A 15 4.94 1.85 -13.69
N SER A 16 5.41 2.07 -12.46
CA SER A 16 4.96 3.21 -11.67
C SER A 16 3.47 3.12 -11.37
N LYS A 17 3.09 2.06 -10.67
CA LYS A 17 1.68 1.84 -10.31
C LYS A 17 1.39 2.43 -8.93
N ARG A 18 0.52 3.43 -8.90
CA ARG A 18 0.15 4.08 -7.64
C ARG A 18 -1.35 3.95 -7.40
N LEU A 19 -1.72 3.51 -6.19
CA LEU A 19 -3.11 3.34 -5.83
C LEU A 19 -3.37 3.81 -4.40
N LEU A 20 -4.31 4.73 -4.24
CA LEU A 20 -4.65 5.26 -2.92
C LEU A 20 -5.84 4.50 -2.32
N GLY A 21 -5.98 4.59 -1.00
CA GLY A 21 -7.07 3.92 -0.33
C GLY A 21 -7.53 4.66 0.92
N TYR A 22 -8.26 3.97 1.78
CA TYR A 22 -8.78 4.57 3.00
C TYR A 22 -8.64 3.61 4.18
N VAL A 23 -8.04 4.10 5.27
CA VAL A 23 -7.85 3.29 6.46
C VAL A 23 -9.18 2.77 6.99
N ALA A 24 -9.47 1.50 6.69
CA ALA A 24 -10.71 0.88 7.14
C ALA A 24 -10.68 0.64 8.64
N THR A 25 -9.69 -0.11 9.10
CA THR A 25 -9.56 -0.43 10.51
C THR A 25 -8.10 -0.36 10.96
N LEU A 26 -7.88 0.08 12.19
CA LEU A 26 -6.53 0.19 12.75
C LEU A 26 -6.42 -0.54 14.08
N LYS A 27 -5.69 -1.65 14.07
CA LYS A 27 -5.50 -2.45 15.27
C LYS A 27 -4.14 -2.17 15.90
N ASP A 28 -3.81 -2.91 16.96
CA ASP A 28 -2.54 -2.73 17.65
C ASP A 28 -1.51 -3.75 17.15
N ASN A 29 -1.49 -3.97 15.84
CA ASN A 29 -0.56 -4.91 15.24
C ASN A 29 -0.65 -4.88 13.72
N PHE A 30 -1.87 -4.78 13.21
CA PHE A 30 -2.09 -4.73 11.76
C PHE A 30 -3.26 -3.80 11.43
N GLY A 31 -3.31 -3.38 10.16
CA GLY A 31 -4.37 -2.48 9.74
C GLY A 31 -5.06 -2.97 8.48
N PHE A 32 -6.04 -2.20 8.00
CA PHE A 32 -6.79 -2.56 6.81
C PHE A 32 -7.03 -1.34 5.93
N ILE A 33 -7.34 -1.58 4.66
CA ILE A 33 -7.58 -0.51 3.71
C ILE A 33 -8.83 -0.79 2.86
N GLU A 34 -9.85 0.05 3.01
CA GLU A 34 -11.08 -0.11 2.25
C GLU A 34 -10.99 0.58 0.90
N THR A 35 -11.22 -0.19 -0.16
CA THR A 35 -11.15 0.35 -1.52
C THR A 35 -12.28 1.35 -1.76
N ALA A 36 -12.02 2.33 -2.63
CA ALA A 36 -13.02 3.35 -2.95
C ALA A 36 -14.31 2.70 -3.46
N ASN A 37 -14.16 1.64 -4.24
CA ASN A 37 -15.32 0.94 -4.79
C ASN A 37 -16.07 0.19 -3.70
N HIS A 38 -15.38 -0.13 -2.61
CA HIS A 38 -15.98 -0.85 -1.50
C HIS A 38 -16.46 -2.23 -1.93
N ASP A 39 -15.65 -3.25 -1.66
CA ASP A 39 -15.99 -4.61 -2.03
C ASP A 39 -14.94 -5.59 -1.51
N LYS A 40 -13.68 -5.18 -1.57
CA LYS A 40 -12.58 -6.02 -1.12
C LYS A 40 -11.73 -5.29 -0.08
N GLU A 41 -11.27 -6.03 0.92
CA GLU A 41 -10.45 -5.45 1.98
C GLU A 41 -8.97 -5.79 1.77
N ILE A 42 -8.10 -5.01 2.39
CA ILE A 42 -6.66 -5.23 2.28
C ILE A 42 -6.03 -5.50 3.65
N PHE A 43 -4.96 -6.29 3.66
CA PHE A 43 -4.28 -6.63 4.89
C PHE A 43 -2.79 -6.30 4.79
N PHE A 44 -2.34 -5.36 5.60
CA PHE A 44 -0.94 -4.95 5.61
C PHE A 44 -0.37 -4.93 7.03
N HIS A 45 0.81 -5.51 7.20
CA HIS A 45 1.45 -5.55 8.51
C HIS A 45 2.13 -4.22 8.83
N TYR A 46 2.25 -3.91 10.11
CA TYR A 46 2.88 -2.67 10.54
C TYR A 46 4.34 -2.60 10.06
N SER A 47 5.01 -3.74 10.11
CA SER A 47 6.41 -3.82 9.69
C SER A 47 6.55 -3.43 8.22
N GLU A 48 5.53 -3.73 7.43
CA GLU A 48 5.54 -3.41 6.00
C GLU A 48 5.34 -1.91 5.78
N PHE A 49 4.66 -1.27 6.73
CA PHE A 49 4.40 0.17 6.63
C PHE A 49 5.64 0.97 6.97
N SER A 50 5.81 2.10 6.30
CA SER A 50 6.97 2.97 6.53
C SER A 50 6.53 4.37 6.94
N GLY A 51 6.57 4.63 8.24
CA GLY A 51 6.17 5.93 8.75
C GLY A 51 5.47 5.85 10.08
N ASP A 52 4.83 6.94 10.50
CA ASP A 52 4.11 6.98 11.77
C ASP A 52 2.79 6.23 11.67
N VAL A 53 2.87 4.90 11.61
CA VAL A 53 1.68 4.07 11.52
C VAL A 53 0.85 4.15 12.80
N ASP A 54 1.51 4.43 13.90
CA ASP A 54 0.84 4.53 15.19
C ASP A 54 0.06 5.84 15.30
N SER A 55 0.54 6.87 14.60
CA SER A 55 -0.10 8.18 14.62
C SER A 55 -1.02 8.34 13.40
N LEU A 56 -1.56 7.23 12.92
CA LEU A 56 -2.45 7.26 11.77
C LEU A 56 -3.89 7.52 12.20
N GLU A 57 -4.72 7.91 11.23
CA GLU A 57 -6.13 8.19 11.51
C GLU A 57 -7.03 7.50 10.49
N LEU A 58 -8.30 7.32 10.86
CA LEU A 58 -9.26 6.68 9.98
C LEU A 58 -9.71 7.64 8.88
N GLY A 59 -9.55 7.20 7.63
CA GLY A 59 -9.95 8.03 6.51
C GLY A 59 -8.77 8.56 5.73
N ASP A 60 -7.61 8.59 6.37
CA ASP A 60 -6.39 9.08 5.73
C ASP A 60 -6.06 8.25 4.49
N MET A 61 -5.55 8.92 3.46
CA MET A 61 -5.19 8.25 2.21
C MET A 61 -3.84 7.56 2.34
N VAL A 62 -3.74 6.34 1.81
CA VAL A 62 -2.50 5.58 1.86
C VAL A 62 -2.19 4.94 0.51
N GLU A 63 -0.92 4.98 0.13
CA GLU A 63 -0.49 4.40 -1.15
C GLU A 63 0.14 3.03 -0.93
N TYR A 64 -0.28 2.06 -1.74
CA TYR A 64 0.25 0.71 -1.65
C TYR A 64 0.30 0.04 -3.01
N SER A 65 0.78 -1.19 -3.06
CA SER A 65 0.88 -1.95 -4.30
C SER A 65 0.35 -3.36 -4.12
N LEU A 66 0.04 -4.02 -5.25
CA LEU A 66 -0.47 -5.38 -5.21
C LEU A 66 0.39 -6.32 -6.06
N SER A 67 0.78 -7.45 -5.48
CA SER A 67 1.61 -8.42 -6.17
C SER A 67 0.88 -9.75 -6.33
N LYS A 68 -0.34 -9.69 -6.86
CA LYS A 68 -1.14 -10.88 -7.06
C LYS A 68 -2.08 -10.72 -8.25
N GLY A 69 -2.99 -9.74 -8.15
CA GLY A 69 -3.93 -9.49 -9.22
C GLY A 69 -5.35 -9.85 -8.84
N LYS A 70 -5.60 -11.13 -8.64
CA LYS A 70 -6.93 -11.61 -8.26
C LYS A 70 -6.86 -12.95 -7.55
N GLY A 71 -7.12 -12.94 -6.25
CA GLY A 71 -7.08 -14.17 -5.47
C GLY A 71 -7.96 -14.11 -4.24
N ASN A 72 -8.29 -15.26 -3.68
CA ASN A 72 -9.13 -15.34 -2.50
C ASN A 72 -8.57 -14.45 -1.38
N LYS A 73 -7.26 -14.52 -1.18
CA LYS A 73 -6.61 -13.72 -0.14
C LYS A 73 -5.52 -12.84 -0.75
N VAL A 74 -5.80 -11.54 -0.86
CA VAL A 74 -4.85 -10.60 -1.42
C VAL A 74 -4.47 -9.53 -0.40
N SER A 75 -3.18 -9.35 -0.18
CA SER A 75 -2.69 -8.37 0.78
C SER A 75 -1.87 -7.28 0.08
N ALA A 76 -1.48 -6.26 0.83
CA ALA A 76 -0.69 -5.17 0.27
C ALA A 76 0.78 -5.32 0.63
N GLU A 77 1.63 -4.56 -0.06
CA GLU A 77 3.07 -4.62 0.18
C GLU A 77 3.69 -3.22 0.12
N LYS A 78 4.59 -2.94 1.06
CA LYS A 78 5.25 -1.65 1.13
C LYS A 78 4.23 -0.51 1.13
N VAL A 79 3.60 -0.29 2.27
CA VAL A 79 2.60 0.76 2.41
C VAL A 79 3.23 2.05 2.93
N ASN A 80 2.69 3.18 2.51
CA ASN A 80 3.20 4.49 2.93
C ASN A 80 2.17 5.59 2.65
N LYS A 81 1.96 6.45 3.64
CA LYS A 81 1.02 7.55 3.50
C LYS A 81 1.32 8.37 2.25
N THR A 82 0.31 9.12 1.79
CA THR A 82 0.47 9.95 0.60
C THR A 82 -0.32 11.25 0.72
N SER A 83 0.29 12.34 0.28
CA SER A 83 -0.35 13.65 0.35
C SER A 83 -0.80 13.97 1.78
N GLY A 84 0.12 14.50 2.57
CA GLY A 84 -0.19 14.84 3.95
C GLY A 84 0.91 15.62 4.63
N PRO A 85 0.68 16.01 5.89
CA PRO A 85 1.66 16.78 6.67
C PRO A 85 2.88 15.95 7.04
N SER A 86 3.89 16.62 7.60
CA SER A 86 5.12 15.94 8.00
C SER A 86 5.64 16.51 9.32
N SER A 87 6.08 17.76 9.28
CA SER A 87 6.61 18.43 10.47
C SER A 87 6.55 19.94 10.32
N GLY A 88 5.92 20.60 11.29
CA GLY A 88 5.81 22.04 11.26
C GLY A 88 7.03 22.74 11.80
N GLY A 1 3.71 -25.77 -4.05
CA GLY A 1 4.47 -26.48 -3.04
C GLY A 1 5.61 -25.65 -2.48
N SER A 2 5.44 -24.33 -2.49
CA SER A 2 6.46 -23.42 -1.98
C SER A 2 6.67 -23.62 -0.48
N SER A 3 7.93 -23.81 -0.09
CA SER A 3 8.26 -24.03 1.32
C SER A 3 8.93 -22.78 1.89
N GLY A 4 10.15 -22.51 1.44
CA GLY A 4 10.89 -21.35 1.93
C GLY A 4 11.89 -20.83 0.93
N SER A 5 12.47 -19.67 1.21
CA SER A 5 13.45 -19.06 0.32
C SER A 5 14.87 -19.42 0.75
N SER A 6 15.83 -19.13 -0.13
CA SER A 6 17.23 -19.42 0.16
C SER A 6 18.02 -18.14 0.37
N GLY A 7 17.81 -17.16 -0.52
CA GLY A 7 18.52 -15.90 -0.40
C GLY A 7 18.07 -14.90 -1.45
N ARG A 8 17.60 -13.74 -0.99
CA ARG A 8 17.13 -12.69 -1.90
C ARG A 8 18.02 -11.46 -1.81
N LEU A 9 17.95 -10.62 -2.83
CA LEU A 9 18.76 -9.40 -2.87
C LEU A 9 17.89 -8.18 -3.15
N LEU A 10 18.53 -7.02 -3.27
CA LEU A 10 17.82 -5.77 -3.53
C LEU A 10 17.68 -5.53 -5.03
N GLY A 11 16.45 -5.50 -5.51
CA GLY A 11 16.21 -5.27 -6.93
C GLY A 11 14.75 -5.00 -7.23
N ARG A 12 14.32 -3.75 -7.02
CA ARG A 12 12.94 -3.37 -7.27
C ARG A 12 12.70 -3.15 -8.77
N ASN A 13 12.80 -4.23 -9.54
CA ASN A 13 12.60 -4.16 -10.98
C ASN A 13 11.23 -4.72 -11.37
N SER A 14 10.22 -3.86 -11.31
CA SER A 14 8.86 -4.28 -11.65
C SER A 14 8.15 -3.18 -12.45
N ASN A 15 6.86 -3.38 -12.68
CA ASN A 15 6.06 -2.42 -13.44
C ASN A 15 5.47 -1.36 -12.51
N SER A 16 4.99 -0.26 -13.09
CA SER A 16 4.41 0.83 -12.32
C SER A 16 2.93 0.56 -12.03
N LYS A 17 2.51 0.87 -10.81
CA LYS A 17 1.11 0.66 -10.41
C LYS A 17 0.86 1.25 -9.03
N ARG A 18 0.41 2.51 -9.01
CA ARG A 18 0.13 3.19 -7.76
C ARG A 18 -1.38 3.18 -7.46
N LEU A 19 -1.73 2.82 -6.24
CA LEU A 19 -3.13 2.76 -5.83
C LEU A 19 -3.36 3.57 -4.55
N LEU A 20 -4.62 3.89 -4.28
CA LEU A 20 -4.98 4.66 -3.10
C LEU A 20 -6.19 4.05 -2.39
N GLY A 21 -6.27 4.26 -1.08
CA GLY A 21 -7.38 3.73 -0.31
C GLY A 21 -7.70 4.56 0.91
N TYR A 22 -8.31 3.95 1.90
CA TYR A 22 -8.68 4.65 3.13
C TYR A 22 -8.58 3.73 4.34
N VAL A 23 -7.96 4.22 5.40
CA VAL A 23 -7.80 3.45 6.63
C VAL A 23 -9.15 3.10 7.25
N ALA A 24 -9.58 1.87 7.04
CA ALA A 24 -10.86 1.41 7.58
C ALA A 24 -10.72 0.98 9.03
N THR A 25 -9.76 0.09 9.28
CA THR A 25 -9.52 -0.41 10.63
C THR A 25 -8.04 -0.34 10.99
N LEU A 26 -7.75 0.13 12.20
CA LEU A 26 -6.37 0.24 12.66
C LEU A 26 -6.18 -0.44 14.01
N LYS A 27 -5.41 -1.52 14.01
CA LYS A 27 -5.15 -2.27 15.23
C LYS A 27 -3.72 -2.06 15.72
N ASP A 28 -3.36 -2.71 16.81
CA ASP A 28 -2.02 -2.59 17.37
C ASP A 28 -1.11 -3.67 16.82
N ASN A 29 -1.12 -3.84 15.51
CA ASN A 29 -0.29 -4.85 14.85
C ASN A 29 -0.48 -4.82 13.34
N PHE A 30 -1.71 -4.54 12.91
CA PHE A 30 -2.02 -4.48 11.48
C PHE A 30 -3.24 -3.59 11.24
N GLY A 31 -3.47 -3.26 9.98
CA GLY A 31 -4.61 -2.43 9.62
C GLY A 31 -5.39 -2.97 8.45
N PHE A 32 -6.32 -2.16 7.93
CA PHE A 32 -7.14 -2.58 6.81
C PHE A 32 -7.45 -1.39 5.90
N ILE A 33 -7.43 -1.63 4.60
CA ILE A 33 -7.70 -0.59 3.62
C ILE A 33 -8.92 -0.93 2.77
N GLU A 34 -9.95 -0.07 2.82
CA GLU A 34 -11.17 -0.29 2.06
C GLU A 34 -11.12 0.47 0.73
N THR A 35 -11.19 -0.26 -0.37
CA THR A 35 -11.16 0.35 -1.69
C THR A 35 -12.38 1.23 -1.92
N ALA A 36 -12.33 2.04 -2.98
CA ALA A 36 -13.43 2.94 -3.30
C ALA A 36 -14.73 2.17 -3.50
N ASN A 37 -14.62 0.93 -3.98
CA ASN A 37 -15.78 0.09 -4.22
C ASN A 37 -16.38 -0.39 -2.90
N HIS A 38 -15.54 -0.44 -1.87
CA HIS A 38 -15.99 -0.88 -0.55
C HIS A 38 -16.47 -2.33 -0.59
N ASP A 39 -15.87 -3.11 -1.49
CA ASP A 39 -16.23 -4.52 -1.63
C ASP A 39 -15.10 -5.43 -1.16
N LYS A 40 -13.87 -4.98 -1.35
CA LYS A 40 -12.70 -5.74 -0.96
C LYS A 40 -11.80 -4.94 -0.04
N GLU A 41 -11.06 -5.62 0.84
CA GLU A 41 -10.15 -4.95 1.76
C GLU A 41 -8.72 -5.46 1.58
N ILE A 42 -7.76 -4.68 2.07
CA ILE A 42 -6.35 -5.04 1.97
C ILE A 42 -5.75 -5.31 3.34
N PHE A 43 -4.86 -6.29 3.41
CA PHE A 43 -4.21 -6.65 4.66
C PHE A 43 -2.73 -6.29 4.62
N PHE A 44 -2.31 -5.41 5.52
CA PHE A 44 -0.92 -4.98 5.59
C PHE A 44 -0.40 -5.05 7.03
N HIS A 45 0.80 -5.60 7.18
CA HIS A 45 1.41 -5.73 8.51
C HIS A 45 2.21 -4.47 8.86
N TYR A 46 2.32 -4.19 10.15
CA TYR A 46 3.06 -3.01 10.62
C TYR A 46 4.48 -3.01 10.06
N SER A 47 5.03 -4.20 9.86
CA SER A 47 6.39 -4.34 9.34
C SER A 47 6.45 -3.94 7.87
N GLU A 48 5.36 -4.18 7.15
CA GLU A 48 5.29 -3.84 5.73
C GLU A 48 5.11 -2.33 5.54
N PHE A 49 4.53 -1.69 6.54
CA PHE A 49 4.30 -0.24 6.49
C PHE A 49 5.60 0.52 6.76
N SER A 50 6.03 1.32 5.79
CA SER A 50 7.25 2.10 5.92
C SER A 50 6.93 3.57 6.19
N GLY A 51 7.04 3.98 7.45
CA GLY A 51 6.77 5.35 7.81
C GLY A 51 6.08 5.46 9.16
N ASP A 52 5.04 6.29 9.22
CA ASP A 52 4.30 6.49 10.46
C ASP A 52 2.99 5.72 10.44
N VAL A 53 3.00 4.54 11.03
CA VAL A 53 1.81 3.69 11.09
C VAL A 53 0.98 3.98 12.33
N ASP A 54 1.66 4.44 13.38
CA ASP A 54 0.99 4.76 14.65
C ASP A 54 0.27 6.10 14.55
N SER A 55 0.85 7.02 13.79
CA SER A 55 0.28 8.36 13.62
C SER A 55 -0.97 8.31 12.75
N LEU A 56 -1.01 7.32 11.85
CA LEU A 56 -2.14 7.16 10.95
C LEU A 56 -3.46 7.14 11.72
N GLU A 57 -4.53 7.56 11.06
CA GLU A 57 -5.85 7.59 11.69
C GLU A 57 -6.90 6.95 10.78
N LEU A 58 -8.15 6.99 11.22
CA LEU A 58 -9.25 6.41 10.45
C LEU A 58 -9.71 7.37 9.35
N GLY A 59 -9.64 6.92 8.11
CA GLY A 59 -10.06 7.75 6.99
C GLY A 59 -8.88 8.26 6.18
N ASP A 60 -7.72 8.34 6.81
CA ASP A 60 -6.51 8.81 6.14
C ASP A 60 -6.21 7.98 4.90
N MET A 61 -5.67 8.61 3.86
CA MET A 61 -5.34 7.92 2.63
C MET A 61 -3.94 7.32 2.71
N VAL A 62 -3.71 6.27 1.91
CA VAL A 62 -2.42 5.61 1.90
C VAL A 62 -2.09 5.09 0.49
N GLU A 63 -0.81 4.84 0.25
CA GLU A 63 -0.36 4.35 -1.06
C GLU A 63 0.22 2.94 -0.93
N TYR A 64 -0.23 2.04 -1.79
CA TYR A 64 0.24 0.66 -1.77
C TYR A 64 0.20 0.05 -3.17
N SER A 65 0.72 -1.16 -3.30
CA SER A 65 0.75 -1.85 -4.58
C SER A 65 0.42 -3.33 -4.41
N LEU A 66 0.08 -4.00 -5.51
CA LEU A 66 -0.25 -5.41 -5.49
C LEU A 66 0.82 -6.23 -6.20
N SER A 67 1.05 -7.44 -5.71
CA SER A 67 2.05 -8.33 -6.30
C SER A 67 1.42 -9.65 -6.72
N LYS A 68 1.82 -10.15 -7.88
CA LYS A 68 1.30 -11.40 -8.39
C LYS A 68 -0.21 -11.32 -8.60
N GLY A 69 -0.79 -12.39 -9.16
CA GLY A 69 -2.23 -12.41 -9.40
C GLY A 69 -3.02 -12.14 -8.13
N LYS A 70 -4.06 -11.33 -8.25
CA LYS A 70 -4.91 -10.98 -7.12
C LYS A 70 -5.55 -12.23 -6.53
N GLY A 71 -6.15 -13.05 -7.39
CA GLY A 71 -6.79 -14.28 -6.94
C GLY A 71 -7.93 -14.00 -5.98
N ASN A 72 -7.97 -14.75 -4.88
CA ASN A 72 -9.02 -14.59 -3.88
C ASN A 72 -8.47 -13.89 -2.63
N LYS A 73 -7.18 -14.07 -2.38
CA LYS A 73 -6.53 -13.46 -1.22
C LYS A 73 -5.46 -12.47 -1.66
N VAL A 74 -5.77 -11.17 -1.49
CA VAL A 74 -4.84 -10.13 -1.87
C VAL A 74 -4.41 -9.30 -0.65
N SER A 75 -3.20 -8.77 -0.69
CA SER A 75 -2.67 -7.97 0.40
C SER A 75 -1.84 -6.81 -0.12
N ALA A 76 -1.39 -5.95 0.79
CA ALA A 76 -0.57 -4.80 0.42
C ALA A 76 0.90 -5.06 0.71
N GLU A 77 1.77 -4.30 0.06
CA GLU A 77 3.21 -4.44 0.24
C GLU A 77 3.91 -3.08 0.20
N LYS A 78 4.68 -2.80 1.25
CA LYS A 78 5.40 -1.53 1.34
C LYS A 78 4.43 -0.35 1.33
N VAL A 79 3.55 -0.32 2.32
CA VAL A 79 2.57 0.76 2.44
C VAL A 79 3.21 2.03 2.97
N ASN A 80 2.71 3.17 2.53
CA ASN A 80 3.24 4.46 2.96
C ASN A 80 2.18 5.56 2.82
N LYS A 81 2.15 6.47 3.79
CA LYS A 81 1.19 7.56 3.78
C LYS A 81 1.51 8.55 2.66
N THR A 82 0.47 9.21 2.14
CA THR A 82 0.65 10.18 1.08
C THR A 82 -0.18 11.43 1.33
N SER A 83 -0.34 11.79 2.60
CA SER A 83 -1.11 12.95 2.98
C SER A 83 -0.49 13.65 4.18
N GLY A 84 0.45 14.55 3.92
CA GLY A 84 1.12 15.26 4.99
C GLY A 84 0.24 16.33 5.60
N PRO A 85 0.77 17.04 6.61
CA PRO A 85 0.04 18.11 7.29
C PRO A 85 -0.16 19.34 6.41
N SER A 86 0.90 19.75 5.72
CA SER A 86 0.83 20.91 4.84
C SER A 86 0.40 22.15 5.62
N SER A 87 1.21 22.55 6.59
CA SER A 87 0.90 23.72 7.42
C SER A 87 2.15 24.21 8.14
N GLY A 88 3.04 24.86 7.40
CA GLY A 88 4.27 25.36 7.98
C GLY A 88 4.81 26.57 7.24
N GLY A 1 30.23 -24.53 6.09
CA GLY A 1 29.96 -24.28 4.69
C GLY A 1 28.58 -23.71 4.46
N SER A 2 28.39 -23.07 3.32
CA SER A 2 27.10 -22.46 2.97
C SER A 2 26.18 -23.50 2.33
N SER A 3 26.74 -24.29 1.42
CA SER A 3 25.96 -25.32 0.73
C SER A 3 24.77 -24.71 0.01
N GLY A 4 23.95 -25.56 -0.60
CA GLY A 4 22.78 -25.08 -1.30
C GLY A 4 22.96 -25.12 -2.81
N SER A 5 24.17 -24.83 -3.27
CA SER A 5 24.48 -24.82 -4.69
C SER A 5 23.53 -23.90 -5.44
N SER A 6 23.28 -22.72 -4.88
CA SER A 6 22.39 -21.75 -5.50
C SER A 6 23.17 -20.55 -6.03
N GLY A 7 22.47 -19.65 -6.73
CA GLY A 7 23.12 -18.48 -7.28
C GLY A 7 22.13 -17.36 -7.58
N ARG A 8 21.99 -17.04 -8.87
CA ARG A 8 21.08 -15.99 -9.28
C ARG A 8 19.63 -16.47 -9.24
N LEU A 9 18.75 -15.64 -8.67
CA LEU A 9 17.34 -15.99 -8.56
C LEU A 9 16.49 -14.75 -8.30
N LEU A 10 15.77 -14.30 -9.33
CA LEU A 10 14.92 -13.12 -9.20
C LEU A 10 15.70 -11.94 -8.64
N GLY A 11 16.95 -11.80 -9.09
CA GLY A 11 17.78 -10.70 -8.63
C GLY A 11 17.53 -9.42 -9.40
N ARG A 12 16.30 -8.92 -9.32
CA ARG A 12 15.94 -7.69 -10.02
C ARG A 12 14.65 -7.11 -9.46
N ASN A 13 14.30 -5.91 -9.91
CA ASN A 13 13.09 -5.24 -9.45
C ASN A 13 12.04 -5.17 -10.57
N SER A 14 10.78 -5.07 -10.19
CA SER A 14 9.69 -5.00 -11.15
C SER A 14 8.80 -3.80 -10.88
N ASN A 15 8.62 -2.96 -11.90
CA ASN A 15 7.78 -1.77 -11.77
C ASN A 15 6.34 -2.15 -11.44
N SER A 16 5.88 -1.72 -10.27
CA SER A 16 4.52 -2.01 -9.84
C SER A 16 3.62 -0.78 -9.97
N LYS A 17 2.33 -1.01 -10.18
CA LYS A 17 1.37 0.07 -10.32
C LYS A 17 1.11 0.75 -8.98
N ARG A 18 0.47 1.92 -9.02
CA ARG A 18 0.17 2.66 -7.81
C ARG A 18 -1.34 2.72 -7.57
N LEU A 19 -1.74 2.63 -6.31
CA LEU A 19 -3.15 2.68 -5.94
C LEU A 19 -3.35 3.38 -4.60
N LEU A 20 -4.55 3.92 -4.40
CA LEU A 20 -4.87 4.61 -3.15
C LEU A 20 -5.95 3.87 -2.38
N GLY A 21 -6.17 4.29 -1.14
CA GLY A 21 -7.18 3.66 -0.30
C GLY A 21 -7.52 4.48 0.93
N TYR A 22 -8.26 3.88 1.85
CA TYR A 22 -8.65 4.56 3.08
C TYR A 22 -8.59 3.61 4.27
N VAL A 23 -7.95 4.05 5.35
CA VAL A 23 -7.83 3.25 6.56
C VAL A 23 -9.19 2.86 7.11
N ALA A 24 -9.57 1.60 6.89
CA ALA A 24 -10.85 1.11 7.37
C ALA A 24 -10.80 0.79 8.86
N THR A 25 -9.78 0.06 9.28
CA THR A 25 -9.61 -0.30 10.69
C THR A 25 -8.14 -0.29 11.08
N LEU A 26 -7.86 0.33 12.23
CA LEU A 26 -6.48 0.41 12.73
C LEU A 26 -6.37 -0.25 14.10
N LYS A 27 -5.78 -1.44 14.12
CA LYS A 27 -5.60 -2.19 15.36
C LYS A 27 -4.21 -1.95 15.95
N ASP A 28 -3.86 -2.72 16.96
CA ASP A 28 -2.55 -2.59 17.61
C ASP A 28 -1.59 -3.67 17.12
N ASN A 29 -1.54 -3.86 15.81
CA ASN A 29 -0.67 -4.87 15.22
C ASN A 29 -0.77 -4.85 13.69
N PHE A 30 -1.98 -4.70 13.19
CA PHE A 30 -2.23 -4.67 11.75
C PHE A 30 -3.34 -3.70 11.41
N GLY A 31 -3.48 -3.38 10.12
CA GLY A 31 -4.51 -2.46 9.68
C GLY A 31 -5.21 -2.94 8.42
N PHE A 32 -6.27 -2.23 8.04
CA PHE A 32 -7.04 -2.59 6.85
C PHE A 32 -7.29 -1.37 5.97
N ILE A 33 -7.29 -1.59 4.66
CA ILE A 33 -7.51 -0.51 3.70
C ILE A 33 -8.70 -0.82 2.80
N GLU A 34 -9.69 0.08 2.80
CA GLU A 34 -10.87 -0.10 1.97
C GLU A 34 -10.74 0.69 0.67
N THR A 35 -10.93 -0.01 -0.46
CA THR A 35 -10.83 0.62 -1.76
C THR A 35 -11.95 1.64 -1.98
N ALA A 36 -11.83 2.43 -3.03
CA ALA A 36 -12.83 3.44 -3.34
C ALA A 36 -14.19 2.81 -3.59
N ASN A 37 -14.19 1.60 -4.13
CA ASN A 37 -15.43 0.90 -4.42
C ASN A 37 -15.93 0.16 -3.18
N HIS A 38 -15.02 -0.16 -2.27
CA HIS A 38 -15.37 -0.85 -1.04
C HIS A 38 -15.94 -2.24 -1.36
N ASP A 39 -15.22 -3.00 -2.16
CA ASP A 39 -15.66 -4.34 -2.54
C ASP A 39 -14.69 -5.39 -2.01
N LYS A 40 -13.43 -4.99 -1.83
CA LYS A 40 -12.40 -5.90 -1.34
C LYS A 40 -11.57 -5.24 -0.24
N GLU A 41 -11.23 -6.01 0.79
CA GLU A 41 -10.44 -5.49 1.90
C GLU A 41 -8.96 -5.81 1.71
N ILE A 42 -8.09 -5.00 2.31
CA ILE A 42 -6.66 -5.20 2.21
C ILE A 42 -6.04 -5.48 3.57
N PHE A 43 -5.02 -6.34 3.59
CA PHE A 43 -4.35 -6.69 4.83
C PHE A 43 -2.85 -6.38 4.75
N PHE A 44 -2.41 -5.41 5.53
CA PHE A 44 -1.01 -5.01 5.54
C PHE A 44 -0.42 -5.10 6.94
N HIS A 45 0.77 -5.68 7.06
CA HIS A 45 1.44 -5.82 8.34
C HIS A 45 2.16 -4.54 8.73
N TYR A 46 2.19 -4.25 10.03
CA TYR A 46 2.84 -3.05 10.53
C TYR A 46 4.29 -2.99 10.07
N SER A 47 4.90 -4.15 9.89
CA SER A 47 6.29 -4.24 9.46
C SER A 47 6.42 -3.84 7.99
N GLU A 48 5.37 -4.07 7.22
CA GLU A 48 5.36 -3.75 5.80
C GLU A 48 5.21 -2.24 5.59
N PHE A 49 4.59 -1.57 6.56
CA PHE A 49 4.38 -0.14 6.48
C PHE A 49 5.66 0.62 6.80
N SER A 50 6.12 1.43 5.85
CA SER A 50 7.33 2.21 6.02
C SER A 50 7.01 3.68 6.31
N GLY A 51 6.92 4.02 7.59
CA GLY A 51 6.61 5.38 7.97
C GLY A 51 5.97 5.47 9.34
N ASP A 52 4.90 6.26 9.44
CA ASP A 52 4.19 6.42 10.70
C ASP A 52 2.86 5.68 10.69
N VAL A 53 2.90 4.42 11.13
CA VAL A 53 1.69 3.60 11.17
C VAL A 53 0.85 3.90 12.40
N ASP A 54 1.53 4.33 13.47
CA ASP A 54 0.85 4.65 14.72
C ASP A 54 0.10 5.98 14.61
N SER A 55 0.68 6.91 13.87
CA SER A 55 0.08 8.23 13.68
C SER A 55 -1.15 8.14 12.77
N LEU A 56 -1.13 7.17 11.86
CA LEU A 56 -2.23 6.97 10.92
C LEU A 56 -3.56 6.88 11.66
N GLU A 57 -4.64 7.19 10.96
CA GLU A 57 -5.98 7.14 11.55
C GLU A 57 -7.00 6.63 10.54
N LEU A 58 -8.23 6.43 11.00
CA LEU A 58 -9.31 5.94 10.15
C LEU A 58 -9.73 7.00 9.14
N GLY A 59 -9.70 6.66 7.87
CA GLY A 59 -10.09 7.59 6.82
C GLY A 59 -8.90 8.18 6.10
N ASP A 60 -7.74 8.18 6.77
CA ASP A 60 -6.52 8.72 6.18
C ASP A 60 -6.18 8.01 4.87
N MET A 61 -5.62 8.76 3.93
CA MET A 61 -5.25 8.19 2.64
C MET A 61 -3.87 7.54 2.70
N VAL A 62 -3.67 6.50 1.90
CA VAL A 62 -2.39 5.79 1.87
C VAL A 62 -2.15 5.16 0.50
N GLU A 63 -0.89 5.14 0.09
CA GLU A 63 -0.52 4.56 -1.19
C GLU A 63 0.11 3.19 -1.02
N TYR A 64 -0.33 2.23 -1.83
CA TYR A 64 0.20 0.87 -1.77
C TYR A 64 0.15 0.20 -3.13
N SER A 65 0.69 -1.02 -3.21
CA SER A 65 0.71 -1.76 -4.45
C SER A 65 0.06 -3.14 -4.27
N LEU A 66 -0.19 -3.81 -5.39
CA LEU A 66 -0.81 -5.13 -5.35
C LEU A 66 0.01 -6.14 -6.17
N SER A 67 0.06 -7.38 -5.70
CA SER A 67 0.80 -8.42 -6.38
C SER A 67 -0.02 -9.71 -6.46
N LYS A 68 0.62 -10.79 -6.90
CA LYS A 68 -0.05 -12.08 -7.02
C LYS A 68 -0.46 -12.61 -5.64
N GLY A 69 0.51 -12.65 -4.73
CA GLY A 69 0.23 -13.14 -3.38
C GLY A 69 -0.01 -14.64 -3.36
N LYS A 70 -0.73 -15.10 -2.32
CA LYS A 70 -1.03 -16.52 -2.17
C LYS A 70 -1.75 -17.05 -3.41
N GLY A 71 -3.00 -16.60 -3.60
CA GLY A 71 -3.77 -17.04 -4.74
C GLY A 71 -5.11 -16.33 -4.84
N ASN A 72 -5.90 -16.40 -3.77
CA ASN A 72 -7.20 -15.74 -3.74
C ASN A 72 -7.17 -14.49 -2.87
N LYS A 73 -6.31 -14.49 -1.86
CA LYS A 73 -6.18 -13.35 -0.96
C LYS A 73 -5.04 -12.44 -1.40
N VAL A 74 -5.36 -11.16 -1.60
CA VAL A 74 -4.36 -10.19 -2.01
C VAL A 74 -4.12 -9.15 -0.93
N SER A 75 -2.85 -8.98 -0.56
CA SER A 75 -2.49 -8.02 0.47
C SER A 75 -1.66 -6.87 -0.11
N ALA A 76 -1.32 -5.91 0.74
CA ALA A 76 -0.53 -4.76 0.30
C ALA A 76 0.96 -5.00 0.53
N GLU A 77 1.79 -4.20 -0.14
CA GLU A 77 3.24 -4.32 -0.01
C GLU A 77 3.90 -2.95 0.04
N LYS A 78 4.75 -2.74 1.04
CA LYS A 78 5.45 -1.47 1.19
C LYS A 78 4.47 -0.30 1.21
N VAL A 79 3.63 -0.25 2.23
CA VAL A 79 2.65 0.82 2.36
C VAL A 79 3.27 2.08 2.96
N ASN A 80 2.82 3.23 2.49
CA ASN A 80 3.34 4.51 2.99
C ASN A 80 2.25 5.58 2.97
N LYS A 81 2.41 6.59 3.82
CA LYS A 81 1.45 7.68 3.89
C LYS A 81 1.62 8.65 2.71
N THR A 82 0.49 9.02 2.11
CA THR A 82 0.51 9.95 0.98
C THR A 82 -0.37 11.15 1.24
N SER A 83 -0.42 11.60 2.49
CA SER A 83 -1.24 12.75 2.86
C SER A 83 -0.58 13.55 3.97
N GLY A 84 -0.15 14.76 3.65
CA GLY A 84 0.50 15.60 4.64
C GLY A 84 -0.49 16.25 5.58
N PRO A 85 0.03 16.88 6.65
CA PRO A 85 -0.80 17.55 7.66
C PRO A 85 -1.47 18.81 7.11
N SER A 86 -2.70 18.66 6.62
CA SER A 86 -3.43 19.78 6.06
C SER A 86 -3.63 20.88 7.12
N SER A 87 -4.32 20.53 8.20
CA SER A 87 -4.58 21.48 9.27
C SER A 87 -3.87 21.05 10.55
N GLY A 88 -2.54 21.18 10.56
CA GLY A 88 -1.76 20.80 11.72
C GLY A 88 -1.60 21.95 12.70
N GLY A 1 40.23 -6.64 11.18
CA GLY A 1 39.50 -7.85 10.82
C GLY A 1 38.76 -7.71 9.50
N SER A 2 38.37 -8.83 8.92
CA SER A 2 37.66 -8.83 7.65
C SER A 2 36.15 -8.81 7.87
N SER A 3 35.41 -8.31 6.88
CA SER A 3 33.95 -8.23 6.97
C SER A 3 33.31 -8.57 5.63
N GLY A 4 32.25 -9.37 5.67
CA GLY A 4 31.56 -9.75 4.46
C GLY A 4 30.95 -8.56 3.74
N SER A 5 31.05 -8.57 2.41
CA SER A 5 30.52 -7.48 1.60
C SER A 5 29.19 -7.88 0.97
N SER A 6 28.25 -6.94 0.93
CA SER A 6 26.93 -7.19 0.35
C SER A 6 26.91 -6.82 -1.12
N GLY A 7 26.11 -7.54 -1.90
CA GLY A 7 26.01 -7.26 -3.32
C GLY A 7 24.81 -7.95 -3.95
N ARG A 8 24.03 -7.18 -4.70
CA ARG A 8 22.84 -7.72 -5.37
C ARG A 8 22.30 -6.73 -6.39
N LEU A 9 22.27 -7.14 -7.65
CA LEU A 9 21.77 -6.29 -8.73
C LEU A 9 20.28 -6.03 -8.55
N LEU A 10 19.79 -4.97 -9.22
CA LEU A 10 18.38 -4.61 -9.13
C LEU A 10 17.84 -4.23 -10.52
N GLY A 11 17.54 -5.25 -11.32
CA GLY A 11 17.01 -5.01 -12.65
C GLY A 11 15.60 -4.47 -12.63
N ARG A 12 15.38 -3.37 -13.35
CA ARG A 12 14.05 -2.76 -13.40
C ARG A 12 13.15 -3.51 -14.37
N ASN A 13 12.06 -4.06 -13.85
CA ASN A 13 11.11 -4.81 -14.66
C ASN A 13 9.67 -4.49 -14.24
N SER A 14 8.72 -4.94 -15.06
CA SER A 14 7.30 -4.70 -14.77
C SER A 14 6.98 -3.22 -14.77
N ASN A 15 5.70 -2.89 -14.86
CA ASN A 15 5.26 -1.51 -14.87
C ASN A 15 4.95 -1.02 -13.46
N SER A 16 5.07 0.29 -13.25
CA SER A 16 4.81 0.88 -11.94
C SER A 16 3.31 1.06 -11.71
N LYS A 17 2.79 0.39 -10.69
CA LYS A 17 1.37 0.47 -10.37
C LYS A 17 1.16 1.11 -9.00
N ARG A 18 0.31 2.13 -8.94
CA ARG A 18 0.02 2.82 -7.70
C ARG A 18 -1.49 2.93 -7.47
N LEU A 19 -1.94 2.52 -6.29
CA LEU A 19 -3.35 2.57 -5.95
C LEU A 19 -3.58 3.36 -4.66
N LEU A 20 -4.79 3.86 -4.48
CA LEU A 20 -5.13 4.63 -3.30
C LEU A 20 -6.25 3.95 -2.52
N GLY A 21 -6.39 4.33 -1.25
CA GLY A 21 -7.43 3.74 -0.41
C GLY A 21 -7.70 4.57 0.83
N TYR A 22 -8.44 3.98 1.78
CA TYR A 22 -8.77 4.68 3.01
C TYR A 22 -8.70 3.73 4.21
N VAL A 23 -8.03 4.15 5.27
CA VAL A 23 -7.89 3.33 6.47
C VAL A 23 -9.26 3.01 7.06
N ALA A 24 -9.68 1.76 6.90
CA ALA A 24 -10.97 1.32 7.43
C ALA A 24 -10.87 1.01 8.92
N THR A 25 -9.80 0.32 9.31
CA THR A 25 -9.60 -0.05 10.71
C THR A 25 -8.12 -0.19 11.02
N LEU A 26 -7.70 0.32 12.17
CA LEU A 26 -6.30 0.24 12.59
C LEU A 26 -6.17 -0.55 13.89
N LYS A 27 -5.61 -1.75 13.79
CA LYS A 27 -5.42 -2.61 14.96
C LYS A 27 -4.05 -2.38 15.57
N ASP A 28 -3.71 -3.21 16.55
CA ASP A 28 -2.42 -3.11 17.23
C ASP A 28 -1.42 -4.12 16.66
N ASN A 29 -1.43 -4.28 15.34
CA ASN A 29 -0.52 -5.21 14.68
C ASN A 29 -0.65 -5.10 13.16
N PHE A 30 -1.88 -4.93 12.69
CA PHE A 30 -2.14 -4.81 11.25
C PHE A 30 -3.35 -3.93 10.99
N GLY A 31 -3.32 -3.21 9.86
CA GLY A 31 -4.42 -2.33 9.52
C GLY A 31 -5.19 -2.82 8.30
N PHE A 32 -6.32 -2.18 8.02
CA PHE A 32 -7.14 -2.55 6.88
C PHE A 32 -7.42 -1.34 5.99
N ILE A 33 -7.46 -1.57 4.68
CA ILE A 33 -7.71 -0.49 3.73
C ILE A 33 -8.87 -0.85 2.80
N GLU A 34 -9.92 -0.04 2.83
CA GLU A 34 -11.09 -0.27 1.99
C GLU A 34 -10.93 0.42 0.64
N THR A 35 -10.76 -0.38 -0.40
CA THR A 35 -10.59 0.15 -1.76
C THR A 35 -11.71 1.12 -2.10
N ALA A 36 -11.52 1.87 -3.18
CA ALA A 36 -12.51 2.85 -3.62
C ALA A 36 -13.85 2.17 -3.91
N ASN A 37 -13.79 0.92 -4.35
CA ASN A 37 -15.00 0.17 -4.65
C ASN A 37 -15.69 -0.31 -3.38
N HIS A 38 -14.92 -0.42 -2.30
CA HIS A 38 -15.45 -0.86 -1.02
C HIS A 38 -16.00 -2.28 -1.12
N ASP A 39 -15.36 -3.10 -1.94
CA ASP A 39 -15.79 -4.48 -2.12
C ASP A 39 -14.75 -5.45 -1.55
N LYS A 40 -13.50 -4.99 -1.51
CA LYS A 40 -12.40 -5.83 -0.99
C LYS A 40 -11.57 -5.04 0.03
N GLU A 41 -10.98 -5.76 0.97
CA GLU A 41 -10.15 -5.14 1.99
C GLU A 41 -8.70 -5.58 1.88
N ILE A 42 -7.78 -4.66 2.14
CA ILE A 42 -6.35 -4.96 2.06
C ILE A 42 -5.78 -5.27 3.44
N PHE A 43 -4.81 -6.18 3.48
CA PHE A 43 -4.17 -6.56 4.74
C PHE A 43 -2.68 -6.25 4.71
N PHE A 44 -2.26 -5.31 5.55
CA PHE A 44 -0.85 -4.91 5.62
C PHE A 44 -0.34 -5.00 7.05
N HIS A 45 0.88 -5.50 7.21
CA HIS A 45 1.49 -5.63 8.52
C HIS A 45 2.25 -4.36 8.90
N TYR A 46 2.27 -4.06 10.20
CA TYR A 46 2.95 -2.88 10.69
C TYR A 46 4.40 -2.84 10.21
N SER A 47 4.98 -4.03 10.03
CA SER A 47 6.37 -4.13 9.59
C SER A 47 6.50 -3.71 8.12
N GLU A 48 5.45 -3.97 7.34
CA GLU A 48 5.44 -3.62 5.93
C GLU A 48 5.27 -2.11 5.74
N PHE A 49 4.63 -1.47 6.72
CA PHE A 49 4.39 -0.04 6.66
C PHE A 49 5.66 0.73 7.00
N SER A 50 6.04 1.65 6.11
CA SER A 50 7.24 2.46 6.31
C SER A 50 6.87 3.89 6.70
N GLY A 51 6.95 4.19 7.99
CA GLY A 51 6.62 5.53 8.46
C GLY A 51 6.01 5.52 9.85
N ASP A 52 5.19 6.51 10.15
CA ASP A 52 4.55 6.62 11.46
C ASP A 52 3.17 5.97 11.44
N VAL A 53 3.15 4.65 11.61
CA VAL A 53 1.89 3.90 11.61
C VAL A 53 1.08 4.19 12.87
N ASP A 54 1.79 4.44 13.97
CA ASP A 54 1.14 4.73 15.24
C ASP A 54 0.47 6.10 15.21
N SER A 55 1.00 6.99 14.37
CA SER A 55 0.45 8.34 14.25
C SER A 55 -0.74 8.36 13.29
N LEU A 56 -0.75 7.41 12.36
CA LEU A 56 -1.83 7.32 11.37
C LEU A 56 -3.20 7.28 12.07
N GLU A 57 -4.20 7.88 11.43
CA GLU A 57 -5.54 7.91 11.99
C GLU A 57 -6.51 7.14 11.10
N LEU A 58 -7.81 7.22 11.44
CA LEU A 58 -8.83 6.53 10.67
C LEU A 58 -9.45 7.46 9.64
N GLY A 59 -9.55 6.97 8.39
CA GLY A 59 -10.13 7.78 7.33
C GLY A 59 -9.07 8.39 6.43
N ASP A 60 -7.84 8.48 6.93
CA ASP A 60 -6.73 9.04 6.17
C ASP A 60 -6.47 8.22 4.92
N MET A 61 -5.72 8.80 3.97
CA MET A 61 -5.39 8.12 2.73
C MET A 61 -3.98 7.54 2.80
N VAL A 62 -3.77 6.43 2.09
CA VAL A 62 -2.46 5.78 2.05
C VAL A 62 -2.15 5.23 0.67
N GLU A 63 -0.87 5.03 0.39
CA GLU A 63 -0.44 4.50 -0.90
C GLU A 63 0.08 3.07 -0.76
N TYR A 64 -0.28 2.22 -1.72
CA TYR A 64 0.16 0.83 -1.69
C TYR A 64 0.16 0.24 -3.10
N SER A 65 0.65 -0.99 -3.22
CA SER A 65 0.71 -1.67 -4.51
C SER A 65 0.38 -3.16 -4.36
N LEU A 66 -0.08 -3.77 -5.44
CA LEU A 66 -0.43 -5.18 -5.44
C LEU A 66 0.63 -6.01 -6.16
N SER A 67 1.15 -7.02 -5.47
CA SER A 67 2.18 -7.88 -6.04
C SER A 67 1.64 -9.30 -6.26
N LYS A 68 2.49 -10.18 -6.75
CA LYS A 68 2.10 -11.56 -7.01
C LYS A 68 2.30 -12.43 -5.78
N GLY A 69 1.27 -13.17 -5.41
CA GLY A 69 1.34 -14.04 -4.25
C GLY A 69 0.11 -14.90 -4.07
N LYS A 70 -1.06 -14.27 -4.11
CA LYS A 70 -2.32 -14.98 -3.96
C LYS A 70 -3.33 -14.54 -5.01
N GLY A 71 -4.55 -15.05 -4.91
CA GLY A 71 -5.59 -14.69 -5.86
C GLY A 71 -6.91 -14.37 -5.19
N ASN A 72 -7.24 -15.11 -4.15
CA ASN A 72 -8.48 -14.89 -3.41
C ASN A 72 -8.39 -13.65 -2.54
N LYS A 73 -7.31 -13.54 -1.77
CA LYS A 73 -7.10 -12.39 -0.90
C LYS A 73 -5.81 -11.67 -1.25
N VAL A 74 -5.94 -10.42 -1.67
CA VAL A 74 -4.77 -9.61 -2.04
C VAL A 74 -4.39 -8.66 -0.92
N SER A 75 -3.09 -8.51 -0.69
CA SER A 75 -2.59 -7.64 0.36
C SER A 75 -1.72 -6.52 -0.23
N ALA A 76 -1.26 -5.63 0.63
CA ALA A 76 -0.41 -4.53 0.20
C ALA A 76 1.03 -4.73 0.63
N GLU A 77 1.97 -4.34 -0.23
CA GLU A 77 3.39 -4.49 0.06
C GLU A 77 4.08 -3.13 0.14
N LYS A 78 4.84 -2.91 1.21
CA LYS A 78 5.55 -1.66 1.40
C LYS A 78 4.58 -0.48 1.41
N VAL A 79 3.68 -0.47 2.38
CA VAL A 79 2.69 0.60 2.51
C VAL A 79 3.32 1.87 3.09
N ASN A 80 2.89 3.02 2.59
CA ASN A 80 3.41 4.29 3.06
C ASN A 80 2.37 5.41 2.89
N LYS A 81 2.25 6.26 3.90
CA LYS A 81 1.30 7.36 3.85
C LYS A 81 1.49 8.19 2.59
N THR A 82 0.51 9.04 2.29
CA THR A 82 0.57 9.90 1.11
C THR A 82 -0.30 11.14 1.28
N SER A 83 0.21 12.28 0.84
CA SER A 83 -0.53 13.53 0.95
C SER A 83 0.23 14.67 0.27
N GLY A 84 -0.48 15.75 -0.05
CA GLY A 84 0.14 16.89 -0.70
C GLY A 84 0.70 17.89 0.29
N PRO A 85 1.13 19.05 -0.22
CA PRO A 85 1.69 20.12 0.61
C PRO A 85 0.64 20.79 1.49
N SER A 86 -0.57 20.94 0.95
CA SER A 86 -1.66 21.57 1.67
C SER A 86 -2.28 20.60 2.67
N SER A 87 -3.26 21.08 3.42
CA SER A 87 -3.94 20.25 4.41
C SER A 87 -5.44 20.23 4.16
N GLY A 88 -6.16 19.49 5.00
CA GLY A 88 -7.61 19.40 4.87
C GLY A 88 -8.29 20.73 5.06
N GLY A 1 22.20 29.18 7.63
CA GLY A 1 20.99 28.56 7.14
C GLY A 1 21.26 27.54 6.05
N SER A 2 20.36 26.57 5.90
CA SER A 2 20.51 25.53 4.89
C SER A 2 19.19 24.82 4.64
N SER A 3 18.69 24.93 3.41
CA SER A 3 17.43 24.30 3.04
C SER A 3 17.45 23.85 1.58
N GLY A 4 17.14 22.58 1.35
CA GLY A 4 17.14 22.05 0.00
C GLY A 4 17.15 20.54 -0.03
N SER A 5 18.12 19.95 0.67
CA SER A 5 18.25 18.50 0.72
C SER A 5 18.51 17.93 -0.67
N SER A 6 18.66 16.61 -0.75
CA SER A 6 18.91 15.94 -2.02
C SER A 6 18.57 14.46 -1.93
N GLY A 7 18.02 13.92 -3.01
CA GLY A 7 17.65 12.52 -3.03
C GLY A 7 18.08 11.82 -4.32
N ARG A 8 17.51 10.65 -4.57
CA ARG A 8 17.85 9.89 -5.77
C ARG A 8 16.97 10.31 -6.95
N LEU A 9 17.50 11.19 -7.79
CA LEU A 9 16.77 11.67 -8.95
C LEU A 9 16.92 10.72 -10.13
N LEU A 10 18.11 10.14 -10.26
CA LEU A 10 18.38 9.20 -11.34
C LEU A 10 17.87 7.81 -11.00
N GLY A 11 17.69 6.98 -12.03
CA GLY A 11 17.21 5.63 -11.81
C GLY A 11 15.71 5.50 -12.02
N ARG A 12 15.33 4.82 -13.09
CA ARG A 12 13.92 4.63 -13.41
C ARG A 12 13.45 3.25 -13.00
N ASN A 13 12.91 3.15 -11.78
CA ASN A 13 12.43 1.88 -11.26
C ASN A 13 10.95 1.97 -10.89
N SER A 14 10.08 1.63 -11.83
CA SER A 14 8.64 1.67 -11.60
C SER A 14 8.00 0.32 -11.88
N ASN A 15 7.54 -0.34 -10.82
CA ASN A 15 6.91 -1.65 -10.95
C ASN A 15 5.46 -1.59 -10.48
N SER A 16 4.62 -2.44 -11.07
CA SER A 16 3.20 -2.49 -10.71
C SER A 16 2.56 -1.12 -10.89
N LYS A 17 1.31 -1.01 -10.43
CA LYS A 17 0.57 0.25 -10.54
C LYS A 17 0.22 0.79 -9.16
N ARG A 18 0.45 2.09 -8.96
CA ARG A 18 0.16 2.73 -7.68
C ARG A 18 -1.34 2.85 -7.47
N LEU A 19 -1.79 2.46 -6.28
CA LEU A 19 -3.21 2.52 -5.94
C LEU A 19 -3.42 3.23 -4.61
N LEU A 20 -4.57 3.89 -4.46
CA LEU A 20 -4.90 4.60 -3.24
C LEU A 20 -5.93 3.84 -2.41
N GLY A 21 -6.21 4.33 -1.21
CA GLY A 21 -7.17 3.69 -0.35
C GLY A 21 -7.46 4.48 0.90
N TYR A 22 -8.32 3.96 1.76
CA TYR A 22 -8.69 4.63 2.99
C TYR A 22 -8.65 3.67 4.18
N VAL A 23 -7.98 4.10 5.25
CA VAL A 23 -7.87 3.27 6.45
C VAL A 23 -9.24 2.83 6.95
N ALA A 24 -9.55 1.55 6.77
CA ALA A 24 -10.83 1.00 7.20
C ALA A 24 -10.82 0.69 8.69
N THR A 25 -9.70 0.13 9.17
CA THR A 25 -9.56 -0.22 10.58
C THR A 25 -8.10 -0.20 11.00
N LEU A 26 -7.85 0.22 12.23
CA LEU A 26 -6.50 0.29 12.77
C LEU A 26 -6.38 -0.50 14.06
N LYS A 27 -5.85 -1.71 13.97
CA LYS A 27 -5.68 -2.57 15.14
C LYS A 27 -4.31 -2.36 15.78
N ASP A 28 -4.00 -3.17 16.77
CA ASP A 28 -2.72 -3.08 17.47
C ASP A 28 -1.73 -4.11 16.92
N ASN A 29 -1.68 -4.24 15.60
CA ASN A 29 -0.78 -5.18 14.96
C ASN A 29 -0.81 -5.03 13.44
N PHE A 30 -2.01 -4.86 12.89
CA PHE A 30 -2.18 -4.70 11.45
C PHE A 30 -3.31 -3.72 11.14
N GLY A 31 -3.42 -3.33 9.87
CA GLY A 31 -4.45 -2.40 9.48
C GLY A 31 -5.15 -2.83 8.20
N PHE A 32 -6.35 -2.29 7.97
CA PHE A 32 -7.12 -2.62 6.77
C PHE A 32 -7.33 -1.38 5.90
N ILE A 33 -7.42 -1.60 4.59
CA ILE A 33 -7.62 -0.51 3.65
C ILE A 33 -8.83 -0.78 2.76
N GLU A 34 -9.76 0.17 2.73
CA GLU A 34 -10.96 0.04 1.91
C GLU A 34 -10.74 0.64 0.52
N THR A 35 -11.11 -0.12 -0.51
CA THR A 35 -10.96 0.33 -1.88
C THR A 35 -12.05 1.34 -2.26
N ALA A 36 -11.77 2.15 -3.27
CA ALA A 36 -12.72 3.16 -3.73
C ALA A 36 -14.05 2.52 -4.11
N ASN A 37 -14.00 1.24 -4.49
CA ASN A 37 -15.20 0.51 -4.88
C ASN A 37 -15.92 -0.05 -3.65
N HIS A 38 -15.17 -0.24 -2.56
CA HIS A 38 -15.74 -0.76 -1.33
C HIS A 38 -16.28 -2.18 -1.54
N ASP A 39 -15.41 -3.16 -1.39
CA ASP A 39 -15.81 -4.57 -1.56
C ASP A 39 -14.82 -5.49 -0.88
N LYS A 40 -13.53 -5.19 -1.01
CA LYS A 40 -12.48 -5.99 -0.41
C LYS A 40 -11.48 -5.12 0.35
N GLU A 41 -11.07 -5.58 1.52
CA GLU A 41 -10.11 -4.85 2.34
C GLU A 41 -8.71 -5.41 2.17
N ILE A 42 -7.73 -4.51 2.10
CA ILE A 42 -6.33 -4.91 1.94
C ILE A 42 -5.70 -5.23 3.29
N PHE A 43 -4.77 -6.18 3.28
CA PHE A 43 -4.09 -6.59 4.51
C PHE A 43 -2.62 -6.20 4.47
N PHE A 44 -2.21 -5.33 5.38
CA PHE A 44 -0.83 -4.87 5.44
C PHE A 44 -0.31 -4.89 6.88
N HIS A 45 0.88 -5.43 7.07
CA HIS A 45 1.49 -5.51 8.39
C HIS A 45 2.17 -4.20 8.76
N TYR A 46 2.19 -3.89 10.05
CA TYR A 46 2.81 -2.66 10.54
C TYR A 46 4.25 -2.53 10.05
N SER A 47 5.00 -3.63 10.19
CA SER A 47 6.40 -3.64 9.77
C SER A 47 6.53 -3.29 8.29
N GLU A 48 5.51 -3.65 7.52
CA GLU A 48 5.50 -3.37 6.09
C GLU A 48 5.25 -1.88 5.82
N PHE A 49 4.55 -1.24 6.74
CA PHE A 49 4.24 0.18 6.61
C PHE A 49 5.45 1.04 6.95
N SER A 50 5.62 2.15 6.23
CA SER A 50 6.73 3.05 6.46
C SER A 50 6.28 4.51 6.37
N GLY A 51 6.06 5.12 7.53
CA GLY A 51 5.63 6.50 7.57
C GLY A 51 4.70 6.78 8.73
N ASP A 52 5.13 6.42 9.94
CA ASP A 52 4.33 6.64 11.14
C ASP A 52 2.99 5.92 11.03
N VAL A 53 2.93 4.72 11.58
CA VAL A 53 1.71 3.92 11.56
C VAL A 53 0.88 4.13 12.82
N ASP A 54 1.57 4.43 13.92
CA ASP A 54 0.91 4.65 15.20
C ASP A 54 0.11 5.95 15.18
N SER A 55 0.60 6.92 14.41
CA SER A 55 -0.07 8.21 14.30
C SER A 55 -1.26 8.14 13.35
N LEU A 56 -1.20 7.20 12.41
CA LEU A 56 -2.27 7.03 11.44
C LEU A 56 -3.62 6.88 12.13
N GLU A 57 -4.67 7.32 11.47
CA GLU A 57 -6.02 7.24 12.02
C GLU A 57 -7.05 6.94 10.93
N LEU A 58 -8.22 6.46 11.35
CA LEU A 58 -9.29 6.14 10.41
C LEU A 58 -9.65 7.35 9.55
N GLY A 59 -9.66 7.17 8.24
CA GLY A 59 -10.00 8.26 7.34
C GLY A 59 -8.80 8.76 6.56
N ASP A 60 -7.61 8.56 7.12
CA ASP A 60 -6.38 9.00 6.47
C ASP A 60 -6.16 8.23 5.16
N MET A 61 -5.47 8.88 4.22
CA MET A 61 -5.19 8.26 2.92
C MET A 61 -3.84 7.56 2.95
N VAL A 62 -3.72 6.50 2.15
CA VAL A 62 -2.48 5.74 2.07
C VAL A 62 -2.28 5.14 0.69
N GLU A 63 -1.04 4.81 0.37
CA GLU A 63 -0.72 4.23 -0.94
C GLU A 63 -0.20 2.80 -0.79
N TYR A 64 -0.60 1.94 -1.72
CA TYR A 64 -0.18 0.54 -1.69
C TYR A 64 -0.18 -0.06 -3.10
N SER A 65 0.30 -1.29 -3.21
CA SER A 65 0.35 -1.98 -4.48
C SER A 65 -0.10 -3.44 -4.35
N LEU A 66 -0.23 -4.11 -5.49
CA LEU A 66 -0.65 -5.51 -5.50
C LEU A 66 0.34 -6.38 -6.26
N SER A 67 0.55 -7.60 -5.78
CA SER A 67 1.48 -8.52 -6.42
C SER A 67 0.76 -9.77 -6.88
N LYS A 68 -0.50 -9.61 -7.29
CA LYS A 68 -1.30 -10.74 -7.76
C LYS A 68 -1.43 -11.81 -6.68
N GLY A 69 -2.44 -11.65 -5.81
CA GLY A 69 -2.65 -12.61 -4.74
C GLY A 69 -2.76 -14.03 -5.26
N LYS A 70 -2.78 -14.99 -4.34
CA LYS A 70 -2.89 -16.40 -4.71
C LYS A 70 -3.49 -17.21 -3.57
N GLY A 71 -4.53 -16.67 -2.94
CA GLY A 71 -5.17 -17.36 -1.84
C GLY A 71 -6.49 -16.72 -1.45
N ASN A 72 -7.21 -16.20 -2.43
CA ASN A 72 -8.49 -15.55 -2.20
C ASN A 72 -8.34 -14.39 -1.21
N LYS A 73 -7.17 -13.77 -1.21
CA LYS A 73 -6.90 -12.65 -0.32
C LYS A 73 -5.69 -11.85 -0.79
N VAL A 74 -5.94 -10.65 -1.30
CA VAL A 74 -4.88 -9.78 -1.79
C VAL A 74 -4.41 -8.81 -0.71
N SER A 75 -3.13 -8.88 -0.38
CA SER A 75 -2.56 -8.00 0.64
C SER A 75 -1.68 -6.93 0.00
N ALA A 76 -1.30 -5.93 0.80
CA ALA A 76 -0.47 -4.84 0.32
C ALA A 76 1.00 -5.08 0.65
N GLU A 77 1.88 -4.26 0.09
CA GLU A 77 3.31 -4.39 0.34
C GLU A 77 4.00 -3.03 0.26
N LYS A 78 4.82 -2.73 1.27
CA LYS A 78 5.53 -1.47 1.31
C LYS A 78 4.57 -0.29 1.33
N VAL A 79 3.65 -0.29 2.29
CA VAL A 79 2.67 0.78 2.41
C VAL A 79 3.30 2.04 3.00
N ASN A 80 2.86 3.19 2.51
CA ASN A 80 3.38 4.47 2.98
C ASN A 80 2.30 5.55 2.92
N LYS A 81 2.24 6.37 3.97
CA LYS A 81 1.26 7.44 4.04
C LYS A 81 1.42 8.41 2.86
N THR A 82 0.32 9.07 2.49
CA THR A 82 0.34 10.01 1.39
C THR A 82 -0.84 10.98 1.47
N SER A 83 -0.67 12.17 0.90
CA SER A 83 -1.72 13.19 0.92
C SER A 83 -2.13 13.55 -0.50
N GLY A 84 -3.31 13.11 -0.91
CA GLY A 84 -3.80 13.41 -2.24
C GLY A 84 -3.90 14.89 -2.50
N PRO A 85 -4.27 15.27 -3.74
CA PRO A 85 -4.41 16.67 -4.13
C PRO A 85 -5.62 17.34 -3.48
N SER A 86 -5.34 18.18 -2.49
CA SER A 86 -6.41 18.88 -1.77
C SER A 86 -6.16 20.39 -1.78
N SER A 87 -5.07 20.80 -1.14
CA SER A 87 -4.72 22.22 -1.07
C SER A 87 -3.28 22.40 -0.59
N GLY A 88 -2.72 23.57 -0.88
CA GLY A 88 -1.35 23.84 -0.47
C GLY A 88 -1.27 24.75 0.73
N GLY A 1 -3.34 31.43 -36.22
CA GLY A 1 -2.12 32.05 -36.72
C GLY A 1 -1.17 31.04 -37.31
N SER A 2 0.02 30.95 -36.73
CA SER A 2 1.05 30.01 -37.21
C SER A 2 1.89 29.49 -36.05
N SER A 3 2.81 28.59 -36.36
CA SER A 3 3.68 28.00 -35.35
C SER A 3 5.14 28.12 -35.77
N GLY A 4 6.04 27.85 -34.82
CA GLY A 4 7.45 27.93 -35.10
C GLY A 4 8.32 27.67 -33.88
N SER A 5 8.18 28.53 -32.87
CA SER A 5 8.94 28.40 -31.64
C SER A 5 8.51 27.16 -30.86
N SER A 6 9.13 26.03 -31.16
CA SER A 6 8.81 24.77 -30.49
C SER A 6 9.26 24.81 -29.04
N GLY A 7 9.04 23.70 -28.34
CA GLY A 7 9.43 23.62 -26.94
C GLY A 7 9.60 22.18 -26.47
N ARG A 8 9.42 21.97 -25.17
CA ARG A 8 9.55 20.63 -24.59
C ARG A 8 8.26 20.22 -23.89
N LEU A 9 7.46 19.40 -24.57
CA LEU A 9 6.20 18.93 -24.01
C LEU A 9 6.43 18.12 -22.73
N LEU A 10 5.56 18.30 -21.75
CA LEU A 10 5.67 17.57 -20.49
C LEU A 10 5.75 16.07 -20.73
N GLY A 11 6.43 15.37 -19.83
CA GLY A 11 6.58 13.93 -19.96
C GLY A 11 6.63 13.23 -18.62
N ARG A 12 6.13 12.00 -18.57
CA ARG A 12 6.13 11.22 -17.34
C ARG A 12 6.65 9.81 -17.58
N ASN A 13 7.32 9.25 -16.58
CA ASN A 13 7.88 7.91 -16.68
C ASN A 13 6.78 6.88 -16.94
N SER A 14 5.68 6.99 -16.21
CA SER A 14 4.56 6.08 -16.37
C SER A 14 5.00 4.63 -16.16
N ASN A 15 5.31 4.28 -14.92
CA ASN A 15 5.75 2.93 -14.59
C ASN A 15 4.99 2.39 -13.38
N SER A 16 4.72 1.08 -13.40
CA SER A 16 4.01 0.45 -12.30
C SER A 16 2.60 1.02 -12.16
N LYS A 17 1.92 0.64 -11.10
CA LYS A 17 0.57 1.12 -10.84
C LYS A 17 0.26 1.12 -9.34
N ARG A 18 0.33 2.31 -8.74
CA ARG A 18 0.06 2.45 -7.31
C ARG A 18 -1.42 2.67 -7.05
N LEU A 19 -1.96 1.93 -6.09
CA LEU A 19 -3.37 2.03 -5.74
C LEU A 19 -3.56 2.85 -4.47
N LEU A 20 -4.67 3.57 -4.38
CA LEU A 20 -4.98 4.38 -3.22
C LEU A 20 -6.14 3.81 -2.44
N GLY A 21 -6.23 4.15 -1.16
CA GLY A 21 -7.31 3.66 -0.32
C GLY A 21 -7.49 4.48 0.93
N TYR A 22 -8.25 3.96 1.88
CA TYR A 22 -8.51 4.66 3.14
C TYR A 22 -8.51 3.69 4.32
N VAL A 23 -7.96 4.14 5.44
CA VAL A 23 -7.91 3.31 6.64
C VAL A 23 -9.29 2.98 7.17
N ALA A 24 -9.69 1.72 7.02
CA ALA A 24 -11.01 1.28 7.48
C ALA A 24 -10.96 0.83 8.93
N THR A 25 -9.86 0.18 9.32
CA THR A 25 -9.69 -0.31 10.67
C THR A 25 -8.22 -0.32 11.07
N LEU A 26 -7.93 0.18 12.27
CA LEU A 26 -6.55 0.22 12.77
C LEU A 26 -6.42 -0.59 14.05
N LYS A 27 -5.54 -1.59 14.03
CA LYS A 27 -5.32 -2.43 15.19
C LYS A 27 -3.93 -2.19 15.78
N ASP A 28 -3.55 -3.01 16.75
CA ASP A 28 -2.25 -2.89 17.38
C ASP A 28 -1.26 -3.91 16.82
N ASN A 29 -1.28 -4.07 15.50
CA ASN A 29 -0.39 -5.02 14.84
C ASN A 29 -0.57 -4.95 13.32
N PHE A 30 -1.82 -4.82 12.88
CA PHE A 30 -2.13 -4.75 11.46
C PHE A 30 -3.32 -3.83 11.21
N GLY A 31 -3.52 -3.47 9.94
CA GLY A 31 -4.63 -2.60 9.59
C GLY A 31 -5.36 -3.06 8.34
N PHE A 32 -6.48 -2.41 8.03
CA PHE A 32 -7.26 -2.75 6.85
C PHE A 32 -7.59 -1.51 6.03
N ILE A 33 -7.60 -1.66 4.72
CA ILE A 33 -7.89 -0.56 3.82
C ILE A 33 -9.19 -0.80 3.04
N GLU A 34 -10.02 0.23 2.94
CA GLU A 34 -11.28 0.12 2.22
C GLU A 34 -11.19 0.76 0.85
N THR A 35 -11.43 -0.02 -0.20
CA THR A 35 -11.37 0.47 -1.57
C THR A 35 -12.58 1.34 -1.89
N ALA A 36 -12.46 2.14 -2.94
CA ALA A 36 -13.55 3.01 -3.36
C ALA A 36 -14.82 2.22 -3.62
N ASN A 37 -14.67 0.97 -4.02
CA ASN A 37 -15.80 0.11 -4.31
C ASN A 37 -16.40 -0.46 -3.02
N HIS A 38 -15.57 -0.54 -1.98
CA HIS A 38 -16.00 -1.06 -0.70
C HIS A 38 -16.46 -2.51 -0.82
N ASP A 39 -15.72 -3.29 -1.61
CA ASP A 39 -16.05 -4.69 -1.82
C ASP A 39 -14.92 -5.59 -1.32
N LYS A 40 -13.68 -5.13 -1.50
CA LYS A 40 -12.52 -5.90 -1.07
C LYS A 40 -11.60 -5.05 -0.18
N GLU A 41 -11.04 -5.68 0.84
CA GLU A 41 -10.16 -4.98 1.76
C GLU A 41 -8.71 -5.40 1.55
N ILE A 42 -7.78 -4.63 2.11
CA ILE A 42 -6.36 -4.92 1.97
C ILE A 42 -5.74 -5.26 3.33
N PHE A 43 -4.77 -6.17 3.31
CA PHE A 43 -4.09 -6.58 4.54
C PHE A 43 -2.62 -6.19 4.50
N PHE A 44 -2.23 -5.30 5.40
CA PHE A 44 -0.84 -4.85 5.46
C PHE A 44 -0.32 -4.88 6.90
N HIS A 45 0.88 -5.42 7.08
CA HIS A 45 1.49 -5.53 8.40
C HIS A 45 2.17 -4.22 8.79
N TYR A 46 2.27 -3.97 10.09
CA TYR A 46 2.89 -2.75 10.59
C TYR A 46 4.33 -2.64 10.09
N SER A 47 5.10 -3.70 10.27
CA SER A 47 6.49 -3.71 9.83
C SER A 47 6.61 -3.35 8.36
N GLU A 48 5.59 -3.71 7.58
CA GLU A 48 5.58 -3.41 6.15
C GLU A 48 5.28 -1.94 5.90
N PHE A 49 4.57 -1.32 6.84
CA PHE A 49 4.21 0.09 6.72
C PHE A 49 5.38 0.98 7.11
N SER A 50 5.98 1.64 6.13
CA SER A 50 7.12 2.52 6.39
C SER A 50 6.65 3.93 6.69
N GLY A 51 6.62 4.28 7.97
CA GLY A 51 6.19 5.60 8.38
C GLY A 51 5.68 5.64 9.81
N ASP A 52 4.88 6.65 10.12
CA ASP A 52 4.32 6.79 11.46
C ASP A 52 3.04 5.99 11.60
N VAL A 53 3.14 4.68 11.42
CA VAL A 53 1.99 3.79 11.53
C VAL A 53 1.39 3.85 12.92
N ASP A 54 2.21 4.18 13.91
CA ASP A 54 1.75 4.28 15.29
C ASP A 54 0.90 5.53 15.50
N SER A 55 1.22 6.58 14.76
CA SER A 55 0.49 7.84 14.87
C SER A 55 -0.47 8.00 13.68
N LEU A 56 -1.06 6.90 13.25
CA LEU A 56 -2.00 6.92 12.13
C LEU A 56 -3.42 7.16 12.61
N GLU A 57 -4.30 7.54 11.70
CA GLU A 57 -5.70 7.79 12.02
C GLU A 57 -6.63 7.23 10.95
N LEU A 58 -7.92 7.17 11.27
CA LEU A 58 -8.91 6.65 10.33
C LEU A 58 -9.29 7.72 9.31
N GLY A 59 -9.25 7.34 8.03
CA GLY A 59 -9.60 8.28 6.98
C GLY A 59 -8.39 8.76 6.20
N ASP A 60 -7.22 8.67 6.82
CA ASP A 60 -5.98 9.10 6.18
C ASP A 60 -5.68 8.25 4.95
N MET A 61 -5.32 8.92 3.85
CA MET A 61 -5.01 8.24 2.61
C MET A 61 -3.67 7.50 2.71
N VAL A 62 -3.55 6.40 1.96
CA VAL A 62 -2.33 5.61 1.97
C VAL A 62 -2.05 5.02 0.58
N GLU A 63 -0.77 4.92 0.24
CA GLU A 63 -0.37 4.37 -1.05
C GLU A 63 0.14 2.94 -0.90
N TYR A 64 -0.21 2.08 -1.86
CA TYR A 64 0.21 0.69 -1.83
C TYR A 64 0.22 0.10 -3.23
N SER A 65 0.65 -1.15 -3.34
CA SER A 65 0.71 -1.83 -4.63
C SER A 65 0.06 -3.21 -4.55
N LEU A 66 -0.19 -3.81 -5.71
CA LEU A 66 -0.81 -5.12 -5.77
C LEU A 66 0.09 -6.12 -6.50
N SER A 67 0.10 -7.36 -6.01
CA SER A 67 0.92 -8.41 -6.61
C SER A 67 0.52 -8.65 -8.06
N LYS A 68 1.27 -9.52 -8.74
CA LYS A 68 0.99 -9.84 -10.13
C LYS A 68 0.03 -11.01 -10.23
N GLY A 69 -0.95 -10.89 -11.12
CA GLY A 69 -1.93 -11.95 -11.30
C GLY A 69 -3.26 -11.64 -10.65
N LYS A 70 -3.98 -12.69 -10.25
CA LYS A 70 -5.28 -12.52 -9.61
C LYS A 70 -5.52 -13.62 -8.59
N GLY A 71 -5.82 -13.23 -7.35
CA GLY A 71 -6.08 -14.20 -6.30
C GLY A 71 -7.19 -13.77 -5.37
N ASN A 72 -7.39 -14.53 -4.30
CA ASN A 72 -8.44 -14.22 -3.34
C ASN A 72 -7.91 -13.32 -2.23
N LYS A 73 -8.40 -12.08 -2.20
CA LYS A 73 -7.98 -11.12 -1.19
C LYS A 73 -6.48 -10.84 -1.30
N VAL A 74 -6.13 -9.74 -1.94
CA VAL A 74 -4.72 -9.35 -2.10
C VAL A 74 -4.26 -8.46 -0.96
N SER A 75 -2.99 -8.59 -0.60
CA SER A 75 -2.42 -7.80 0.48
C SER A 75 -1.55 -6.67 -0.07
N ALA A 76 -1.34 -5.64 0.74
CA ALA A 76 -0.52 -4.50 0.33
C ALA A 76 0.93 -4.68 0.77
N GLU A 77 1.86 -4.24 -0.07
CA GLU A 77 3.28 -4.36 0.24
C GLU A 77 3.96 -2.99 0.18
N LYS A 78 4.74 -2.69 1.21
CA LYS A 78 5.46 -1.42 1.29
C LYS A 78 4.47 -0.25 1.26
N VAL A 79 3.71 -0.09 2.34
CA VAL A 79 2.74 0.98 2.44
C VAL A 79 3.39 2.25 2.97
N ASN A 80 2.96 3.40 2.45
CA ASN A 80 3.49 4.69 2.87
C ASN A 80 2.41 5.76 2.86
N LYS A 81 2.38 6.58 3.91
CA LYS A 81 1.40 7.64 4.03
C LYS A 81 1.53 8.63 2.87
N THR A 82 0.43 8.87 2.16
CA THR A 82 0.42 9.79 1.03
C THR A 82 -0.55 10.93 1.27
N SER A 83 -0.17 12.13 0.82
CA SER A 83 -1.02 13.31 0.99
C SER A 83 -1.25 14.00 -0.35
N GLY A 84 -0.17 14.23 -1.09
CA GLY A 84 -0.28 14.88 -2.38
C GLY A 84 1.04 15.49 -2.83
N PRO A 85 1.00 16.20 -3.97
CA PRO A 85 2.19 16.85 -4.53
C PRO A 85 2.66 18.03 -3.70
N SER A 86 1.72 18.66 -2.99
CA SER A 86 2.04 19.81 -2.14
C SER A 86 2.93 19.39 -0.97
N SER A 87 3.18 20.33 -0.07
CA SER A 87 4.02 20.06 1.10
C SER A 87 3.67 21.01 2.24
N GLY A 88 3.71 20.48 3.46
CA GLY A 88 3.40 21.29 4.62
C GLY A 88 3.19 20.46 5.87
N GLY A 1 9.99 -25.19 -37.12
CA GLY A 1 8.63 -25.00 -36.64
C GLY A 1 8.18 -23.56 -36.76
N SER A 2 7.45 -23.09 -35.75
CA SER A 2 6.94 -21.71 -35.75
C SER A 2 6.74 -21.21 -34.33
N SER A 3 7.73 -20.46 -33.83
CA SER A 3 7.66 -19.92 -32.47
C SER A 3 7.98 -18.43 -32.47
N GLY A 4 7.35 -17.70 -31.56
CA GLY A 4 7.58 -16.27 -31.47
C GLY A 4 7.39 -15.74 -30.06
N SER A 5 8.12 -16.32 -29.11
CA SER A 5 8.02 -15.91 -27.72
C SER A 5 8.41 -14.43 -27.56
N SER A 6 7.46 -13.62 -27.13
CA SER A 6 7.70 -12.19 -26.93
C SER A 6 7.31 -11.77 -25.51
N GLY A 7 7.81 -10.60 -25.10
CA GLY A 7 7.50 -10.10 -23.78
C GLY A 7 8.28 -8.85 -23.44
N ARG A 8 7.65 -7.92 -22.74
CA ARG A 8 8.30 -6.67 -22.35
C ARG A 8 8.83 -6.76 -20.92
N LEU A 9 10.14 -6.96 -20.80
CA LEU A 9 10.77 -7.07 -19.49
C LEU A 9 10.49 -5.83 -18.65
N LEU A 10 10.03 -6.04 -17.42
CA LEU A 10 9.73 -4.94 -16.51
C LEU A 10 10.91 -4.65 -15.58
N GLY A 11 11.02 -3.41 -15.14
CA GLY A 11 12.10 -3.04 -14.23
C GLY A 11 12.63 -1.64 -14.52
N ARG A 12 13.84 -1.36 -14.03
CA ARG A 12 14.46 -0.06 -14.24
C ARG A 12 13.56 1.06 -13.71
N ASN A 13 12.83 0.76 -12.63
CA ASN A 13 11.94 1.75 -12.04
C ASN A 13 11.33 1.22 -10.74
N SER A 14 10.77 0.02 -10.80
CA SER A 14 10.15 -0.60 -9.64
C SER A 14 8.98 0.23 -9.13
N ASN A 15 8.27 0.87 -10.06
CA ASN A 15 7.13 1.69 -9.71
C ASN A 15 6.33 2.10 -10.95
N SER A 16 5.05 1.77 -10.97
CA SER A 16 4.19 2.08 -12.09
C SER A 16 2.72 1.90 -11.73
N LYS A 17 2.43 0.83 -10.99
CA LYS A 17 1.07 0.53 -10.57
C LYS A 17 0.84 0.97 -9.11
N ARG A 18 0.30 2.16 -8.93
CA ARG A 18 0.03 2.69 -7.60
C ARG A 18 -1.47 2.79 -7.35
N LEU A 19 -1.90 2.37 -6.17
CA LEU A 19 -3.30 2.41 -5.79
C LEU A 19 -3.51 3.22 -4.52
N LEU A 20 -4.70 3.78 -4.37
CA LEU A 20 -5.04 4.58 -3.20
C LEU A 20 -6.24 4.00 -2.47
N GLY A 21 -6.35 4.30 -1.18
CA GLY A 21 -7.46 3.80 -0.38
C GLY A 21 -7.68 4.61 0.87
N TYR A 22 -8.44 4.05 1.81
CA TYR A 22 -8.73 4.73 3.07
C TYR A 22 -8.69 3.76 4.24
N VAL A 23 -7.99 4.15 5.30
CA VAL A 23 -7.87 3.32 6.49
C VAL A 23 -9.25 2.90 7.01
N ALA A 24 -9.60 1.64 6.78
CA ALA A 24 -10.89 1.12 7.23
C ALA A 24 -10.84 0.72 8.70
N THR A 25 -9.78 0.00 9.07
CA THR A 25 -9.62 -0.46 10.45
C THR A 25 -8.15 -0.40 10.86
N LEU A 26 -7.90 0.15 12.04
CA LEU A 26 -6.54 0.26 12.56
C LEU A 26 -6.42 -0.40 13.93
N LYS A 27 -5.67 -1.50 13.98
CA LYS A 27 -5.48 -2.23 15.23
C LYS A 27 -4.08 -1.99 15.79
N ASP A 28 -3.77 -2.64 16.90
CA ASP A 28 -2.47 -2.50 17.54
C ASP A 28 -1.50 -3.57 17.03
N ASN A 29 -1.47 -3.76 15.71
CA ASN A 29 -0.59 -4.76 15.11
C ASN A 29 -0.70 -4.71 13.59
N PHE A 30 -1.93 -4.63 13.08
CA PHE A 30 -2.16 -4.58 11.65
C PHE A 30 -3.33 -3.66 11.32
N GLY A 31 -3.44 -3.29 10.05
CA GLY A 31 -4.52 -2.41 9.62
C GLY A 31 -5.23 -2.92 8.38
N PHE A 32 -6.26 -2.20 7.95
CA PHE A 32 -7.01 -2.58 6.77
C PHE A 32 -7.31 -1.37 5.89
N ILE A 33 -7.21 -1.56 4.58
CA ILE A 33 -7.45 -0.48 3.63
C ILE A 33 -8.70 -0.76 2.80
N GLU A 34 -9.61 0.21 2.76
CA GLU A 34 -10.85 0.08 2.00
C GLU A 34 -10.74 0.81 0.66
N THR A 35 -10.89 0.05 -0.43
CA THR A 35 -10.81 0.62 -1.77
C THR A 35 -12.02 1.52 -2.05
N ALA A 36 -11.97 2.21 -3.19
CA ALA A 36 -13.07 3.09 -3.58
C ALA A 36 -14.37 2.33 -3.73
N ASN A 37 -14.28 1.09 -4.22
CA ASN A 37 -15.46 0.26 -4.43
C ASN A 37 -16.00 -0.23 -3.09
N HIS A 38 -15.15 -0.27 -2.08
CA HIS A 38 -15.55 -0.71 -0.74
C HIS A 38 -16.11 -2.12 -0.79
N ASP A 39 -15.53 -2.97 -1.63
CA ASP A 39 -15.98 -4.35 -1.77
C ASP A 39 -14.89 -5.32 -1.32
N LYS A 40 -13.64 -4.88 -1.42
CA LYS A 40 -12.51 -5.71 -1.01
C LYS A 40 -11.66 -5.00 0.04
N GLU A 41 -11.00 -5.78 0.89
CA GLU A 41 -10.16 -5.23 1.94
C GLU A 41 -8.70 -5.65 1.74
N ILE A 42 -7.79 -4.83 2.27
CA ILE A 42 -6.36 -5.13 2.15
C ILE A 42 -5.75 -5.43 3.51
N PHE A 43 -4.75 -6.31 3.52
CA PHE A 43 -4.08 -6.69 4.75
C PHE A 43 -2.59 -6.33 4.70
N PHE A 44 -2.21 -5.33 5.48
CA PHE A 44 -0.81 -4.88 5.51
C PHE A 44 -0.28 -4.90 6.94
N HIS A 45 0.90 -5.48 7.11
CA HIS A 45 1.53 -5.57 8.43
C HIS A 45 2.23 -4.26 8.78
N TYR A 46 2.27 -3.93 10.07
CA TYR A 46 2.91 -2.71 10.53
C TYR A 46 4.36 -2.63 10.04
N SER A 47 5.07 -3.75 10.17
CA SER A 47 6.47 -3.81 9.74
C SER A 47 6.59 -3.46 8.26
N GLU A 48 5.56 -3.75 7.49
CA GLU A 48 5.56 -3.47 6.06
C GLU A 48 5.31 -1.98 5.81
N PHE A 49 4.62 -1.33 6.74
CA PHE A 49 4.32 0.09 6.61
C PHE A 49 5.54 0.94 6.95
N SER A 50 5.98 1.72 5.97
CA SER A 50 7.15 2.58 6.16
C SER A 50 6.72 4.02 6.48
N GLY A 51 6.63 4.33 7.76
CA GLY A 51 6.23 5.66 8.18
C GLY A 51 5.71 5.69 9.60
N ASP A 52 4.75 6.58 9.86
CA ASP A 52 4.16 6.71 11.19
C ASP A 52 2.80 6.02 11.25
N VAL A 53 2.82 4.69 11.23
CA VAL A 53 1.59 3.91 11.28
C VAL A 53 0.81 4.18 12.57
N ASP A 54 1.54 4.54 13.62
CA ASP A 54 0.93 4.83 14.92
C ASP A 54 0.18 6.16 14.87
N SER A 55 0.69 7.10 14.07
CA SER A 55 0.09 8.41 13.94
C SER A 55 -1.14 8.35 13.03
N LEU A 56 -1.13 7.40 12.10
CA LEU A 56 -2.23 7.24 11.16
C LEU A 56 -3.56 7.15 11.90
N GLU A 57 -4.65 7.43 11.18
CA GLU A 57 -5.99 7.38 11.76
C GLU A 57 -7.00 6.82 10.77
N LEU A 58 -8.27 6.83 11.16
CA LEU A 58 -9.34 6.33 10.30
C LEU A 58 -9.80 7.40 9.33
N GLY A 59 -9.80 7.06 8.03
CA GLY A 59 -10.24 8.01 7.03
C GLY A 59 -9.08 8.56 6.22
N ASP A 60 -7.90 8.60 6.82
CA ASP A 60 -6.71 9.10 6.15
C ASP A 60 -6.41 8.30 4.88
N MET A 61 -5.61 8.87 4.00
CA MET A 61 -5.25 8.21 2.75
C MET A 61 -3.88 7.55 2.86
N VAL A 62 -3.64 6.54 2.03
CA VAL A 62 -2.38 5.83 2.03
C VAL A 62 -2.03 5.31 0.63
N GLU A 63 -0.75 5.01 0.42
CA GLU A 63 -0.29 4.51 -0.86
C GLU A 63 0.17 3.05 -0.75
N TYR A 64 -0.31 2.21 -1.66
CA TYR A 64 0.06 0.80 -1.66
C TYR A 64 -0.07 0.21 -3.07
N SER A 65 0.23 -1.08 -3.18
CA SER A 65 0.14 -1.77 -4.46
C SER A 65 -0.41 -3.19 -4.29
N LEU A 66 -0.83 -3.79 -5.40
CA LEU A 66 -1.38 -5.14 -5.38
C LEU A 66 -0.75 -6.00 -6.46
N SER A 67 0.07 -6.97 -6.03
CA SER A 67 0.74 -7.87 -6.96
C SER A 67 -0.10 -9.11 -7.22
N LYS A 68 -0.24 -9.49 -8.48
CA LYS A 68 -1.02 -10.66 -8.86
C LYS A 68 -2.47 -10.51 -8.44
N GLY A 69 -3.31 -10.03 -9.36
CA GLY A 69 -4.72 -9.86 -9.07
C GLY A 69 -5.45 -11.16 -8.93
N LYS A 70 -5.17 -12.10 -9.83
CA LYS A 70 -5.81 -13.41 -9.80
C LYS A 70 -5.53 -14.13 -8.49
N GLY A 71 -6.59 -14.59 -7.83
CA GLY A 71 -6.45 -15.29 -6.57
C GLY A 71 -7.54 -14.95 -5.58
N ASN A 72 -7.18 -14.80 -4.32
CA ASN A 72 -8.15 -14.48 -3.28
C ASN A 72 -7.47 -13.72 -2.13
N LYS A 73 -6.39 -14.28 -1.61
CA LYS A 73 -5.66 -13.67 -0.51
C LYS A 73 -4.70 -12.60 -1.03
N VAL A 74 -5.17 -11.35 -1.09
CA VAL A 74 -4.36 -10.25 -1.55
C VAL A 74 -3.98 -9.31 -0.41
N SER A 75 -2.72 -8.89 -0.38
CA SER A 75 -2.25 -7.99 0.68
C SER A 75 -1.45 -6.84 0.07
N ALA A 76 -1.25 -5.79 0.86
CA ALA A 76 -0.49 -4.62 0.41
C ALA A 76 0.97 -4.72 0.83
N GLU A 77 1.87 -4.55 -0.13
CA GLU A 77 3.30 -4.62 0.14
C GLU A 77 3.93 -3.24 0.10
N LYS A 78 4.73 -2.93 1.11
CA LYS A 78 5.40 -1.64 1.21
C LYS A 78 4.39 -0.50 1.19
N VAL A 79 3.69 -0.32 2.31
CA VAL A 79 2.69 0.74 2.43
C VAL A 79 3.29 2.00 3.04
N ASN A 80 2.86 3.16 2.55
CA ASN A 80 3.35 4.43 3.05
C ASN A 80 2.27 5.51 2.95
N LYS A 81 2.30 6.45 3.89
CA LYS A 81 1.32 7.53 3.90
C LYS A 81 1.61 8.54 2.78
N THR A 82 0.56 8.94 2.08
CA THR A 82 0.69 9.89 0.98
C THR A 82 -0.13 11.14 1.24
N SER A 83 -1.26 10.97 1.92
CA SER A 83 -2.14 12.10 2.23
C SER A 83 -2.60 12.80 0.97
N GLY A 84 -3.35 13.88 1.13
CA GLY A 84 -3.83 14.63 -0.02
C GLY A 84 -2.95 15.81 -0.36
N PRO A 85 -3.42 16.65 -1.30
CA PRO A 85 -2.67 17.84 -1.73
C PRO A 85 -2.61 18.92 -0.65
N SER A 86 -1.74 19.89 -0.85
CA SER A 86 -1.58 20.99 0.11
C SER A 86 -1.72 22.34 -0.58
N SER A 87 -2.82 23.04 -0.29
CA SER A 87 -3.08 24.35 -0.88
C SER A 87 -3.22 24.23 -2.39
N GLY A 88 -3.75 23.10 -2.86
CA GLY A 88 -3.93 22.90 -4.28
C GLY A 88 -2.61 22.76 -5.01
N GLY A 1 36.18 -28.65 -17.75
CA GLY A 1 35.71 -28.17 -19.04
C GLY A 1 35.34 -26.69 -19.01
N SER A 2 34.06 -26.41 -18.80
CA SER A 2 33.58 -25.04 -18.75
C SER A 2 32.33 -24.93 -17.89
N SER A 3 31.89 -23.69 -17.65
CA SER A 3 30.71 -23.45 -16.83
C SER A 3 29.99 -22.18 -17.28
N GLY A 4 28.88 -21.86 -16.62
CA GLY A 4 28.12 -20.68 -16.96
C GLY A 4 27.02 -20.97 -17.96
N SER A 5 26.59 -19.93 -18.68
CA SER A 5 25.53 -20.08 -19.67
C SER A 5 25.93 -19.43 -21.00
N SER A 6 25.01 -19.46 -21.95
CA SER A 6 25.27 -18.89 -23.27
C SER A 6 23.99 -18.31 -23.88
N GLY A 7 23.07 -19.19 -24.24
CA GLY A 7 21.81 -18.75 -24.83
C GLY A 7 20.74 -18.51 -23.78
N ARG A 8 20.76 -17.32 -23.17
CA ARG A 8 19.78 -16.97 -22.15
C ARG A 8 19.84 -15.48 -21.84
N LEU A 9 18.84 -14.74 -22.32
CA LEU A 9 18.77 -13.30 -22.10
C LEU A 9 17.81 -12.96 -20.97
N LEU A 10 18.32 -12.29 -19.94
CA LEU A 10 17.50 -11.91 -18.80
C LEU A 10 16.95 -10.50 -18.97
N GLY A 11 16.07 -10.09 -18.05
CA GLY A 11 15.48 -8.77 -18.11
C GLY A 11 15.23 -8.18 -16.74
N ARG A 12 15.30 -6.85 -16.65
CA ARG A 12 15.07 -6.16 -15.38
C ARG A 12 14.18 -4.95 -15.58
N ASN A 13 12.89 -5.18 -15.84
CA ASN A 13 11.94 -4.11 -16.05
C ASN A 13 10.51 -4.58 -15.79
N SER A 14 9.99 -4.27 -14.61
CA SER A 14 8.63 -4.67 -14.24
C SER A 14 7.69 -3.48 -14.30
N ASN A 15 6.50 -3.70 -14.86
CA ASN A 15 5.50 -2.65 -14.97
C ASN A 15 4.79 -2.42 -13.63
N SER A 16 5.47 -1.73 -12.73
CA SER A 16 4.92 -1.44 -11.40
C SER A 16 3.73 -0.48 -11.52
N LYS A 17 2.95 -0.40 -10.45
CA LYS A 17 1.78 0.47 -10.42
C LYS A 17 1.52 0.98 -9.00
N ARG A 18 0.78 2.09 -8.90
CA ARG A 18 0.46 2.68 -7.61
C ARG A 18 -1.04 2.82 -7.44
N LEU A 19 -1.51 2.70 -6.20
CA LEU A 19 -2.93 2.81 -5.90
C LEU A 19 -3.15 3.54 -4.57
N LEU A 20 -4.39 3.98 -4.34
CA LEU A 20 -4.73 4.68 -3.11
C LEU A 20 -5.96 4.06 -2.45
N GLY A 21 -6.13 4.33 -1.16
CA GLY A 21 -7.26 3.78 -0.43
C GLY A 21 -7.59 4.59 0.81
N TYR A 22 -8.28 3.96 1.75
CA TYR A 22 -8.66 4.62 3.00
C TYR A 22 -8.58 3.66 4.18
N VAL A 23 -7.94 4.10 5.25
CA VAL A 23 -7.79 3.28 6.45
C VAL A 23 -9.15 2.85 7.00
N ALA A 24 -9.50 1.60 6.77
CA ALA A 24 -10.77 1.07 7.25
C ALA A 24 -10.72 0.75 8.73
N THR A 25 -9.70 0.00 9.14
CA THR A 25 -9.53 -0.38 10.54
C THR A 25 -8.06 -0.39 10.93
N LEU A 26 -7.75 0.18 12.09
CA LEU A 26 -6.38 0.24 12.58
C LEU A 26 -6.27 -0.40 13.97
N LYS A 27 -5.62 -1.56 14.03
CA LYS A 27 -5.44 -2.28 15.28
C LYS A 27 -4.07 -1.98 15.88
N ASP A 28 -3.73 -2.71 16.94
CA ASP A 28 -2.44 -2.53 17.61
C ASP A 28 -1.43 -3.56 17.11
N ASN A 29 -1.38 -3.75 15.79
CA ASN A 29 -0.45 -4.71 15.20
C ASN A 29 -0.54 -4.68 13.68
N PHE A 30 -1.78 -4.58 13.17
CA PHE A 30 -2.00 -4.54 11.72
C PHE A 30 -3.23 -3.70 11.40
N GLY A 31 -3.32 -3.28 10.13
CA GLY A 31 -4.44 -2.46 9.71
C GLY A 31 -5.07 -2.97 8.43
N PHE A 32 -6.12 -2.29 7.98
CA PHE A 32 -6.83 -2.68 6.76
C PHE A 32 -7.16 -1.45 5.92
N ILE A 33 -7.16 -1.63 4.60
CA ILE A 33 -7.47 -0.55 3.67
C ILE A 33 -8.71 -0.86 2.85
N GLU A 34 -9.67 0.05 2.86
CA GLU A 34 -10.90 -0.13 2.10
C GLU A 34 -10.81 0.55 0.74
N THR A 35 -11.26 -0.16 -0.30
CA THR A 35 -11.22 0.38 -1.65
C THR A 35 -12.37 1.34 -1.90
N ALA A 36 -12.28 2.12 -2.98
CA ALA A 36 -13.32 3.07 -3.32
C ALA A 36 -14.67 2.39 -3.51
N ASN A 37 -14.63 1.16 -4.02
CA ASN A 37 -15.85 0.40 -4.24
C ASN A 37 -16.38 -0.18 -2.94
N HIS A 38 -15.49 -0.36 -1.96
CA HIS A 38 -15.87 -0.89 -0.66
C HIS A 38 -16.41 -2.31 -0.81
N ASP A 39 -15.90 -3.05 -1.78
CA ASP A 39 -16.34 -4.42 -2.02
C ASP A 39 -15.30 -5.42 -1.51
N LYS A 40 -14.04 -5.00 -1.50
CA LYS A 40 -12.95 -5.85 -1.05
C LYS A 40 -12.20 -5.21 0.11
N GLU A 41 -11.22 -5.94 0.66
CA GLU A 41 -10.43 -5.42 1.77
C GLU A 41 -8.95 -5.72 1.55
N ILE A 42 -8.10 -5.02 2.31
CA ILE A 42 -6.65 -5.21 2.20
C ILE A 42 -6.03 -5.50 3.56
N PHE A 43 -4.99 -6.32 3.55
CA PHE A 43 -4.31 -6.69 4.79
C PHE A 43 -2.81 -6.36 4.71
N PHE A 44 -2.37 -5.46 5.58
CA PHE A 44 -0.98 -5.04 5.60
C PHE A 44 -0.44 -5.03 7.03
N HIS A 45 0.76 -5.57 7.21
CA HIS A 45 1.39 -5.62 8.53
C HIS A 45 2.12 -4.31 8.84
N TYR A 46 2.24 -4.01 10.12
CA TYR A 46 2.92 -2.78 10.55
C TYR A 46 4.34 -2.72 10.00
N SER A 47 4.99 -3.88 9.94
CA SER A 47 6.36 -3.95 9.44
C SER A 47 6.43 -3.61 7.97
N GLU A 48 5.32 -3.86 7.26
CA GLU A 48 5.25 -3.57 5.82
C GLU A 48 5.08 -2.07 5.58
N PHE A 49 4.50 -1.38 6.56
CA PHE A 49 4.28 0.06 6.44
C PHE A 49 5.56 0.83 6.76
N SER A 50 5.92 1.76 5.89
CA SER A 50 7.13 2.56 6.07
C SER A 50 6.76 4.01 6.38
N GLY A 51 6.92 4.39 7.64
CA GLY A 51 6.61 5.76 8.05
C GLY A 51 6.01 5.82 9.44
N ASP A 52 5.10 6.77 9.65
CA ASP A 52 4.44 6.93 10.93
C ASP A 52 3.09 6.24 10.95
N VAL A 53 3.10 4.93 11.13
CA VAL A 53 1.87 4.14 11.16
C VAL A 53 1.04 4.48 12.40
N ASP A 54 1.72 4.94 13.45
CA ASP A 54 1.05 5.30 14.69
C ASP A 54 0.23 6.57 14.51
N SER A 55 0.74 7.49 13.71
CA SER A 55 0.06 8.76 13.46
C SER A 55 -1.16 8.56 12.57
N LEU A 56 -1.10 7.54 11.72
CA LEU A 56 -2.21 7.24 10.82
C LEU A 56 -3.52 7.12 11.58
N GLU A 57 -4.63 7.42 10.89
CA GLU A 57 -5.95 7.34 11.51
C GLU A 57 -6.96 6.75 10.54
N LEU A 58 -8.23 6.76 10.94
CA LEU A 58 -9.30 6.22 10.11
C LEU A 58 -9.77 7.25 9.09
N GLY A 59 -9.70 6.89 7.81
CA GLY A 59 -10.12 7.79 6.75
C GLY A 59 -8.95 8.34 5.97
N ASP A 60 -7.81 8.52 6.63
CA ASP A 60 -6.62 9.06 5.99
C ASP A 60 -6.25 8.23 4.75
N MET A 61 -5.68 8.88 3.76
CA MET A 61 -5.29 8.20 2.52
C MET A 61 -3.91 7.55 2.68
N VAL A 62 -3.67 6.50 1.91
CA VAL A 62 -2.41 5.78 1.96
C VAL A 62 -2.04 5.22 0.60
N GLU A 63 -0.73 5.07 0.35
CA GLU A 63 -0.25 4.55 -0.91
C GLU A 63 0.15 3.08 -0.78
N TYR A 64 -0.37 2.24 -1.68
CA TYR A 64 -0.08 0.82 -1.66
C TYR A 64 -0.21 0.21 -3.05
N SER A 65 0.05 -1.08 -3.15
CA SER A 65 -0.03 -1.78 -4.43
C SER A 65 -0.38 -3.25 -4.22
N LEU A 66 -0.70 -3.94 -5.32
CA LEU A 66 -1.04 -5.36 -5.25
C LEU A 66 -0.19 -6.17 -6.21
N SER A 67 0.16 -7.38 -5.80
CA SER A 67 0.98 -8.27 -6.62
C SER A 67 0.20 -8.78 -7.82
N LYS A 68 0.78 -9.73 -8.55
CA LYS A 68 0.14 -10.30 -9.72
C LYS A 68 -0.25 -11.75 -9.48
N GLY A 69 -1.39 -12.16 -10.03
CA GLY A 69 -1.84 -13.53 -9.86
C GLY A 69 -3.09 -13.62 -8.99
N LYS A 70 -3.28 -14.77 -8.35
CA LYS A 70 -4.44 -14.97 -7.50
C LYS A 70 -4.11 -15.98 -6.38
N GLY A 71 -2.97 -15.78 -5.74
CA GLY A 71 -2.58 -16.66 -4.66
C GLY A 71 -3.05 -16.18 -3.31
N ASN A 72 -4.04 -16.88 -2.75
CA ASN A 72 -4.59 -16.53 -1.44
C ASN A 72 -5.20 -15.12 -1.48
N LYS A 73 -5.74 -14.69 -0.34
CA LYS A 73 -6.35 -13.37 -0.25
C LYS A 73 -5.39 -12.29 -0.74
N VAL A 74 -5.94 -11.11 -1.02
CA VAL A 74 -5.14 -9.98 -1.49
C VAL A 74 -4.62 -9.15 -0.33
N SER A 75 -3.37 -8.71 -0.46
CA SER A 75 -2.74 -7.90 0.58
C SER A 75 -1.84 -6.83 -0.03
N ALA A 76 -1.56 -5.79 0.75
CA ALA A 76 -0.70 -4.71 0.28
C ALA A 76 0.75 -4.94 0.69
N GLU A 77 1.67 -4.25 0.00
CA GLU A 77 3.09 -4.38 0.29
C GLU A 77 3.79 -3.04 0.23
N LYS A 78 4.68 -2.79 1.20
CA LYS A 78 5.41 -1.54 1.27
C LYS A 78 4.46 -0.34 1.23
N VAL A 79 3.58 -0.25 2.23
CA VAL A 79 2.63 0.84 2.30
C VAL A 79 3.26 2.10 2.90
N ASN A 80 2.81 3.26 2.43
CA ASN A 80 3.35 4.53 2.91
C ASN A 80 2.29 5.63 2.82
N LYS A 81 2.19 6.43 3.87
CA LYS A 81 1.21 7.52 3.91
C LYS A 81 1.42 8.47 2.74
N THR A 82 0.32 9.02 2.22
CA THR A 82 0.38 9.95 1.10
C THR A 82 -0.43 11.20 1.38
N SER A 83 -0.14 12.27 0.64
CA SER A 83 -0.85 13.54 0.81
C SER A 83 -2.03 13.63 -0.15
N GLY A 84 -1.79 13.26 -1.40
CA GLY A 84 -2.84 13.32 -2.40
C GLY A 84 -2.82 14.60 -3.20
N PRO A 85 -3.64 14.66 -4.27
CA PRO A 85 -3.72 15.84 -5.14
C PRO A 85 -4.36 17.03 -4.44
N SER A 86 -3.60 18.11 -4.29
CA SER A 86 -4.09 19.31 -3.65
C SER A 86 -3.19 20.51 -3.95
N SER A 87 -3.79 21.56 -4.50
CA SER A 87 -3.04 22.76 -4.85
C SER A 87 -3.56 23.97 -4.09
N GLY A 88 -2.66 24.65 -3.38
CA GLY A 88 -3.05 25.82 -2.61
C GLY A 88 -3.26 27.04 -3.48
N GLY A 1 20.21 30.72 -24.77
CA GLY A 1 21.17 29.66 -24.52
C GLY A 1 20.80 28.36 -25.21
N SER A 2 21.74 27.43 -25.24
CA SER A 2 21.51 26.13 -25.87
C SER A 2 20.75 25.20 -24.94
N SER A 3 20.47 23.98 -25.42
CA SER A 3 19.74 23.00 -24.62
C SER A 3 20.71 22.02 -23.97
N GLY A 4 20.40 21.61 -22.74
CA GLY A 4 21.24 20.68 -22.03
C GLY A 4 21.31 19.32 -22.71
N SER A 5 20.34 18.46 -22.42
CA SER A 5 20.31 17.12 -23.01
C SER A 5 21.59 16.36 -22.69
N SER A 6 21.79 16.07 -21.41
CA SER A 6 22.98 15.35 -20.97
C SER A 6 22.88 13.87 -21.35
N GLY A 7 21.71 13.29 -21.14
CA GLY A 7 21.50 11.89 -21.46
C GLY A 7 20.52 11.21 -20.53
N ARG A 8 19.28 11.70 -20.54
CA ARG A 8 18.24 11.13 -19.69
C ARG A 8 16.88 11.78 -19.99
N LEU A 9 15.84 11.26 -19.37
CA LEU A 9 14.49 11.78 -19.57
C LEU A 9 13.71 11.80 -18.25
N LEU A 10 12.50 12.33 -18.30
CA LEU A 10 11.65 12.41 -17.11
C LEU A 10 10.23 11.99 -17.44
N GLY A 11 10.06 10.71 -17.78
CA GLY A 11 8.75 10.19 -18.10
C GLY A 11 8.77 8.73 -18.50
N ARG A 12 9.22 7.88 -17.57
CA ARG A 12 9.30 6.45 -17.83
C ARG A 12 7.96 5.77 -17.56
N ASN A 13 7.90 4.47 -17.83
CA ASN A 13 6.68 3.70 -17.61
C ASN A 13 6.93 2.21 -17.80
N SER A 14 7.11 1.50 -16.68
CA SER A 14 7.37 0.07 -16.71
C SER A 14 7.35 -0.53 -15.31
N ASN A 15 6.47 -1.50 -15.10
CA ASN A 15 6.35 -2.15 -13.80
C ASN A 15 5.93 -1.15 -12.73
N SER A 16 4.88 -0.40 -13.01
CA SER A 16 4.38 0.61 -12.07
C SER A 16 2.88 0.44 -11.85
N LYS A 17 2.46 0.55 -10.60
CA LYS A 17 1.04 0.42 -10.25
C LYS A 17 0.75 1.05 -8.89
N ARG A 18 0.43 2.33 -8.90
CA ARG A 18 0.13 3.06 -7.67
C ARG A 18 -1.37 3.11 -7.42
N LEU A 19 -1.78 2.85 -6.19
CA LEU A 19 -3.19 2.88 -5.83
C LEU A 19 -3.40 3.60 -4.50
N LEU A 20 -4.62 4.08 -4.28
CA LEU A 20 -4.95 4.79 -3.05
C LEU A 20 -6.12 4.12 -2.34
N GLY A 21 -6.14 4.22 -1.01
CA GLY A 21 -7.21 3.62 -0.24
C GLY A 21 -7.53 4.42 1.01
N TYR A 22 -8.52 3.95 1.77
CA TYR A 22 -8.92 4.63 2.99
C TYR A 22 -8.84 3.70 4.19
N VAL A 23 -8.17 4.16 5.25
CA VAL A 23 -8.00 3.37 6.46
C VAL A 23 -9.35 3.03 7.08
N ALA A 24 -9.82 1.81 6.85
CA ALA A 24 -11.10 1.36 7.39
C ALA A 24 -10.99 1.05 8.87
N THR A 25 -9.90 0.37 9.24
CA THR A 25 -9.68 0.00 10.64
C THR A 25 -8.19 -0.14 10.94
N LEU A 26 -7.79 0.29 12.13
CA LEU A 26 -6.39 0.21 12.54
C LEU A 26 -6.25 -0.50 13.89
N LYS A 27 -5.54 -1.61 13.89
CA LYS A 27 -5.32 -2.39 15.11
C LYS A 27 -3.92 -2.15 15.67
N ASP A 28 -3.58 -2.89 16.71
CA ASP A 28 -2.27 -2.77 17.34
C ASP A 28 -1.30 -3.81 16.79
N ASN A 29 -1.40 -4.08 15.49
CA ASN A 29 -0.53 -5.06 14.84
C ASN A 29 -0.65 -4.98 13.32
N PHE A 30 -1.88 -4.90 12.83
CA PHE A 30 -2.13 -4.82 11.40
C PHE A 30 -3.37 -3.97 11.12
N GLY A 31 -3.33 -3.23 10.00
CA GLY A 31 -4.45 -2.38 9.64
C GLY A 31 -5.19 -2.90 8.42
N PHE A 32 -6.30 -2.25 8.09
CA PHE A 32 -7.10 -2.66 6.95
C PHE A 32 -7.43 -1.45 6.06
N ILE A 33 -7.42 -1.67 4.76
CA ILE A 33 -7.72 -0.61 3.80
C ILE A 33 -8.97 -0.93 2.99
N GLU A 34 -9.83 0.07 2.82
CA GLU A 34 -11.07 -0.11 2.05
C GLU A 34 -10.93 0.46 0.65
N THR A 35 -11.33 -0.33 -0.35
CA THR A 35 -11.24 0.10 -1.75
C THR A 35 -12.36 1.07 -2.09
N ALA A 36 -12.11 1.91 -3.08
CA ALA A 36 -13.11 2.88 -3.52
C ALA A 36 -14.41 2.21 -3.92
N ASN A 37 -14.30 1.03 -4.52
CA ASN A 37 -15.47 0.27 -4.95
C ASN A 37 -16.22 -0.30 -3.76
N HIS A 38 -15.50 -0.49 -2.66
CA HIS A 38 -16.09 -1.04 -1.45
C HIS A 38 -16.60 -2.46 -1.68
N ASP A 39 -15.69 -3.42 -1.61
CA ASP A 39 -16.04 -4.83 -1.81
C ASP A 39 -14.98 -5.75 -1.22
N LYS A 40 -13.71 -5.38 -1.42
CA LYS A 40 -12.61 -6.17 -0.89
C LYS A 40 -11.69 -5.33 -0.01
N GLU A 41 -11.18 -5.94 1.05
CA GLU A 41 -10.30 -5.23 1.97
C GLU A 41 -8.83 -5.62 1.74
N ILE A 42 -7.92 -4.91 2.38
CA ILE A 42 -6.50 -5.17 2.24
C ILE A 42 -5.85 -5.47 3.60
N PHE A 43 -4.83 -6.32 3.59
CA PHE A 43 -4.14 -6.68 4.81
C PHE A 43 -2.65 -6.33 4.72
N PHE A 44 -2.22 -5.38 5.53
CA PHE A 44 -0.82 -4.96 5.54
C PHE A 44 -0.24 -5.01 6.94
N HIS A 45 0.94 -5.61 7.08
CA HIS A 45 1.61 -5.72 8.37
C HIS A 45 2.33 -4.43 8.72
N TYR A 46 2.37 -4.10 10.01
CA TYR A 46 3.02 -2.90 10.48
C TYR A 46 4.47 -2.84 10.00
N SER A 47 5.14 -4.00 9.99
CA SER A 47 6.52 -4.08 9.55
C SER A 47 6.64 -3.74 8.07
N GLU A 48 5.58 -4.01 7.31
CA GLU A 48 5.57 -3.73 5.89
C GLU A 48 5.35 -2.24 5.62
N PHE A 49 4.68 -1.57 6.56
CA PHE A 49 4.41 -0.14 6.44
C PHE A 49 5.64 0.68 6.75
N SER A 50 5.84 1.76 5.98
CA SER A 50 6.99 2.63 6.17
C SER A 50 6.60 4.10 6.00
N GLY A 51 6.39 4.78 7.12
CA GLY A 51 6.02 6.18 7.08
C GLY A 51 5.06 6.55 8.20
N ASP A 52 5.42 6.20 9.42
CA ASP A 52 4.59 6.50 10.59
C ASP A 52 3.24 5.80 10.49
N VAL A 53 3.17 4.59 11.03
CA VAL A 53 1.93 3.82 11.00
C VAL A 53 1.06 4.12 12.22
N ASP A 54 1.70 4.50 13.31
CA ASP A 54 1.00 4.82 14.55
C ASP A 54 0.31 6.18 14.45
N SER A 55 0.91 7.08 13.67
CA SER A 55 0.36 8.42 13.49
C SER A 55 -0.89 8.38 12.62
N LEU A 56 -0.95 7.39 11.73
CA LEU A 56 -2.09 7.24 10.84
C LEU A 56 -3.41 7.22 11.61
N GLU A 57 -4.51 7.48 10.91
CA GLU A 57 -5.83 7.49 11.54
C GLU A 57 -6.88 6.91 10.60
N LEU A 58 -8.11 6.81 11.10
CA LEU A 58 -9.21 6.27 10.30
C LEU A 58 -9.66 7.26 9.25
N GLY A 59 -9.74 6.80 8.00
CA GLY A 59 -10.16 7.66 6.91
C GLY A 59 -8.98 8.23 6.13
N ASP A 60 -7.83 8.32 6.79
CA ASP A 60 -6.63 8.84 6.14
C ASP A 60 -6.32 8.08 4.86
N MET A 61 -5.74 8.78 3.89
CA MET A 61 -5.39 8.18 2.61
C MET A 61 -3.98 7.60 2.64
N VAL A 62 -3.79 6.47 1.97
CA VAL A 62 -2.48 5.83 1.93
C VAL A 62 -2.18 5.28 0.54
N GLU A 63 -0.93 4.94 0.30
CA GLU A 63 -0.51 4.41 -1.00
C GLU A 63 0.12 3.03 -0.84
N TYR A 64 -0.21 2.12 -1.76
CA TYR A 64 0.32 0.77 -1.72
C TYR A 64 0.35 0.16 -3.12
N SER A 65 0.95 -1.02 -3.23
CA SER A 65 1.06 -1.72 -4.51
C SER A 65 0.54 -3.14 -4.40
N LEU A 66 0.43 -3.82 -5.54
CA LEU A 66 -0.05 -5.20 -5.56
C LEU A 66 0.89 -6.08 -6.38
N SER A 67 0.93 -7.37 -6.04
CA SER A 67 1.79 -8.31 -6.74
C SER A 67 1.21 -9.73 -6.67
N LYS A 68 1.21 -10.41 -7.80
CA LYS A 68 0.68 -11.78 -7.88
C LYS A 68 1.74 -12.78 -7.42
N GLY A 69 1.28 -13.87 -6.80
CA GLY A 69 2.20 -14.90 -6.33
C GLY A 69 1.51 -15.92 -5.45
N LYS A 70 2.31 -16.62 -4.64
CA LYS A 70 1.77 -17.64 -3.75
C LYS A 70 0.66 -17.07 -2.87
N GLY A 71 -0.59 -17.42 -3.20
CA GLY A 71 -1.71 -16.92 -2.43
C GLY A 71 -2.84 -16.43 -3.32
N ASN A 72 -4.06 -16.84 -3.01
CA ASN A 72 -5.23 -16.44 -3.79
C ASN A 72 -5.68 -15.04 -3.40
N LYS A 73 -5.79 -14.80 -2.10
CA LYS A 73 -6.20 -13.49 -1.60
C LYS A 73 -5.24 -12.40 -2.04
N VAL A 74 -5.65 -11.15 -1.89
CA VAL A 74 -4.82 -10.01 -2.27
C VAL A 74 -4.45 -9.17 -1.06
N SER A 75 -3.18 -8.83 -0.95
CA SER A 75 -2.70 -8.02 0.17
C SER A 75 -1.80 -6.89 -0.33
N ALA A 76 -1.54 -5.93 0.55
CA ALA A 76 -0.70 -4.79 0.20
C ALA A 76 0.76 -5.06 0.58
N GLU A 77 1.66 -4.21 0.08
CA GLU A 77 3.08 -4.35 0.36
C GLU A 77 3.80 -3.01 0.23
N LYS A 78 4.75 -2.78 1.13
CA LYS A 78 5.51 -1.54 1.13
C LYS A 78 4.59 -0.32 1.25
N VAL A 79 3.56 -0.45 2.08
CA VAL A 79 2.60 0.63 2.28
C VAL A 79 3.28 1.87 2.86
N ASN A 80 2.86 3.04 2.39
CA ASN A 80 3.43 4.30 2.87
C ASN A 80 2.42 5.44 2.72
N LYS A 81 2.34 6.27 3.76
CA LYS A 81 1.41 7.40 3.74
C LYS A 81 1.70 8.33 2.57
N THR A 82 0.67 9.03 2.12
CA THR A 82 0.81 9.95 0.99
C THR A 82 -0.13 11.14 1.15
N SER A 83 0.28 12.28 0.60
CA SER A 83 -0.51 13.50 0.67
C SER A 83 -1.55 13.55 -0.46
N GLY A 84 -2.74 13.05 -0.17
CA GLY A 84 -3.79 13.04 -1.17
C GLY A 84 -4.63 14.30 -1.13
N PRO A 85 -5.64 14.37 -2.01
CA PRO A 85 -6.54 15.53 -2.10
C PRO A 85 -7.46 15.64 -0.88
N SER A 86 -7.42 16.79 -0.22
CA SER A 86 -8.24 17.02 0.96
C SER A 86 -8.55 18.51 1.13
N SER A 87 -7.50 19.29 1.39
CA SER A 87 -7.65 20.73 1.58
C SER A 87 -7.56 21.46 0.24
N GLY A 88 -8.66 22.09 -0.16
CA GLY A 88 -8.69 22.82 -1.42
C GLY A 88 -8.32 24.27 -1.25
N GLY A 1 20.03 -28.59 17.65
CA GLY A 1 20.06 -27.54 16.64
C GLY A 1 20.15 -28.09 15.23
N SER A 2 19.00 -28.27 14.60
CA SER A 2 18.95 -28.80 13.24
C SER A 2 17.73 -28.28 12.49
N SER A 3 17.93 -27.20 11.74
CA SER A 3 16.84 -26.58 10.98
C SER A 3 16.96 -26.94 9.49
N GLY A 4 15.84 -26.83 8.78
CA GLY A 4 15.83 -27.14 7.37
C GLY A 4 15.90 -25.89 6.50
N SER A 5 16.06 -26.09 5.20
CA SER A 5 16.14 -24.97 4.26
C SER A 5 15.18 -25.18 3.09
N SER A 6 14.06 -24.46 3.11
CA SER A 6 13.07 -24.56 2.06
C SER A 6 12.65 -23.18 1.57
N GLY A 7 11.80 -23.16 0.54
CA GLY A 7 11.33 -21.89 0.00
C GLY A 7 11.35 -21.88 -1.52
N ARG A 8 11.57 -20.70 -2.09
CA ARG A 8 11.61 -20.56 -3.55
C ARG A 8 12.28 -19.24 -3.95
N LEU A 9 12.90 -19.24 -5.12
CA LEU A 9 13.58 -18.04 -5.61
C LEU A 9 12.76 -17.38 -6.72
N LEU A 10 12.13 -18.19 -7.56
CA LEU A 10 11.31 -17.69 -8.65
C LEU A 10 12.14 -16.80 -9.58
N GLY A 11 11.50 -16.29 -10.63
CA GLY A 11 12.19 -15.44 -11.57
C GLY A 11 12.34 -14.02 -11.08
N ARG A 12 12.00 -13.05 -11.92
CA ARG A 12 12.11 -11.64 -11.56
C ARG A 12 10.83 -10.89 -11.94
N ASN A 13 9.94 -10.73 -10.98
CA ASN A 13 8.68 -10.03 -11.20
C ASN A 13 8.87 -8.52 -11.11
N SER A 14 8.63 -7.82 -12.20
CA SER A 14 8.78 -6.38 -12.24
C SER A 14 7.44 -5.68 -11.99
N ASN A 15 7.28 -5.14 -10.79
CA ASN A 15 6.05 -4.45 -10.42
C ASN A 15 6.15 -2.95 -10.70
N SER A 16 5.01 -2.33 -11.00
CA SER A 16 4.98 -0.91 -11.30
C SER A 16 3.56 -0.37 -11.22
N LYS A 17 2.77 -0.92 -10.30
CA LYS A 17 1.39 -0.50 -10.12
C LYS A 17 1.25 0.39 -8.88
N ARG A 18 0.21 1.22 -8.88
CA ARG A 18 -0.03 2.13 -7.76
C ARG A 18 -1.53 2.31 -7.54
N LEU A 19 -1.95 2.20 -6.28
CA LEU A 19 -3.36 2.36 -5.93
C LEU A 19 -3.50 3.03 -4.57
N LEU A 20 -4.58 3.80 -4.41
CA LEU A 20 -4.84 4.49 -3.16
C LEU A 20 -6.06 3.90 -2.45
N GLY A 21 -6.32 4.38 -1.23
CA GLY A 21 -7.45 3.88 -0.46
C GLY A 21 -7.67 4.67 0.81
N TYR A 22 -8.35 4.05 1.77
CA TYR A 22 -8.64 4.70 3.04
C TYR A 22 -8.56 3.71 4.19
N VAL A 23 -7.80 4.05 5.23
CA VAL A 23 -7.66 3.18 6.39
C VAL A 23 -9.01 2.86 7.00
N ALA A 24 -9.48 1.63 6.78
CA ALA A 24 -10.76 1.20 7.32
C ALA A 24 -10.68 0.97 8.83
N THR A 25 -9.72 0.15 9.24
CA THR A 25 -9.54 -0.15 10.65
C THR A 25 -8.05 -0.30 11.00
N LEU A 26 -7.66 0.23 12.14
CA LEU A 26 -6.27 0.15 12.59
C LEU A 26 -6.17 -0.57 13.93
N LYS A 27 -5.77 -1.83 13.89
CA LYS A 27 -5.62 -2.63 15.10
C LYS A 27 -4.25 -2.41 15.73
N ASP A 28 -3.96 -3.18 16.78
CA ASP A 28 -2.68 -3.08 17.48
C ASP A 28 -1.68 -4.09 16.93
N ASN A 29 -1.71 -4.31 15.63
CA ASN A 29 -0.81 -5.27 14.99
C ASN A 29 -0.82 -5.10 13.47
N PHE A 30 -2.02 -4.94 12.91
CA PHE A 30 -2.16 -4.76 11.47
C PHE A 30 -3.39 -3.91 11.15
N GLY A 31 -3.31 -3.16 10.05
CA GLY A 31 -4.41 -2.31 9.66
C GLY A 31 -5.07 -2.78 8.37
N PHE A 32 -6.21 -2.19 8.05
CA PHE A 32 -6.94 -2.55 6.84
C PHE A 32 -7.22 -1.32 5.98
N ILE A 33 -7.35 -1.53 4.67
CA ILE A 33 -7.62 -0.45 3.75
C ILE A 33 -8.75 -0.81 2.79
N GLU A 34 -9.84 -0.04 2.85
CA GLU A 34 -10.99 -0.29 1.98
C GLU A 34 -10.87 0.51 0.68
N THR A 35 -10.86 -0.20 -0.44
CA THR A 35 -10.75 0.44 -1.74
C THR A 35 -11.90 1.39 -1.99
N ALA A 36 -11.78 2.21 -3.04
CA ALA A 36 -12.81 3.17 -3.38
C ALA A 36 -14.13 2.47 -3.70
N ASN A 37 -14.03 1.26 -4.25
CA ASN A 37 -15.21 0.49 -4.61
C ASN A 37 -15.83 -0.17 -3.37
N HIS A 38 -15.01 -0.36 -2.35
CA HIS A 38 -15.48 -0.98 -1.11
C HIS A 38 -15.97 -2.41 -1.37
N ASP A 39 -15.34 -3.09 -2.31
CA ASP A 39 -15.71 -4.46 -2.64
C ASP A 39 -14.71 -5.45 -2.07
N LYS A 40 -13.45 -5.06 -2.03
CA LYS A 40 -12.39 -5.92 -1.49
C LYS A 40 -11.62 -5.20 -0.39
N GLU A 41 -11.11 -5.97 0.56
CA GLU A 41 -10.35 -5.42 1.67
C GLU A 41 -8.86 -5.69 1.51
N ILE A 42 -8.04 -4.88 2.15
CA ILE A 42 -6.59 -5.03 2.08
C ILE A 42 -5.99 -5.36 3.44
N PHE A 43 -4.91 -6.13 3.44
CA PHE A 43 -4.25 -6.51 4.68
C PHE A 43 -2.76 -6.19 4.62
N PHE A 44 -2.33 -5.27 5.48
CA PHE A 44 -0.93 -4.86 5.53
C PHE A 44 -0.38 -4.97 6.95
N HIS A 45 0.87 -5.42 7.06
CA HIS A 45 1.51 -5.56 8.36
C HIS A 45 2.25 -4.28 8.75
N TYR A 46 2.42 -4.08 10.05
CA TYR A 46 3.10 -2.90 10.56
C TYR A 46 4.53 -2.84 10.05
N SER A 47 5.18 -4.00 10.01
CA SER A 47 6.57 -4.07 9.54
C SER A 47 6.66 -3.73 8.06
N GLU A 48 5.58 -3.99 7.32
CA GLU A 48 5.54 -3.70 5.89
C GLU A 48 5.34 -2.21 5.64
N PHE A 49 4.71 -1.53 6.60
CA PHE A 49 4.45 -0.11 6.48
C PHE A 49 5.71 0.71 6.77
N SER A 50 6.05 1.62 5.86
CA SER A 50 7.24 2.45 6.02
C SER A 50 6.85 3.90 6.28
N GLY A 51 7.17 4.38 7.47
CA GLY A 51 6.84 5.76 7.82
C GLY A 51 6.30 5.88 9.22
N ASP A 52 5.07 6.38 9.33
CA ASP A 52 4.43 6.55 10.64
C ASP A 52 3.08 5.84 10.67
N VAL A 53 3.10 4.58 11.09
CA VAL A 53 1.87 3.79 11.17
C VAL A 53 1.12 4.07 12.47
N ASP A 54 1.86 4.46 13.49
CA ASP A 54 1.26 4.77 14.79
C ASP A 54 0.49 6.09 14.74
N SER A 55 1.04 7.06 14.02
CA SER A 55 0.41 8.36 13.90
C SER A 55 -0.82 8.29 12.99
N LEU A 56 -0.82 7.33 12.07
CA LEU A 56 -1.93 7.15 11.15
C LEU A 56 -3.25 7.04 11.90
N GLU A 57 -4.34 7.31 11.20
CA GLU A 57 -5.68 7.25 11.80
C GLU A 57 -6.67 6.58 10.87
N LEU A 58 -7.93 6.56 11.27
CA LEU A 58 -8.98 5.94 10.46
C LEU A 58 -9.53 6.92 9.43
N GLY A 59 -9.51 6.52 8.16
CA GLY A 59 -10.02 7.38 7.11
C GLY A 59 -8.90 8.01 6.30
N ASP A 60 -7.76 8.21 6.93
CA ASP A 60 -6.61 8.81 6.26
C ASP A 60 -6.27 8.06 4.97
N MET A 61 -5.72 8.78 4.00
CA MET A 61 -5.35 8.19 2.72
C MET A 61 -3.96 7.58 2.78
N VAL A 62 -3.74 6.52 2.02
CA VAL A 62 -2.45 5.84 2.00
C VAL A 62 -2.18 5.24 0.62
N GLU A 63 -0.90 5.00 0.33
CA GLU A 63 -0.51 4.42 -0.95
C GLU A 63 -0.01 2.99 -0.77
N TYR A 64 -0.36 2.12 -1.72
CA TYR A 64 0.06 0.72 -1.67
C TYR A 64 -0.05 0.07 -3.05
N SER A 65 0.53 -1.11 -3.18
CA SER A 65 0.51 -1.84 -4.44
C SER A 65 0.10 -3.29 -4.23
N LEU A 66 -0.16 -4.00 -5.32
CA LEU A 66 -0.56 -5.40 -5.25
C LEU A 66 0.42 -6.28 -6.03
N SER A 67 0.58 -7.53 -5.57
CA SER A 67 1.48 -8.45 -6.21
C SER A 67 0.72 -9.47 -7.05
N LYS A 68 1.38 -10.02 -8.06
CA LYS A 68 0.76 -11.00 -8.94
C LYS A 68 0.79 -12.40 -8.32
N GLY A 69 -0.23 -13.19 -8.60
CA GLY A 69 -0.31 -14.53 -8.07
C GLY A 69 -1.73 -15.03 -7.92
N LYS A 70 -1.89 -16.25 -7.44
CA LYS A 70 -3.21 -16.84 -7.25
C LYS A 70 -3.26 -17.67 -5.97
N GLY A 71 -4.07 -17.23 -5.01
CA GLY A 71 -4.20 -17.95 -3.76
C GLY A 71 -4.43 -17.01 -2.58
N ASN A 72 -5.45 -17.31 -1.80
CA ASN A 72 -5.79 -16.48 -0.63
C ASN A 72 -6.13 -15.06 -1.05
N LYS A 73 -6.65 -14.28 -0.11
CA LYS A 73 -7.04 -12.90 -0.38
C LYS A 73 -5.80 -12.06 -0.75
N VAL A 74 -6.04 -10.91 -1.38
CA VAL A 74 -4.97 -10.02 -1.78
C VAL A 74 -4.57 -9.08 -0.65
N SER A 75 -3.28 -8.82 -0.52
CA SER A 75 -2.79 -7.93 0.52
C SER A 75 -1.88 -6.85 -0.06
N ALA A 76 -1.59 -5.83 0.73
CA ALA A 76 -0.74 -4.74 0.29
C ALA A 76 0.71 -4.97 0.70
N GLU A 77 1.61 -4.15 0.17
CA GLU A 77 3.03 -4.27 0.47
C GLU A 77 3.73 -2.92 0.36
N LYS A 78 4.69 -2.68 1.25
CA LYS A 78 5.44 -1.43 1.26
C LYS A 78 4.49 -0.23 1.35
N VAL A 79 3.51 -0.32 2.24
CA VAL A 79 2.54 0.76 2.43
C VAL A 79 3.21 1.99 3.02
N ASN A 80 2.86 3.15 2.49
CA ASN A 80 3.42 4.42 2.99
C ASN A 80 2.35 5.50 3.02
N LYS A 81 2.48 6.43 3.96
CA LYS A 81 1.54 7.53 4.10
C LYS A 81 1.71 8.55 2.97
N THR A 82 0.60 8.94 2.36
CA THR A 82 0.64 9.90 1.26
C THR A 82 -0.36 11.03 1.50
N SER A 83 -0.47 11.47 2.75
CA SER A 83 -1.38 12.54 3.11
C SER A 83 -0.72 13.54 4.06
N GLY A 84 0.06 14.46 3.48
CA GLY A 84 0.75 15.46 4.28
C GLY A 84 1.76 16.25 3.48
N PRO A 85 2.32 17.30 4.09
CA PRO A 85 3.32 18.16 3.45
C PRO A 85 4.65 17.46 3.24
N SER A 86 5.02 16.61 4.20
CA SER A 86 6.28 15.87 4.12
C SER A 86 6.16 14.70 3.14
N SER A 87 7.06 14.66 2.16
CA SER A 87 7.05 13.60 1.16
C SER A 87 8.43 12.96 1.04
N GLY A 88 9.14 12.88 2.15
CA GLY A 88 10.46 12.28 2.15
C GLY A 88 11.42 12.99 3.10
N GLY A 1 33.57 4.60 -17.93
CA GLY A 1 32.61 4.79 -19.01
C GLY A 1 31.56 3.70 -19.05
N SER A 2 30.63 3.81 -19.99
CA SER A 2 29.56 2.83 -20.14
C SER A 2 28.77 2.70 -18.84
N SER A 3 27.88 1.71 -18.80
CA SER A 3 27.04 1.48 -17.62
C SER A 3 26.32 2.76 -17.21
N GLY A 4 25.82 3.48 -18.20
CA GLY A 4 25.11 4.72 -17.93
C GLY A 4 23.68 4.48 -17.45
N SER A 5 23.23 5.29 -16.50
CA SER A 5 21.87 5.14 -15.97
C SER A 5 20.85 5.75 -16.91
N SER A 6 19.61 5.32 -16.79
CA SER A 6 18.52 5.82 -17.63
C SER A 6 17.97 7.13 -17.10
N GLY A 7 17.13 7.78 -17.90
CA GLY A 7 16.55 9.04 -17.48
C GLY A 7 16.69 10.12 -18.53
N ARG A 8 15.62 10.37 -19.28
CA ARG A 8 15.63 11.38 -20.33
C ARG A 8 14.21 11.91 -20.59
N LEU A 9 13.58 12.42 -19.53
CA LEU A 9 12.23 12.96 -19.64
C LEU A 9 11.27 11.92 -20.19
N LEU A 10 11.55 10.64 -19.91
CA LEU A 10 10.71 9.55 -20.38
C LEU A 10 9.26 9.74 -19.92
N GLY A 11 9.09 10.10 -18.65
CA GLY A 11 7.76 10.30 -18.12
C GLY A 11 7.11 9.03 -17.64
N ARG A 12 7.92 8.14 -17.06
CA ARG A 12 7.42 6.86 -16.56
C ARG A 12 7.87 6.63 -15.13
N ASN A 13 9.17 6.68 -14.91
CA ASN A 13 9.74 6.47 -13.58
C ASN A 13 9.26 5.14 -12.99
N SER A 14 9.12 4.14 -13.86
CA SER A 14 8.68 2.82 -13.42
C SER A 14 7.29 2.90 -12.79
N ASN A 15 6.27 2.70 -13.61
CA ASN A 15 4.89 2.75 -13.13
C ASN A 15 4.39 1.35 -12.75
N SER A 16 4.25 1.12 -11.44
CA SER A 16 3.79 -0.18 -10.95
C SER A 16 2.28 -0.28 -11.01
N LYS A 17 1.60 0.64 -10.32
CA LYS A 17 0.14 0.66 -10.29
C LYS A 17 -0.38 1.94 -9.64
N ARG A 18 0.20 2.27 -8.49
CA ARG A 18 -0.20 3.48 -7.76
C ARG A 18 -1.70 3.44 -7.44
N LEU A 19 -2.04 2.85 -6.30
CA LEU A 19 -3.43 2.76 -5.88
C LEU A 19 -3.64 3.42 -4.51
N LEU A 20 -4.65 4.25 -4.42
CA LEU A 20 -4.95 4.96 -3.17
C LEU A 20 -6.15 4.32 -2.47
N GLY A 21 -6.20 4.47 -1.15
CA GLY A 21 -7.30 3.91 -0.38
C GLY A 21 -7.55 4.67 0.91
N TYR A 22 -8.46 4.14 1.73
CA TYR A 22 -8.80 4.78 2.99
C TYR A 22 -8.76 3.78 4.14
N VAL A 23 -8.14 4.17 5.24
CA VAL A 23 -8.02 3.31 6.41
C VAL A 23 -9.40 2.79 6.84
N ALA A 24 -9.55 1.47 6.88
CA ALA A 24 -10.81 0.86 7.27
C ALA A 24 -10.79 0.48 8.75
N THR A 25 -9.66 -0.03 9.22
CA THR A 25 -9.52 -0.43 10.61
C THR A 25 -8.05 -0.43 11.03
N LEU A 26 -7.77 0.24 12.15
CA LEU A 26 -6.41 0.31 12.67
C LEU A 26 -6.31 -0.33 14.04
N LYS A 27 -5.74 -1.54 14.09
CA LYS A 27 -5.58 -2.25 15.35
C LYS A 27 -4.22 -1.97 15.97
N ASP A 28 -3.90 -2.69 17.05
CA ASP A 28 -2.62 -2.52 17.73
C ASP A 28 -1.61 -3.55 17.24
N ASN A 29 -1.59 -3.79 15.93
CA ASN A 29 -0.67 -4.75 15.34
C ASN A 29 -0.76 -4.74 13.82
N PHE A 30 -1.98 -4.55 13.31
CA PHE A 30 -2.20 -4.51 11.87
C PHE A 30 -3.44 -3.70 11.53
N GLY A 31 -3.62 -3.40 10.25
CA GLY A 31 -4.77 -2.61 9.82
C GLY A 31 -5.29 -3.05 8.47
N PHE A 32 -6.39 -2.44 8.04
CA PHE A 32 -6.99 -2.77 6.76
C PHE A 32 -7.25 -1.51 5.93
N ILE A 33 -7.19 -1.65 4.61
CA ILE A 33 -7.41 -0.52 3.71
C ILE A 33 -8.62 -0.77 2.81
N GLU A 34 -9.44 0.25 2.64
CA GLU A 34 -10.63 0.15 1.80
C GLU A 34 -10.37 0.69 0.41
N THR A 35 -10.85 -0.02 -0.61
CA THR A 35 -10.66 0.40 -2.00
C THR A 35 -11.72 1.41 -2.41
N ALA A 36 -11.48 2.08 -3.54
CA ALA A 36 -12.41 3.08 -4.05
C ALA A 36 -13.80 2.48 -4.27
N ASN A 37 -13.82 1.20 -4.61
CA ASN A 37 -15.09 0.50 -4.85
C ASN A 37 -15.65 -0.06 -3.55
N HIS A 38 -14.77 -0.29 -2.58
CA HIS A 38 -15.19 -0.83 -1.29
C HIS A 38 -15.84 -2.20 -1.46
N ASP A 39 -15.19 -3.07 -2.22
CA ASP A 39 -15.71 -4.41 -2.45
C ASP A 39 -14.77 -5.47 -1.87
N LYS A 40 -13.50 -5.13 -1.78
CA LYS A 40 -12.49 -6.04 -1.24
C LYS A 40 -11.75 -5.41 -0.07
N GLU A 41 -11.12 -6.25 0.74
CA GLU A 41 -10.38 -5.77 1.90
C GLU A 41 -8.87 -5.98 1.70
N ILE A 42 -8.08 -5.12 2.33
CA ILE A 42 -6.63 -5.20 2.23
C ILE A 42 -5.99 -5.49 3.58
N PHE A 43 -4.88 -6.21 3.56
CA PHE A 43 -4.17 -6.55 4.80
C PHE A 43 -2.69 -6.21 4.69
N PHE A 44 -2.23 -5.34 5.59
CA PHE A 44 -0.83 -4.92 5.60
C PHE A 44 -0.26 -4.98 7.01
N HIS A 45 0.95 -5.51 7.12
CA HIS A 45 1.62 -5.62 8.41
C HIS A 45 2.26 -4.29 8.82
N TYR A 46 2.26 -4.02 10.12
CA TYR A 46 2.82 -2.77 10.63
C TYR A 46 4.28 -2.64 10.21
N SER A 47 4.98 -3.77 10.10
CA SER A 47 6.38 -3.77 9.71
C SER A 47 6.54 -3.40 8.24
N GLU A 48 5.50 -3.68 7.45
CA GLU A 48 5.52 -3.38 6.03
C GLU A 48 5.31 -1.89 5.79
N PHE A 49 4.63 -1.24 6.72
CA PHE A 49 4.36 0.20 6.60
C PHE A 49 5.60 1.01 6.95
N SER A 50 5.94 1.95 6.08
CA SER A 50 7.11 2.80 6.29
C SER A 50 6.69 4.24 6.59
N GLY A 51 6.87 4.65 7.84
CA GLY A 51 6.50 6.01 8.23
C GLY A 51 5.91 6.06 9.62
N ASP A 52 4.81 6.79 9.77
CA ASP A 52 4.16 6.93 11.06
C ASP A 52 2.82 6.19 11.07
N VAL A 53 2.87 4.88 11.30
CA VAL A 53 1.67 4.06 11.34
C VAL A 53 0.86 4.33 12.60
N ASP A 54 1.54 4.78 13.65
CA ASP A 54 0.88 5.07 14.92
C ASP A 54 0.11 6.38 14.84
N SER A 55 0.62 7.31 14.03
CA SER A 55 -0.02 8.61 13.86
C SER A 55 -1.22 8.52 12.94
N LEU A 56 -1.20 7.54 12.04
CA LEU A 56 -2.30 7.34 11.10
C LEU A 56 -3.63 7.24 11.82
N GLU A 57 -4.71 7.52 11.11
CA GLU A 57 -6.05 7.46 11.70
C GLU A 57 -7.06 6.96 10.67
N LEU A 58 -8.32 6.87 11.09
CA LEU A 58 -9.38 6.40 10.21
C LEU A 58 -9.82 7.50 9.25
N GLY A 59 -9.77 7.19 7.95
CA GLY A 59 -10.16 8.17 6.94
C GLY A 59 -8.97 8.69 6.15
N ASP A 60 -7.79 8.61 6.75
CA ASP A 60 -6.57 9.08 6.09
C ASP A 60 -6.30 8.27 4.82
N MET A 61 -5.50 8.83 3.92
CA MET A 61 -5.16 8.16 2.67
C MET A 61 -3.78 7.52 2.76
N VAL A 62 -3.60 6.42 2.04
CA VAL A 62 -2.32 5.70 2.04
C VAL A 62 -2.03 5.12 0.67
N GLU A 63 -0.75 5.06 0.32
CA GLU A 63 -0.33 4.52 -0.98
C GLU A 63 0.17 3.08 -0.82
N TYR A 64 -0.30 2.20 -1.69
CA TYR A 64 0.10 0.80 -1.66
C TYR A 64 0.04 0.18 -3.05
N SER A 65 0.49 -1.07 -3.15
CA SER A 65 0.50 -1.78 -4.43
C SER A 65 -0.03 -3.20 -4.26
N LEU A 66 -0.34 -3.84 -5.38
CA LEU A 66 -0.85 -5.21 -5.37
C LEU A 66 -0.09 -6.09 -6.34
N SER A 67 -0.06 -7.39 -6.07
CA SER A 67 0.64 -8.34 -6.93
C SER A 67 -0.33 -9.38 -7.49
N LYS A 68 -0.86 -9.09 -8.67
CA LYS A 68 -1.80 -10.00 -9.33
C LYS A 68 -1.06 -11.09 -10.11
N GLY A 69 -1.81 -11.93 -10.80
CA GLY A 69 -1.21 -13.00 -11.56
C GLY A 69 -1.49 -14.36 -10.98
N LYS A 70 -2.77 -14.73 -10.93
CA LYS A 70 -3.18 -16.02 -10.39
C LYS A 70 -2.79 -16.13 -8.91
N GLY A 71 -3.77 -15.90 -8.03
CA GLY A 71 -3.51 -15.97 -6.61
C GLY A 71 -4.55 -15.23 -5.79
N ASN A 72 -5.20 -15.95 -4.88
CA ASN A 72 -6.23 -15.36 -4.03
C ASN A 72 -5.60 -14.62 -2.85
N LYS A 73 -6.45 -14.08 -1.99
CA LYS A 73 -5.97 -13.34 -0.81
C LYS A 73 -5.18 -12.11 -1.23
N VAL A 74 -5.85 -10.98 -1.34
CA VAL A 74 -5.19 -9.73 -1.72
C VAL A 74 -4.68 -8.97 -0.50
N SER A 75 -3.47 -8.44 -0.60
CA SER A 75 -2.86 -7.70 0.49
C SER A 75 -1.97 -6.58 -0.03
N ALA A 76 -1.75 -5.56 0.79
CA ALA A 76 -0.91 -4.44 0.41
C ALA A 76 0.53 -4.64 0.86
N GLU A 77 1.48 -4.29 0.00
CA GLU A 77 2.89 -4.44 0.31
C GLU A 77 3.61 -3.09 0.24
N LYS A 78 4.53 -2.87 1.17
CA LYS A 78 5.29 -1.63 1.22
C LYS A 78 4.35 -0.42 1.22
N VAL A 79 3.55 -0.30 2.26
CA VAL A 79 2.61 0.80 2.39
C VAL A 79 3.29 2.05 2.94
N ASN A 80 2.93 3.21 2.41
CA ASN A 80 3.51 4.47 2.85
C ASN A 80 2.53 5.62 2.65
N LYS A 81 2.38 6.45 3.67
CA LYS A 81 1.47 7.59 3.61
C LYS A 81 1.88 8.54 2.49
N THR A 82 0.89 9.04 1.75
CA THR A 82 1.15 9.97 0.65
C THR A 82 0.47 11.32 0.90
N SER A 83 -0.66 11.28 1.60
CA SER A 83 -1.41 12.50 1.90
C SER A 83 -1.73 13.26 0.62
N GLY A 84 -2.66 12.72 -0.17
CA GLY A 84 -3.06 13.37 -1.41
C GLY A 84 -2.60 12.59 -2.63
N PRO A 85 -2.69 13.23 -3.81
CA PRO A 85 -2.29 12.61 -5.07
C PRO A 85 -0.78 12.41 -5.17
N SER A 86 -0.36 11.51 -6.05
CA SER A 86 1.05 11.22 -6.24
C SER A 86 1.73 12.33 -7.04
N SER A 87 1.35 12.46 -8.31
CA SER A 87 1.92 13.48 -9.19
C SER A 87 0.88 14.52 -9.56
N GLY A 88 -0.05 14.13 -10.44
CA GLY A 88 -1.09 15.04 -10.87
C GLY A 88 -1.90 15.58 -9.71
N GLY A 1 27.56 23.26 -1.04
CA GLY A 1 28.19 21.97 -1.30
C GLY A 1 27.19 20.83 -1.27
N SER A 2 27.45 19.81 -2.07
CA SER A 2 26.58 18.65 -2.15
C SER A 2 27.32 17.43 -2.70
N SER A 3 26.70 16.26 -2.57
CA SER A 3 27.31 15.03 -3.05
C SER A 3 26.24 14.04 -3.50
N GLY A 4 26.64 13.05 -4.28
CA GLY A 4 25.71 12.06 -4.78
C GLY A 4 25.94 11.71 -6.24
N SER A 5 25.04 12.15 -7.10
CA SER A 5 25.14 11.88 -8.53
C SER A 5 25.31 10.39 -8.79
N SER A 6 24.74 9.58 -7.90
CA SER A 6 24.84 8.13 -8.04
C SER A 6 23.86 7.61 -9.08
N GLY A 7 22.70 8.26 -9.16
CA GLY A 7 21.69 7.85 -10.13
C GLY A 7 20.31 7.75 -9.52
N ARG A 8 19.31 8.24 -10.24
CA ARG A 8 17.93 8.20 -9.77
C ARG A 8 16.99 7.66 -10.85
N LEU A 9 17.17 6.39 -11.20
CA LEU A 9 16.35 5.76 -12.21
C LEU A 9 16.34 6.58 -13.49
N LEU A 10 17.38 6.43 -14.30
CA LEU A 10 17.49 7.15 -15.56
C LEU A 10 16.43 6.69 -16.56
N GLY A 11 15.83 7.65 -17.27
CA GLY A 11 14.81 7.32 -18.23
C GLY A 11 13.41 7.70 -17.75
N ARG A 12 12.39 7.12 -18.39
CA ARG A 12 11.02 7.40 -18.03
C ARG A 12 10.48 6.35 -17.05
N ASN A 13 10.94 5.11 -17.22
CA ASN A 13 10.51 4.02 -16.35
C ASN A 13 8.99 3.90 -16.33
N SER A 14 8.45 3.10 -17.23
CA SER A 14 7.01 2.91 -17.32
C SER A 14 6.62 1.48 -16.90
N ASN A 15 6.84 1.18 -15.63
CA ASN A 15 6.52 -0.14 -15.10
C ASN A 15 6.29 -0.08 -13.59
N SER A 16 5.86 1.08 -13.11
CA SER A 16 5.61 1.26 -11.68
C SER A 16 4.18 1.75 -11.44
N LYS A 17 3.31 0.84 -11.03
CA LYS A 17 1.92 1.18 -10.76
C LYS A 17 1.69 1.43 -9.28
N ARG A 18 0.65 2.20 -8.96
CA ARG A 18 0.34 2.52 -7.58
C ARG A 18 -1.17 2.73 -7.40
N LEU A 19 -1.67 2.39 -6.22
CA LEU A 19 -3.09 2.54 -5.93
C LEU A 19 -3.30 3.25 -4.59
N LEU A 20 -4.46 3.90 -4.44
CA LEU A 20 -4.78 4.61 -3.22
C LEU A 20 -5.84 3.86 -2.41
N GLY A 21 -6.08 4.34 -1.19
CA GLY A 21 -7.07 3.70 -0.33
C GLY A 21 -7.35 4.51 0.91
N TYR A 22 -8.21 3.99 1.78
CA TYR A 22 -8.58 4.66 3.01
C TYR A 22 -8.54 3.70 4.20
N VAL A 23 -8.01 4.19 5.32
CA VAL A 23 -7.91 3.38 6.52
C VAL A 23 -9.29 3.05 7.09
N ALA A 24 -9.66 1.78 7.02
CA ALA A 24 -10.96 1.33 7.52
C ALA A 24 -10.85 0.86 8.96
N THR A 25 -9.74 0.22 9.30
CA THR A 25 -9.51 -0.29 10.65
C THR A 25 -8.04 -0.24 11.01
N LEU A 26 -7.75 0.21 12.23
CA LEU A 26 -6.38 0.30 12.71
C LEU A 26 -6.21 -0.41 14.05
N LYS A 27 -5.69 -1.63 14.01
CA LYS A 27 -5.48 -2.41 15.22
C LYS A 27 -4.05 -2.25 15.73
N ASP A 28 -3.77 -2.84 16.89
CA ASP A 28 -2.44 -2.76 17.48
C ASP A 28 -1.56 -3.90 16.98
N ASN A 29 -1.50 -4.07 15.67
CA ASN A 29 -0.69 -5.13 15.06
C ASN A 29 -0.79 -5.08 13.54
N PHE A 30 -2.00 -4.87 13.03
CA PHE A 30 -2.23 -4.80 11.59
C PHE A 30 -3.39 -3.88 11.27
N GLY A 31 -3.33 -3.24 10.10
CA GLY A 31 -4.39 -2.33 9.70
C GLY A 31 -5.20 -2.89 8.54
N PHE A 32 -6.16 -2.09 8.07
CA PHE A 32 -7.01 -2.50 6.95
C PHE A 32 -7.31 -1.32 6.04
N ILE A 33 -7.27 -1.57 4.73
CA ILE A 33 -7.54 -0.53 3.75
C ILE A 33 -8.69 -0.94 2.82
N GLU A 34 -9.67 -0.05 2.67
CA GLU A 34 -10.81 -0.33 1.80
C GLU A 34 -10.64 0.36 0.45
N THR A 35 -10.82 -0.41 -0.61
CA THR A 35 -10.69 0.12 -1.97
C THR A 35 -11.84 1.06 -2.30
N ALA A 36 -11.68 1.82 -3.39
CA ALA A 36 -12.71 2.76 -3.82
C ALA A 36 -14.01 2.03 -4.16
N ASN A 37 -13.89 0.79 -4.60
CA ASN A 37 -15.06 -0.01 -4.96
C ASN A 37 -15.79 -0.50 -3.72
N HIS A 38 -15.07 -0.58 -2.60
CA HIS A 38 -15.65 -1.03 -1.34
C HIS A 38 -16.21 -2.44 -1.48
N ASP A 39 -15.49 -3.29 -2.19
CA ASP A 39 -15.92 -4.67 -2.40
C ASP A 39 -14.96 -5.64 -1.72
N LYS A 40 -13.67 -5.27 -1.68
CA LYS A 40 -12.65 -6.11 -1.06
C LYS A 40 -11.83 -5.30 -0.06
N GLU A 41 -11.23 -6.01 0.89
CA GLU A 41 -10.40 -5.35 1.91
C GLU A 41 -8.93 -5.76 1.77
N ILE A 42 -8.05 -4.86 2.16
CA ILE A 42 -6.61 -5.13 2.08
C ILE A 42 -6.02 -5.42 3.46
N PHE A 43 -5.01 -6.27 3.49
CA PHE A 43 -4.37 -6.64 4.75
C PHE A 43 -2.86 -6.38 4.68
N PHE A 44 -2.39 -5.41 5.46
CA PHE A 44 -0.98 -5.06 5.48
C PHE A 44 -0.43 -5.12 6.90
N HIS A 45 0.76 -5.71 7.05
CA HIS A 45 1.39 -5.82 8.36
C HIS A 45 2.18 -4.56 8.70
N TYR A 46 2.29 -4.27 9.99
CA TYR A 46 3.02 -3.09 10.44
C TYR A 46 4.46 -3.10 9.92
N SER A 47 4.98 -4.30 9.69
CA SER A 47 6.34 -4.45 9.19
C SER A 47 6.45 -4.04 7.73
N GLU A 48 5.37 -4.28 6.97
CA GLU A 48 5.34 -3.94 5.56
C GLU A 48 5.18 -2.43 5.37
N PHE A 49 4.58 -1.78 6.35
CA PHE A 49 4.35 -0.34 6.30
C PHE A 49 5.66 0.41 6.58
N SER A 50 5.89 1.48 5.83
CA SER A 50 7.09 2.29 5.99
C SER A 50 6.74 3.71 6.43
N GLY A 51 6.88 3.97 7.73
CA GLY A 51 6.57 5.29 8.26
C GLY A 51 6.00 5.23 9.65
N ASP A 52 5.11 6.17 9.96
CA ASP A 52 4.48 6.22 11.28
C ASP A 52 3.09 5.59 11.24
N VAL A 53 3.04 4.27 11.20
CA VAL A 53 1.78 3.55 11.16
C VAL A 53 0.94 3.83 12.40
N ASP A 54 1.62 4.15 13.50
CA ASP A 54 0.94 4.45 14.76
C ASP A 54 0.25 5.81 14.70
N SER A 55 0.88 6.75 14.01
CA SER A 55 0.33 8.09 13.88
C SER A 55 -0.93 8.08 13.01
N LEU A 56 -1.00 7.11 12.11
CA LEU A 56 -2.15 6.98 11.21
C LEU A 56 -3.45 6.86 12.00
N GLU A 57 -4.57 7.15 11.34
CA GLU A 57 -5.87 7.07 11.98
C GLU A 57 -6.95 6.72 10.96
N LEU A 58 -8.19 6.61 11.44
CA LEU A 58 -9.32 6.28 10.58
C LEU A 58 -9.75 7.48 9.75
N GLY A 59 -9.66 7.34 8.43
CA GLY A 59 -10.04 8.42 7.54
C GLY A 59 -8.85 9.06 6.86
N ASP A 60 -7.72 8.38 6.89
CA ASP A 60 -6.50 8.88 6.27
C ASP A 60 -6.20 8.14 4.97
N MET A 61 -5.53 8.82 4.04
CA MET A 61 -5.19 8.23 2.76
C MET A 61 -3.83 7.55 2.82
N VAL A 62 -3.65 6.51 2.01
CA VAL A 62 -2.39 5.76 1.98
C VAL A 62 -2.14 5.17 0.59
N GLU A 63 -0.87 4.97 0.27
CA GLU A 63 -0.50 4.40 -1.02
C GLU A 63 0.06 2.99 -0.86
N TYR A 64 -0.35 2.10 -1.76
CA TYR A 64 0.10 0.72 -1.73
C TYR A 64 0.11 0.10 -3.13
N SER A 65 0.58 -1.14 -3.22
CA SER A 65 0.65 -1.84 -4.49
C SER A 65 0.28 -3.30 -4.33
N LEU A 66 0.03 -3.98 -5.45
CA LEU A 66 -0.33 -5.40 -5.43
C LEU A 66 0.71 -6.23 -6.16
N SER A 67 0.82 -7.50 -5.78
CA SER A 67 1.77 -8.41 -6.40
C SER A 67 1.06 -9.52 -7.16
N LYS A 68 0.60 -9.20 -8.37
CA LYS A 68 -0.10 -10.18 -9.19
C LYS A 68 -1.27 -10.80 -8.44
N GLY A 69 -2.42 -10.13 -8.46
CA GLY A 69 -3.59 -10.64 -7.77
C GLY A 69 -4.32 -11.70 -8.56
N LYS A 70 -4.01 -12.96 -8.29
CA LYS A 70 -4.64 -14.08 -8.99
C LYS A 70 -4.61 -15.33 -8.14
N GLY A 71 -5.27 -15.28 -6.99
CA GLY A 71 -5.31 -16.43 -6.09
C GLY A 71 -6.59 -16.47 -5.27
N ASN A 72 -6.44 -16.39 -3.96
CA ASN A 72 -7.59 -16.42 -3.05
C ASN A 72 -7.73 -15.10 -2.30
N LYS A 73 -6.61 -14.58 -1.80
CA LYS A 73 -6.61 -13.32 -1.07
C LYS A 73 -5.47 -12.43 -1.54
N VAL A 74 -5.69 -11.11 -1.47
CA VAL A 74 -4.67 -10.14 -1.88
C VAL A 74 -4.27 -9.24 -0.71
N SER A 75 -2.98 -8.97 -0.61
CA SER A 75 -2.46 -8.12 0.46
C SER A 75 -1.70 -6.92 -0.11
N ALA A 76 -1.30 -6.01 0.76
CA ALA A 76 -0.57 -4.83 0.35
C ALA A 76 0.90 -4.92 0.76
N GLU A 77 1.76 -4.23 0.01
CA GLU A 77 3.20 -4.24 0.31
C GLU A 77 3.80 -2.86 0.12
N LYS A 78 4.70 -2.49 1.02
CA LYS A 78 5.35 -1.18 0.95
C LYS A 78 4.33 -0.06 1.08
N VAL A 79 3.49 -0.15 2.10
CA VAL A 79 2.46 0.86 2.34
C VAL A 79 3.05 2.10 3.01
N ASN A 80 2.76 3.27 2.45
CA ASN A 80 3.27 4.53 3.00
C ASN A 80 2.21 5.63 2.89
N LYS A 81 2.15 6.47 3.91
CA LYS A 81 1.19 7.57 3.95
C LYS A 81 1.38 8.49 2.75
N THR A 82 0.31 9.17 2.34
CA THR A 82 0.35 10.08 1.21
C THR A 82 -0.69 11.19 1.35
N SER A 83 -0.83 11.70 2.57
CA SER A 83 -1.78 12.77 2.84
C SER A 83 -1.29 14.10 2.28
N GLY A 84 -2.00 14.61 1.29
CA GLY A 84 -1.63 15.88 0.68
C GLY A 84 -2.00 15.95 -0.79
N PRO A 85 -1.89 17.16 -1.38
CA PRO A 85 -2.22 17.37 -2.79
C PRO A 85 -1.20 16.73 -3.72
N SER A 86 -0.01 16.45 -3.20
CA SER A 86 1.05 15.84 -3.99
C SER A 86 1.44 16.73 -5.16
N SER A 87 2.36 17.66 -4.91
CA SER A 87 2.81 18.59 -5.94
C SER A 87 4.03 18.02 -6.67
N GLY A 88 3.78 17.26 -7.73
CA GLY A 88 4.86 16.67 -8.49
C GLY A 88 5.83 15.89 -7.63
N GLY A 1 20.84 -25.10 -25.63
CA GLY A 1 20.59 -24.88 -24.23
C GLY A 1 21.52 -23.86 -23.61
N SER A 2 22.46 -24.33 -22.80
CA SER A 2 23.42 -23.44 -22.15
C SER A 2 22.70 -22.47 -21.20
N SER A 3 23.46 -21.85 -20.32
CA SER A 3 22.91 -20.90 -19.36
C SER A 3 23.99 -19.96 -18.84
N GLY A 4 23.57 -18.76 -18.44
CA GLY A 4 24.51 -17.78 -17.92
C GLY A 4 24.82 -16.69 -18.92
N SER A 5 23.79 -16.00 -19.39
CA SER A 5 23.94 -14.93 -20.36
C SER A 5 23.24 -13.66 -19.89
N SER A 6 23.81 -12.51 -20.26
CA SER A 6 23.24 -11.23 -19.86
C SER A 6 22.12 -10.82 -20.82
N GLY A 7 21.08 -10.19 -20.27
CA GLY A 7 19.96 -9.77 -21.08
C GLY A 7 18.81 -9.24 -20.25
N ARG A 8 17.80 -8.68 -20.92
CA ARG A 8 16.64 -8.13 -20.23
C ARG A 8 17.05 -7.01 -19.28
N LEU A 9 16.98 -5.77 -19.77
CA LEU A 9 17.35 -4.62 -18.97
C LEU A 9 16.54 -4.57 -17.68
N LEU A 10 17.14 -4.00 -16.64
CA LEU A 10 16.47 -3.89 -15.34
C LEU A 10 16.00 -2.47 -15.08
N GLY A 11 14.68 -2.26 -15.15
CA GLY A 11 14.13 -0.94 -14.92
C GLY A 11 13.57 -0.78 -13.53
N ARG A 12 13.28 -1.90 -12.87
CA ARG A 12 12.73 -1.89 -11.52
C ARG A 12 11.45 -1.03 -11.47
N ASN A 13 10.52 -1.32 -12.37
CA ASN A 13 9.26 -0.58 -12.42
C ASN A 13 8.17 -1.42 -13.09
N SER A 14 8.28 -2.74 -12.96
CA SER A 14 7.31 -3.64 -13.55
C SER A 14 6.34 -4.18 -12.50
N ASN A 15 6.87 -4.47 -11.31
CA ASN A 15 6.05 -4.98 -10.22
C ASN A 15 5.64 -3.85 -9.28
N SER A 16 5.24 -2.72 -9.85
CA SER A 16 4.82 -1.57 -9.06
C SER A 16 3.43 -1.11 -9.47
N LYS A 17 2.78 -0.37 -8.59
CA LYS A 17 1.43 0.14 -8.85
C LYS A 17 1.12 1.33 -7.95
N ARG A 18 0.34 2.27 -8.48
CA ARG A 18 -0.05 3.46 -7.71
C ARG A 18 -1.53 3.43 -7.38
N LEU A 19 -1.90 2.63 -6.38
CA LEU A 19 -3.29 2.51 -5.96
C LEU A 19 -3.52 3.22 -4.63
N LEU A 20 -4.60 4.00 -4.56
CA LEU A 20 -4.93 4.72 -3.34
C LEU A 20 -6.07 4.03 -2.58
N GLY A 21 -6.24 4.40 -1.32
CA GLY A 21 -7.29 3.81 -0.51
C GLY A 21 -7.57 4.60 0.75
N TYR A 22 -8.28 3.99 1.70
CA TYR A 22 -8.61 4.64 2.95
C TYR A 22 -8.59 3.65 4.10
N VAL A 23 -8.07 4.09 5.25
CA VAL A 23 -8.00 3.24 6.43
C VAL A 23 -9.40 2.79 6.87
N ALA A 24 -9.58 1.48 7.00
CA ALA A 24 -10.86 0.92 7.41
C ALA A 24 -10.81 0.45 8.86
N THR A 25 -9.65 -0.03 9.27
CA THR A 25 -9.46 -0.53 10.64
C THR A 25 -8.01 -0.39 11.08
N LEU A 26 -7.81 0.07 12.30
CA LEU A 26 -6.47 0.25 12.85
C LEU A 26 -6.31 -0.53 14.16
N LYS A 27 -5.69 -1.70 14.07
CA LYS A 27 -5.47 -2.54 15.24
C LYS A 27 -4.06 -2.33 15.81
N ASP A 28 -3.76 -3.02 16.89
CA ASP A 28 -2.45 -2.91 17.52
C ASP A 28 -1.50 -3.98 16.99
N ASN A 29 -1.49 -4.14 15.67
CA ASN A 29 -0.62 -5.14 15.03
C ASN A 29 -0.68 -5.01 13.52
N PHE A 30 -1.87 -4.76 13.00
CA PHE A 30 -2.06 -4.61 11.55
C PHE A 30 -3.27 -3.72 11.25
N GLY A 31 -3.37 -3.27 10.00
CA GLY A 31 -4.47 -2.42 9.61
C GLY A 31 -5.16 -2.92 8.35
N PHE A 32 -6.21 -2.22 7.94
CA PHE A 32 -6.97 -2.58 6.75
C PHE A 32 -7.27 -1.36 5.90
N ILE A 33 -7.32 -1.56 4.59
CA ILE A 33 -7.61 -0.47 3.66
C ILE A 33 -8.79 -0.81 2.75
N GLU A 34 -9.77 0.08 2.71
CA GLU A 34 -10.96 -0.13 1.89
C GLU A 34 -10.81 0.56 0.53
N THR A 35 -11.42 -0.03 -0.49
CA THR A 35 -11.34 0.52 -1.83
C THR A 35 -12.57 1.38 -2.14
N ALA A 36 -12.47 2.20 -3.19
CA ALA A 36 -13.57 3.06 -3.59
C ALA A 36 -14.84 2.26 -3.82
N ASN A 37 -14.68 1.00 -4.23
CA ASN A 37 -15.82 0.14 -4.50
C ASN A 37 -16.33 -0.50 -3.21
N HIS A 38 -15.44 -0.61 -2.23
CA HIS A 38 -15.79 -1.21 -0.94
C HIS A 38 -16.25 -2.65 -1.12
N ASP A 39 -15.56 -3.39 -1.97
CA ASP A 39 -15.89 -4.78 -2.24
C ASP A 39 -14.80 -5.71 -1.70
N LYS A 40 -13.57 -5.23 -1.67
CA LYS A 40 -12.45 -6.00 -1.18
C LYS A 40 -11.59 -5.19 -0.22
N GLU A 41 -11.08 -5.85 0.82
CA GLU A 41 -10.25 -5.18 1.82
C GLU A 41 -8.79 -5.55 1.62
N ILE A 42 -7.90 -4.73 2.18
CA ILE A 42 -6.47 -4.97 2.08
C ILE A 42 -5.87 -5.31 3.43
N PHE A 43 -4.83 -6.13 3.42
CA PHE A 43 -4.16 -6.55 4.65
C PHE A 43 -2.67 -6.17 4.61
N PHE A 44 -2.27 -5.27 5.51
CA PHE A 44 -0.88 -4.83 5.59
C PHE A 44 -0.36 -4.91 7.01
N HIS A 45 0.87 -5.38 7.17
CA HIS A 45 1.48 -5.51 8.49
C HIS A 45 2.21 -4.22 8.86
N TYR A 46 2.35 -3.98 10.16
CA TYR A 46 3.02 -2.78 10.66
C TYR A 46 4.46 -2.74 10.16
N SER A 47 5.06 -3.91 9.97
CA SER A 47 6.43 -4.00 9.52
C SER A 47 6.55 -3.61 8.05
N GLU A 48 5.48 -3.86 7.30
CA GLU A 48 5.46 -3.53 5.87
C GLU A 48 5.25 -2.03 5.66
N PHE A 49 4.61 -1.39 6.62
CA PHE A 49 4.34 0.05 6.54
C PHE A 49 5.58 0.85 6.93
N SER A 50 6.02 1.72 6.02
CA SER A 50 7.20 2.53 6.26
C SER A 50 6.80 3.98 6.52
N GLY A 51 6.64 4.32 7.80
CA GLY A 51 6.26 5.68 8.16
C GLY A 51 5.68 5.77 9.56
N ASP A 52 4.81 6.75 9.78
CA ASP A 52 4.19 6.94 11.08
C ASP A 52 2.91 6.10 11.20
N VAL A 53 3.08 4.78 11.25
CA VAL A 53 1.94 3.88 11.36
C VAL A 53 1.26 4.02 12.72
N ASP A 54 2.03 4.41 13.72
CA ASP A 54 1.50 4.58 15.07
C ASP A 54 0.71 5.87 15.19
N SER A 55 1.07 6.86 14.37
CA SER A 55 0.39 8.15 14.39
C SER A 55 -0.66 8.22 13.28
N LEU A 56 -1.20 7.07 12.90
CA LEU A 56 -2.21 7.00 11.85
C LEU A 56 -3.61 7.13 12.45
N GLU A 57 -4.58 7.45 11.59
CA GLU A 57 -5.96 7.60 12.03
C GLU A 57 -6.93 7.00 11.00
N LEU A 58 -8.20 6.98 11.36
CA LEU A 58 -9.23 6.44 10.47
C LEU A 58 -9.71 7.49 9.48
N GLY A 59 -9.86 7.08 8.22
CA GLY A 59 -10.31 8.00 7.19
C GLY A 59 -9.15 8.73 6.52
N ASP A 60 -7.95 8.21 6.69
CA ASP A 60 -6.76 8.81 6.10
C ASP A 60 -6.42 8.15 4.77
N MET A 61 -5.65 8.85 3.95
CA MET A 61 -5.24 8.33 2.66
C MET A 61 -3.84 7.73 2.70
N VAL A 62 -3.63 6.66 1.96
CA VAL A 62 -2.34 5.99 1.92
C VAL A 62 -2.07 5.37 0.55
N GLU A 63 -0.83 4.95 0.34
CA GLU A 63 -0.45 4.33 -0.94
C GLU A 63 -0.06 2.87 -0.74
N TYR A 64 -0.47 2.02 -1.67
CA TYR A 64 -0.17 0.60 -1.60
C TYR A 64 -0.24 -0.05 -2.98
N SER A 65 0.09 -1.34 -3.04
CA SER A 65 0.06 -2.07 -4.31
C SER A 65 -0.30 -3.53 -4.07
N LEU A 66 -0.74 -4.20 -5.14
CA LEU A 66 -1.12 -5.61 -5.05
C LEU A 66 -0.08 -6.49 -5.74
N SER A 67 0.49 -7.43 -5.00
CA SER A 67 1.49 -8.34 -5.54
C SER A 67 0.92 -9.14 -6.69
N LYS A 68 1.53 -9.01 -7.87
CA LYS A 68 1.08 -9.72 -9.05
C LYS A 68 1.75 -11.09 -9.15
N GLY A 69 0.93 -12.13 -9.22
CA GLY A 69 1.47 -13.49 -9.31
C GLY A 69 0.63 -14.49 -8.54
N LYS A 70 0.30 -14.16 -7.30
CA LYS A 70 -0.50 -15.03 -6.45
C LYS A 70 -1.97 -14.64 -6.50
N GLY A 71 -2.81 -15.57 -6.95
CA GLY A 71 -4.24 -15.30 -7.02
C GLY A 71 -5.01 -15.96 -5.91
N ASN A 72 -4.39 -16.08 -4.74
CA ASN A 72 -5.03 -16.70 -3.59
C ASN A 72 -5.31 -15.66 -2.50
N LYS A 73 -4.24 -15.03 -2.02
CA LYS A 73 -4.37 -14.01 -0.98
C LYS A 73 -3.85 -12.66 -1.46
N VAL A 74 -4.72 -11.65 -1.45
CA VAL A 74 -4.35 -10.32 -1.89
C VAL A 74 -4.11 -9.40 -0.70
N SER A 75 -2.94 -8.76 -0.67
CA SER A 75 -2.58 -7.85 0.41
C SER A 75 -1.71 -6.72 -0.09
N ALA A 76 -1.47 -5.73 0.76
CA ALA A 76 -0.65 -4.59 0.40
C ALA A 76 0.82 -4.83 0.75
N GLU A 77 1.71 -4.25 -0.04
CA GLU A 77 3.15 -4.40 0.18
C GLU A 77 3.84 -3.05 0.19
N LYS A 78 4.68 -2.83 1.19
CA LYS A 78 5.43 -1.58 1.31
C LYS A 78 4.47 -0.39 1.31
N VAL A 79 3.67 -0.28 2.36
CA VAL A 79 2.71 0.82 2.48
C VAL A 79 3.38 2.07 3.04
N ASN A 80 2.97 3.23 2.53
CA ASN A 80 3.52 4.50 2.98
C ASN A 80 2.44 5.57 3.06
N LYS A 81 2.62 6.53 3.96
CA LYS A 81 1.66 7.61 4.13
C LYS A 81 1.70 8.57 2.95
N THR A 82 0.58 9.23 2.70
CA THR A 82 0.48 10.17 1.59
C THR A 82 -0.61 11.20 1.83
N SER A 83 -0.39 12.42 1.34
CA SER A 83 -1.36 13.51 1.51
C SER A 83 -0.95 14.73 0.71
N GLY A 84 0.14 15.38 1.12
CA GLY A 84 0.61 16.55 0.42
C GLY A 84 1.91 17.10 1.01
N PRO A 85 2.48 18.11 0.34
CA PRO A 85 3.74 18.73 0.79
C PRO A 85 3.56 19.54 2.06
N SER A 86 4.65 19.73 2.79
CA SER A 86 4.62 20.49 4.03
C SER A 86 4.40 21.98 3.76
N SER A 87 3.29 22.51 4.26
CA SER A 87 2.96 23.91 4.07
C SER A 87 3.15 24.70 5.37
N GLY A 88 3.13 26.03 5.26
CA GLY A 88 3.30 26.87 6.44
C GLY A 88 4.11 28.12 6.14
N GLY A 1 17.38 -25.66 -3.28
CA GLY A 1 16.01 -26.12 -3.04
C GLY A 1 15.35 -26.62 -4.30
N SER A 2 14.06 -26.33 -4.45
CA SER A 2 13.30 -26.77 -5.62
C SER A 2 13.30 -25.68 -6.70
N SER A 3 14.49 -25.27 -7.12
CA SER A 3 14.63 -24.24 -8.13
C SER A 3 15.18 -24.83 -9.43
N GLY A 4 14.29 -24.98 -10.42
CA GLY A 4 14.71 -25.54 -11.70
C GLY A 4 13.54 -25.69 -12.66
N SER A 5 13.65 -25.04 -13.81
CA SER A 5 12.60 -25.10 -14.82
C SER A 5 13.19 -25.29 -16.22
N SER A 6 12.32 -25.33 -17.22
CA SER A 6 12.76 -25.51 -18.60
C SER A 6 12.43 -24.27 -19.44
N GLY A 7 13.16 -23.19 -19.19
CA GLY A 7 12.94 -21.97 -19.93
C GLY A 7 11.72 -21.20 -19.43
N ARG A 8 11.84 -20.62 -18.24
CA ARG A 8 10.73 -19.87 -17.66
C ARG A 8 11.21 -19.09 -16.43
N LEU A 9 11.48 -17.80 -16.63
CA LEU A 9 11.94 -16.94 -15.55
C LEU A 9 10.78 -16.51 -14.66
N LEU A 10 11.10 -15.82 -13.58
CA LEU A 10 10.07 -15.34 -12.65
C LEU A 10 9.21 -14.26 -13.29
N GLY A 11 9.80 -13.50 -14.20
CA GLY A 11 9.08 -12.44 -14.88
C GLY A 11 9.99 -11.35 -15.41
N ARG A 12 9.43 -10.47 -16.23
CA ARG A 12 10.20 -9.38 -16.81
C ARG A 12 9.38 -8.09 -16.86
N ASN A 13 8.14 -8.22 -17.32
CA ASN A 13 7.24 -7.06 -17.42
C ASN A 13 6.66 -6.71 -16.05
N SER A 14 6.66 -5.42 -15.73
CA SER A 14 6.13 -4.95 -14.47
C SER A 14 4.61 -4.80 -14.52
N ASN A 15 4.15 -3.84 -15.31
CA ASN A 15 2.71 -3.59 -15.47
C ASN A 15 2.08 -3.27 -14.11
N SER A 16 2.79 -2.50 -13.30
CA SER A 16 2.30 -2.12 -11.98
C SER A 16 1.88 -0.66 -11.96
N LYS A 17 0.95 -0.33 -11.06
CA LYS A 17 0.46 1.04 -10.93
C LYS A 17 0.24 1.40 -9.47
N ARG A 18 0.18 2.70 -9.19
CA ARG A 18 -0.02 3.18 -7.84
C ARG A 18 -1.51 3.17 -7.48
N LEU A 19 -1.83 2.55 -6.34
CA LEU A 19 -3.21 2.47 -5.88
C LEU A 19 -3.39 3.20 -4.55
N LEU A 20 -4.56 3.79 -4.36
CA LEU A 20 -4.86 4.52 -3.13
C LEU A 20 -5.92 3.79 -2.31
N GLY A 21 -6.18 4.30 -1.11
CA GLY A 21 -7.17 3.68 -0.25
C GLY A 21 -7.47 4.52 0.98
N TYR A 22 -8.35 4.02 1.83
CA TYR A 22 -8.73 4.73 3.05
C TYR A 22 -8.74 3.79 4.26
N VAL A 23 -7.99 4.15 5.29
CA VAL A 23 -7.91 3.35 6.51
C VAL A 23 -9.31 3.03 7.04
N ALA A 24 -9.69 1.75 6.97
CA ALA A 24 -11.00 1.31 7.44
C ALA A 24 -10.93 0.89 8.91
N THR A 25 -9.83 0.23 9.27
CA THR A 25 -9.65 -0.24 10.64
C THR A 25 -8.17 -0.28 11.01
N LEU A 26 -7.86 0.13 12.24
CA LEU A 26 -6.48 0.14 12.71
C LEU A 26 -6.35 -0.67 14.00
N LYS A 27 -5.77 -1.86 13.88
CA LYS A 27 -5.58 -2.73 15.04
C LYS A 27 -4.22 -2.50 15.67
N ASP A 28 -3.85 -3.34 16.63
CA ASP A 28 -2.57 -3.23 17.33
C ASP A 28 -1.57 -4.23 16.77
N ASN A 29 -1.57 -4.40 15.45
CA ASN A 29 -0.65 -5.33 14.80
C ASN A 29 -0.75 -5.19 13.28
N PHE A 30 -1.96 -4.98 12.78
CA PHE A 30 -2.18 -4.83 11.34
C PHE A 30 -3.40 -3.95 11.07
N GLY A 31 -3.37 -3.26 9.93
CA GLY A 31 -4.47 -2.38 9.57
C GLY A 31 -5.24 -2.89 8.37
N PHE A 32 -6.32 -2.19 8.02
CA PHE A 32 -7.15 -2.59 6.87
C PHE A 32 -7.43 -1.38 5.98
N ILE A 33 -7.45 -1.63 4.67
CA ILE A 33 -7.71 -0.57 3.71
C ILE A 33 -8.95 -0.88 2.87
N GLU A 34 -9.86 0.09 2.79
CA GLU A 34 -11.09 -0.08 2.02
C GLU A 34 -10.99 0.62 0.68
N THR A 35 -11.14 -0.15 -0.40
CA THR A 35 -11.06 0.40 -1.75
C THR A 35 -12.23 1.33 -2.04
N ALA A 36 -12.14 2.08 -3.13
CA ALA A 36 -13.19 3.01 -3.51
C ALA A 36 -14.49 2.28 -3.78
N ASN A 37 -14.39 1.01 -4.17
CA ASN A 37 -15.57 0.20 -4.48
C ASN A 37 -16.20 -0.34 -3.19
N HIS A 38 -15.38 -0.45 -2.15
CA HIS A 38 -15.85 -0.96 -0.86
C HIS A 38 -16.33 -2.40 -0.99
N ASP A 39 -15.58 -3.20 -1.74
CA ASP A 39 -15.93 -4.60 -1.94
C ASP A 39 -14.88 -5.52 -1.32
N LYS A 40 -13.61 -5.16 -1.51
CA LYS A 40 -12.50 -5.95 -0.97
C LYS A 40 -11.57 -5.07 -0.13
N GLU A 41 -11.01 -5.66 0.92
CA GLU A 41 -10.11 -4.94 1.81
C GLU A 41 -8.68 -5.42 1.63
N ILE A 42 -7.73 -4.69 2.18
CA ILE A 42 -6.32 -5.04 2.10
C ILE A 42 -5.73 -5.33 3.47
N PHE A 43 -4.79 -6.28 3.52
CA PHE A 43 -4.16 -6.65 4.78
C PHE A 43 -2.66 -6.35 4.73
N PHE A 44 -2.25 -5.34 5.48
CA PHE A 44 -0.84 -4.95 5.53
C PHE A 44 -0.30 -5.06 6.95
N HIS A 45 0.92 -5.58 7.08
CA HIS A 45 1.56 -5.74 8.37
C HIS A 45 2.30 -4.46 8.78
N TYR A 46 2.27 -4.16 10.07
CA TYR A 46 2.94 -2.96 10.59
C TYR A 46 4.40 -2.92 10.16
N SER A 47 5.01 -4.10 10.02
CA SER A 47 6.40 -4.19 9.63
C SER A 47 6.58 -3.78 8.16
N GLU A 48 5.57 -4.09 7.35
CA GLU A 48 5.62 -3.75 5.93
C GLU A 48 5.39 -2.25 5.72
N PHE A 49 4.68 -1.64 6.65
CA PHE A 49 4.38 -0.21 6.57
C PHE A 49 5.61 0.62 6.95
N SER A 50 5.83 1.71 6.20
CA SER A 50 6.97 2.59 6.45
C SER A 50 6.50 3.98 6.87
N GLY A 51 6.70 4.31 8.13
CA GLY A 51 6.29 5.61 8.64
C GLY A 51 5.53 5.52 9.94
N ASP A 52 4.93 6.63 10.36
CA ASP A 52 4.16 6.66 11.61
C ASP A 52 2.84 5.91 11.45
N VAL A 53 2.91 4.59 11.58
CA VAL A 53 1.72 3.75 11.46
C VAL A 53 0.81 3.91 12.67
N ASP A 54 1.42 4.17 13.83
CA ASP A 54 0.66 4.35 15.06
C ASP A 54 -0.09 5.68 15.06
N SER A 55 0.45 6.65 14.34
CA SER A 55 -0.16 7.97 14.26
C SER A 55 -1.33 7.97 13.30
N LEU A 56 -1.30 7.06 12.32
CA LEU A 56 -2.36 6.95 11.33
C LEU A 56 -3.72 6.81 12.02
N GLU A 57 -4.77 7.23 11.31
CA GLU A 57 -6.13 7.15 11.85
C GLU A 57 -7.12 6.77 10.76
N LEU A 58 -8.40 6.79 11.11
CA LEU A 58 -9.46 6.45 10.16
C LEU A 58 -9.81 7.64 9.27
N GLY A 59 -9.76 7.43 7.97
CA GLY A 59 -10.07 8.50 7.03
C GLY A 59 -8.83 9.13 6.43
N ASP A 60 -7.71 8.44 6.56
CA ASP A 60 -6.44 8.94 6.02
C ASP A 60 -6.07 8.21 4.74
N MET A 61 -5.53 8.95 3.78
CA MET A 61 -5.11 8.36 2.51
C MET A 61 -3.76 7.67 2.62
N VAL A 62 -3.62 6.53 1.94
CA VAL A 62 -2.38 5.77 1.98
C VAL A 62 -2.09 5.13 0.63
N GLU A 63 -0.82 4.85 0.36
CA GLU A 63 -0.42 4.23 -0.89
C GLU A 63 -0.04 2.76 -0.68
N TYR A 64 -0.27 1.94 -1.70
CA TYR A 64 0.04 0.51 -1.62
C TYR A 64 0.03 -0.11 -3.01
N SER A 65 0.33 -1.40 -3.07
CA SER A 65 0.36 -2.13 -4.33
C SER A 65 -0.04 -3.59 -4.14
N LEU A 66 -0.23 -4.30 -5.24
CA LEU A 66 -0.62 -5.71 -5.19
C LEU A 66 0.31 -6.55 -6.06
N SER A 67 0.61 -7.76 -5.60
CA SER A 67 1.49 -8.66 -6.34
C SER A 67 0.73 -9.90 -6.79
N LYS A 68 1.10 -10.44 -7.94
CA LYS A 68 0.46 -11.63 -8.48
C LYS A 68 -1.01 -11.37 -8.78
N GLY A 69 -1.66 -12.31 -9.46
CA GLY A 69 -3.07 -12.15 -9.78
C GLY A 69 -3.87 -13.40 -9.50
N LYS A 70 -3.65 -14.44 -10.30
CA LYS A 70 -4.35 -15.70 -10.13
C LYS A 70 -4.02 -16.33 -8.78
N GLY A 71 -5.06 -16.62 -7.99
CA GLY A 71 -4.86 -17.22 -6.69
C GLY A 71 -6.00 -16.94 -5.74
N ASN A 72 -5.77 -17.14 -4.45
CA ASN A 72 -6.78 -16.91 -3.44
C ASN A 72 -6.19 -16.22 -2.22
N LYS A 73 -5.38 -15.20 -2.46
CA LYS A 73 -4.75 -14.45 -1.37
C LYS A 73 -4.00 -13.23 -1.93
N VAL A 74 -4.41 -12.04 -1.48
CA VAL A 74 -3.78 -10.81 -1.92
C VAL A 74 -3.65 -9.82 -0.76
N SER A 75 -2.53 -9.10 -0.75
CA SER A 75 -2.28 -8.11 0.30
C SER A 75 -1.48 -6.93 -0.23
N ALA A 76 -1.21 -5.96 0.64
CA ALA A 76 -0.45 -4.78 0.24
C ALA A 76 1.04 -4.98 0.49
N GLU A 77 1.85 -4.07 -0.06
CA GLU A 77 3.29 -4.15 0.10
C GLU A 77 3.92 -2.76 0.06
N LYS A 78 4.83 -2.49 0.99
CA LYS A 78 5.51 -1.21 1.05
C LYS A 78 4.50 -0.07 1.19
N VAL A 79 3.61 -0.20 2.17
CA VAL A 79 2.58 0.81 2.41
C VAL A 79 3.20 2.07 3.03
N ASN A 80 2.81 3.23 2.51
CA ASN A 80 3.32 4.50 3.00
C ASN A 80 2.28 5.59 2.89
N LYS A 81 2.23 6.48 3.88
CA LYS A 81 1.27 7.57 3.89
C LYS A 81 1.62 8.60 2.81
N THR A 82 0.59 9.05 2.08
CA THR A 82 0.79 10.03 1.02
C THR A 82 -0.24 11.16 1.12
N SER A 83 0.23 12.39 0.98
CA SER A 83 -0.65 13.55 1.06
C SER A 83 0.03 14.79 0.48
N GLY A 84 0.74 14.61 -0.64
CA GLY A 84 1.42 15.71 -1.27
C GLY A 84 1.90 15.37 -2.67
N PRO A 85 2.33 16.41 -3.42
CA PRO A 85 2.82 16.24 -4.79
C PRO A 85 4.15 15.52 -4.84
N SER A 86 4.15 14.33 -5.43
CA SER A 86 5.37 13.53 -5.55
C SER A 86 6.45 14.29 -6.31
N SER A 87 7.71 14.08 -5.92
CA SER A 87 8.83 14.74 -6.57
C SER A 87 9.32 13.94 -7.77
N GLY A 88 9.25 12.61 -7.66
CA GLY A 88 9.70 11.75 -8.74
C GLY A 88 10.44 10.54 -8.24
N GLY A 1 21.91 4.88 -20.60
CA GLY A 1 22.19 3.91 -19.58
C GLY A 1 21.92 4.43 -18.19
N SER A 2 20.90 3.89 -17.54
CA SER A 2 20.53 4.31 -16.20
C SER A 2 19.53 3.34 -15.57
N SER A 3 20.04 2.25 -15.00
CA SER A 3 19.18 1.25 -14.37
C SER A 3 19.98 0.45 -13.34
N GLY A 4 19.27 -0.42 -12.62
CA GLY A 4 19.92 -1.23 -11.60
C GLY A 4 18.92 -2.02 -10.77
N SER A 5 17.90 -2.56 -11.42
CA SER A 5 16.87 -3.33 -10.75
C SER A 5 17.04 -4.82 -11.02
N SER A 6 17.66 -5.53 -10.09
CA SER A 6 17.88 -6.96 -10.23
C SER A 6 16.73 -7.76 -9.64
N GLY A 7 16.25 -8.74 -10.39
CA GLY A 7 15.15 -9.57 -9.92
C GLY A 7 14.33 -10.16 -11.06
N ARG A 8 13.92 -9.31 -11.99
CA ARG A 8 13.13 -9.75 -13.13
C ARG A 8 13.33 -8.82 -14.33
N LEU A 9 13.93 -9.33 -15.39
CA LEU A 9 14.17 -8.54 -16.59
C LEU A 9 12.86 -8.13 -17.25
N LEU A 10 12.86 -6.96 -17.87
CA LEU A 10 11.67 -6.44 -18.54
C LEU A 10 11.44 -7.16 -19.86
N GLY A 11 10.74 -8.30 -19.80
CA GLY A 11 10.47 -9.06 -21.01
C GLY A 11 9.00 -9.02 -21.39
N ARG A 12 8.14 -8.75 -20.42
CA ARG A 12 6.71 -8.68 -20.66
C ARG A 12 6.08 -7.50 -19.91
N ASN A 13 6.79 -6.38 -19.89
CA ASN A 13 6.31 -5.18 -19.22
C ASN A 13 6.02 -5.46 -17.75
N SER A 14 7.06 -5.42 -16.93
CA SER A 14 6.93 -5.67 -15.50
C SER A 14 6.82 -4.37 -14.72
N ASN A 15 5.81 -3.57 -15.05
CA ASN A 15 5.59 -2.29 -14.39
C ASN A 15 4.50 -2.41 -13.32
N SER A 16 4.45 -1.44 -12.42
CA SER A 16 3.46 -1.43 -11.35
C SER A 16 2.88 -0.03 -11.16
N LYS A 17 1.57 0.03 -10.91
CA LYS A 17 0.89 1.30 -10.71
C LYS A 17 0.50 1.48 -9.24
N ARG A 18 0.92 2.58 -8.64
CA ARG A 18 0.60 2.86 -7.25
C ARG A 18 -0.88 3.18 -7.08
N LEU A 19 -1.55 2.45 -6.19
CA LEU A 19 -2.97 2.65 -5.94
C LEU A 19 -3.18 3.45 -4.65
N LEU A 20 -4.43 3.80 -4.39
CA LEU A 20 -4.77 4.57 -3.19
C LEU A 20 -5.92 3.92 -2.44
N GLY A 21 -6.13 4.35 -1.20
CA GLY A 21 -7.20 3.81 -0.39
C GLY A 21 -7.43 4.59 0.89
N TYR A 22 -8.33 4.09 1.74
CA TYR A 22 -8.64 4.76 2.99
C TYR A 22 -8.57 3.77 4.16
N VAL A 23 -8.06 4.25 5.29
CA VAL A 23 -7.95 3.40 6.48
C VAL A 23 -9.33 2.93 6.95
N ALA A 24 -9.54 1.61 6.84
CA ALA A 24 -10.81 1.03 7.25
C ALA A 24 -10.80 0.68 8.73
N THR A 25 -9.69 0.11 9.20
CA THR A 25 -9.55 -0.27 10.60
C THR A 25 -8.08 -0.36 11.00
N LEU A 26 -7.72 0.39 12.04
CA LEU A 26 -6.34 0.39 12.52
C LEU A 26 -6.25 -0.27 13.89
N LYS A 27 -5.54 -1.40 13.96
CA LYS A 27 -5.37 -2.13 15.21
C LYS A 27 -3.99 -1.88 15.80
N ASP A 28 -3.67 -2.60 16.87
CA ASP A 28 -2.38 -2.45 17.53
C ASP A 28 -1.39 -3.50 17.03
N ASN A 29 -1.47 -3.80 15.73
CA ASN A 29 -0.58 -4.79 15.12
C ASN A 29 -0.69 -4.75 13.60
N PHE A 30 -1.92 -4.80 13.10
CA PHE A 30 -2.16 -4.79 11.66
C PHE A 30 -3.31 -3.83 11.32
N GLY A 31 -3.43 -3.49 10.04
CA GLY A 31 -4.48 -2.59 9.61
C GLY A 31 -5.14 -3.05 8.32
N PHE A 32 -6.18 -2.34 7.91
CA PHE A 32 -6.91 -2.68 6.69
C PHE A 32 -7.22 -1.43 5.87
N ILE A 33 -7.18 -1.57 4.56
CA ILE A 33 -7.45 -0.46 3.66
C ILE A 33 -8.67 -0.73 2.79
N GLU A 34 -9.64 0.16 2.83
CA GLU A 34 -10.87 0.02 2.05
C GLU A 34 -10.70 0.61 0.65
N THR A 35 -10.84 -0.23 -0.37
CA THR A 35 -10.70 0.22 -1.74
C THR A 35 -11.74 1.27 -2.10
N ALA A 36 -11.58 1.90 -3.25
CA ALA A 36 -12.51 2.93 -3.70
C ALA A 36 -13.90 2.35 -3.90
N ASN A 37 -13.96 1.09 -4.29
CA ASN A 37 -15.24 0.41 -4.51
C ASN A 37 -15.82 -0.13 -3.20
N HIS A 38 -14.94 -0.36 -2.24
CA HIS A 38 -15.35 -0.88 -0.93
C HIS A 38 -16.00 -2.26 -1.08
N ASP A 39 -15.32 -3.15 -1.80
CA ASP A 39 -15.83 -4.50 -2.01
C ASP A 39 -14.89 -5.52 -1.39
N LYS A 40 -13.61 -5.19 -1.30
CA LYS A 40 -12.61 -6.08 -0.73
C LYS A 40 -11.92 -5.43 0.47
N GLU A 41 -11.02 -6.17 1.10
CA GLU A 41 -10.28 -5.67 2.25
C GLU A 41 -8.80 -5.99 2.14
N ILE A 42 -7.97 -4.96 2.21
CA ILE A 42 -6.53 -5.13 2.11
C ILE A 42 -5.92 -5.47 3.48
N PHE A 43 -4.86 -6.27 3.47
CA PHE A 43 -4.19 -6.66 4.70
C PHE A 43 -2.70 -6.31 4.64
N PHE A 44 -2.30 -5.35 5.47
CA PHE A 44 -0.90 -4.92 5.51
C PHE A 44 -0.36 -4.97 6.94
N HIS A 45 0.84 -5.50 7.09
CA HIS A 45 1.48 -5.59 8.40
C HIS A 45 2.19 -4.30 8.77
N TYR A 46 2.18 -3.97 10.05
CA TYR A 46 2.82 -2.74 10.53
C TYR A 46 4.27 -2.68 10.07
N SER A 47 4.99 -3.80 10.21
CA SER A 47 6.39 -3.87 9.80
C SER A 47 6.54 -3.57 8.31
N GLU A 48 5.50 -3.90 7.54
CA GLU A 48 5.52 -3.67 6.10
C GLU A 48 5.31 -2.19 5.79
N PHE A 49 4.64 -1.49 6.68
CA PHE A 49 4.37 -0.07 6.50
C PHE A 49 5.61 0.77 6.80
N SER A 50 5.88 1.74 5.93
CA SER A 50 7.04 2.61 6.09
C SER A 50 6.64 4.08 6.03
N GLY A 51 6.47 4.69 7.20
CA GLY A 51 6.09 6.09 7.25
C GLY A 51 5.34 6.44 8.52
N ASP A 52 5.90 6.03 9.66
CA ASP A 52 5.27 6.30 10.96
C ASP A 52 3.84 5.78 10.98
N VAL A 53 3.70 4.46 11.10
CA VAL A 53 2.38 3.84 11.14
C VAL A 53 1.65 4.17 12.44
N ASP A 54 2.42 4.44 13.49
CA ASP A 54 1.85 4.77 14.79
C ASP A 54 1.15 6.12 14.75
N SER A 55 1.61 7.00 13.86
CA SER A 55 1.03 8.33 13.72
C SER A 55 -0.25 8.28 12.89
N LEU A 56 -0.34 7.29 12.01
CA LEU A 56 -1.50 7.13 11.15
C LEU A 56 -2.79 7.10 11.97
N GLU A 57 -3.91 7.38 11.32
CA GLU A 57 -5.20 7.38 12.00
C GLU A 57 -6.34 7.23 11.00
N LEU A 58 -7.45 6.67 11.46
CA LEU A 58 -8.62 6.47 10.61
C LEU A 58 -9.05 7.78 9.95
N GLY A 59 -9.17 7.76 8.62
CA GLY A 59 -9.57 8.95 7.90
C GLY A 59 -8.42 9.57 7.13
N ASP A 60 -7.35 8.81 6.95
CA ASP A 60 -6.17 9.30 6.23
C ASP A 60 -5.93 8.48 4.97
N MET A 61 -5.35 9.11 3.96
CA MET A 61 -5.06 8.44 2.70
C MET A 61 -3.73 7.69 2.76
N VAL A 62 -3.65 6.56 2.07
CA VAL A 62 -2.43 5.76 2.05
C VAL A 62 -2.16 5.21 0.66
N GLU A 63 -0.88 5.00 0.36
CA GLU A 63 -0.47 4.48 -0.94
C GLU A 63 0.06 3.06 -0.82
N TYR A 64 -0.44 2.17 -1.66
CA TYR A 64 -0.02 0.78 -1.65
C TYR A 64 -0.12 0.15 -3.04
N SER A 65 0.38 -1.07 -3.17
CA SER A 65 0.35 -1.77 -4.45
C SER A 65 -0.01 -3.24 -4.25
N LEU A 66 -0.20 -3.94 -5.36
CA LEU A 66 -0.56 -5.36 -5.33
C LEU A 66 0.34 -6.17 -6.25
N SER A 67 0.78 -7.32 -5.77
CA SER A 67 1.66 -8.19 -6.56
C SER A 67 1.81 -9.56 -5.89
N LYS A 68 2.70 -10.38 -6.43
CA LYS A 68 2.95 -11.71 -5.90
C LYS A 68 1.67 -12.56 -5.92
N GLY A 69 1.49 -13.33 -6.97
CA GLY A 69 0.32 -14.17 -7.10
C GLY A 69 -0.73 -13.58 -8.04
N LYS A 70 -1.48 -14.46 -8.70
CA LYS A 70 -2.52 -14.02 -9.62
C LYS A 70 -3.83 -14.75 -9.35
N GLY A 71 -4.38 -14.51 -8.17
CA GLY A 71 -5.64 -15.14 -7.81
C GLY A 71 -6.41 -14.36 -6.77
N ASN A 72 -7.01 -15.05 -5.82
CA ASN A 72 -7.79 -14.41 -4.76
C ASN A 72 -6.92 -14.20 -3.51
N LYS A 73 -7.48 -13.48 -2.54
CA LYS A 73 -6.77 -13.20 -1.29
C LYS A 73 -5.48 -12.45 -1.56
N VAL A 74 -5.59 -11.17 -1.89
CA VAL A 74 -4.43 -10.34 -2.17
C VAL A 74 -4.23 -9.28 -1.08
N SER A 75 -2.97 -9.01 -0.75
CA SER A 75 -2.65 -8.03 0.28
C SER A 75 -1.79 -6.90 -0.31
N ALA A 76 -1.52 -5.90 0.52
CA ALA A 76 -0.71 -4.76 0.10
C ALA A 76 0.77 -5.01 0.36
N GLU A 77 1.62 -4.19 -0.25
CA GLU A 77 3.06 -4.31 -0.07
C GLU A 77 3.72 -2.94 0.05
N LYS A 78 4.53 -2.78 1.09
CA LYS A 78 5.22 -1.52 1.32
C LYS A 78 4.23 -0.35 1.35
N VAL A 79 3.40 -0.32 2.38
CA VAL A 79 2.41 0.74 2.53
C VAL A 79 3.03 2.00 3.14
N ASN A 80 2.67 3.15 2.60
CA ASN A 80 3.20 4.42 3.09
C ASN A 80 2.18 5.54 2.90
N LYS A 81 2.09 6.43 3.88
CA LYS A 81 1.16 7.55 3.81
C LYS A 81 1.39 8.38 2.55
N THR A 82 0.38 9.17 2.18
CA THR A 82 0.47 10.00 0.99
C THR A 82 -0.49 11.19 1.07
N SER A 83 -0.18 12.24 0.34
CA SER A 83 -1.00 13.45 0.34
C SER A 83 -1.22 13.95 -1.09
N GLY A 84 -2.49 14.14 -1.46
CA GLY A 84 -2.81 14.63 -2.79
C GLY A 84 -2.35 13.67 -3.87
N PRO A 85 -2.81 13.91 -5.10
CA PRO A 85 -2.46 13.07 -6.27
C PRO A 85 -0.99 13.24 -6.67
N SER A 86 -0.41 14.38 -6.32
CA SER A 86 0.97 14.67 -6.65
C SER A 86 1.91 14.21 -5.53
N SER A 87 2.89 13.37 -5.89
CA SER A 87 3.83 12.85 -4.92
C SER A 87 5.21 13.48 -5.11
N GLY A 88 5.80 13.96 -4.01
CA GLY A 88 7.11 14.58 -4.07
C GLY A 88 8.23 13.59 -3.88
N GLY A 1 0.12 3.76 -25.69
CA GLY A 1 -0.10 2.50 -26.36
C GLY A 1 0.90 2.25 -27.46
N SER A 2 1.88 1.40 -27.19
CA SER A 2 2.91 1.08 -28.18
C SER A 2 3.26 -0.41 -28.13
N SER A 3 3.42 -1.00 -29.31
CA SER A 3 3.75 -2.42 -29.41
C SER A 3 5.26 -2.62 -29.43
N GLY A 4 5.68 -3.88 -29.31
CA GLY A 4 7.10 -4.20 -29.32
C GLY A 4 7.52 -4.94 -30.56
N SER A 5 8.29 -4.28 -31.43
CA SER A 5 8.76 -4.89 -32.67
C SER A 5 9.95 -5.80 -32.41
N SER A 6 10.79 -5.41 -31.45
CA SER A 6 11.97 -6.18 -31.11
C SER A 6 12.65 -5.62 -29.87
N GLY A 7 12.42 -6.26 -28.73
CA GLY A 7 13.01 -5.81 -27.48
C GLY A 7 12.52 -6.60 -26.28
N ARG A 8 13.38 -7.43 -25.72
CA ARG A 8 13.03 -8.25 -24.57
C ARG A 8 12.69 -7.37 -23.37
N LEU A 9 12.07 -7.97 -22.36
CA LEU A 9 11.69 -7.24 -21.15
C LEU A 9 11.30 -8.21 -20.04
N LEU A 10 11.69 -7.87 -18.81
CA LEU A 10 11.39 -8.70 -17.66
C LEU A 10 9.98 -8.44 -17.15
N GLY A 11 9.09 -9.40 -17.35
CA GLY A 11 7.72 -9.26 -16.91
C GLY A 11 7.56 -9.51 -15.42
N ARG A 12 6.39 -10.02 -15.03
CA ARG A 12 6.11 -10.29 -13.62
C ARG A 12 6.23 -9.02 -12.78
N ASN A 13 5.99 -7.88 -13.42
CA ASN A 13 6.06 -6.59 -12.72
C ASN A 13 4.85 -5.73 -13.05
N SER A 14 4.42 -4.93 -12.09
CA SER A 14 3.27 -4.05 -12.28
C SER A 14 3.59 -2.62 -11.83
N ASN A 15 4.77 -2.15 -12.19
CA ASN A 15 5.20 -0.81 -11.83
C ASN A 15 4.30 0.25 -12.48
N SER A 16 4.53 1.51 -12.12
CA SER A 16 3.74 2.61 -12.66
C SER A 16 2.25 2.36 -12.43
N LYS A 17 1.93 1.68 -11.33
CA LYS A 17 0.55 1.38 -10.99
C LYS A 17 0.28 1.64 -9.52
N ARG A 18 0.26 2.91 -9.14
CA ARG A 18 0.01 3.29 -7.75
C ARG A 18 -1.48 3.35 -7.46
N LEU A 19 -1.89 2.70 -6.37
CA LEU A 19 -3.30 2.67 -5.99
C LEU A 19 -3.50 3.40 -4.66
N LEU A 20 -4.63 4.09 -4.55
CA LEU A 20 -4.95 4.83 -3.33
C LEU A 20 -6.03 4.11 -2.52
N GLY A 21 -6.10 4.41 -1.23
CA GLY A 21 -7.08 3.79 -0.37
C GLY A 21 -7.29 4.54 0.93
N TYR A 22 -8.19 4.04 1.77
CA TYR A 22 -8.48 4.68 3.05
C TYR A 22 -8.45 3.66 4.19
N VAL A 23 -7.86 4.05 5.31
CA VAL A 23 -7.76 3.18 6.46
C VAL A 23 -9.16 2.79 6.98
N ALA A 24 -9.52 1.53 6.78
CA ALA A 24 -10.81 1.03 7.21
C ALA A 24 -10.80 0.69 8.71
N THR A 25 -9.76 0.00 9.13
CA THR A 25 -9.62 -0.39 10.54
C THR A 25 -8.15 -0.39 10.97
N LEU A 26 -7.91 0.01 12.21
CA LEU A 26 -6.55 0.06 12.75
C LEU A 26 -6.46 -0.72 14.05
N LYS A 27 -5.92 -1.93 13.97
CA LYS A 27 -5.77 -2.78 15.15
C LYS A 27 -4.41 -2.54 15.81
N ASP A 28 -4.10 -3.37 16.80
CA ASP A 28 -2.84 -3.26 17.51
C ASP A 28 -1.80 -4.24 16.97
N ASN A 29 -1.73 -4.33 15.65
CA ASN A 29 -0.79 -5.24 15.00
C ASN A 29 -0.84 -5.09 13.48
N PHE A 30 -2.04 -4.87 12.96
CA PHE A 30 -2.24 -4.71 11.53
C PHE A 30 -3.50 -3.90 11.24
N GLY A 31 -3.49 -3.18 10.11
CA GLY A 31 -4.63 -2.37 9.74
C GLY A 31 -5.35 -2.91 8.51
N PHE A 32 -6.33 -2.17 8.03
CA PHE A 32 -7.09 -2.57 6.85
C PHE A 32 -7.32 -1.38 5.92
N ILE A 33 -7.41 -1.66 4.62
CA ILE A 33 -7.64 -0.62 3.63
C ILE A 33 -8.86 -0.92 2.76
N GLU A 34 -9.85 -0.03 2.80
CA GLU A 34 -11.06 -0.20 2.02
C GLU A 34 -10.91 0.39 0.62
N THR A 35 -11.26 -0.39 -0.39
CA THR A 35 -11.16 0.05 -1.78
C THR A 35 -12.27 1.04 -2.11
N ALA A 36 -12.06 1.80 -3.19
CA ALA A 36 -13.05 2.79 -3.62
C ALA A 36 -14.41 2.13 -3.87
N ASN A 37 -14.38 0.90 -4.36
CA ASN A 37 -15.62 0.17 -4.65
C ASN A 37 -16.31 -0.25 -3.34
N HIS A 38 -15.53 -0.36 -2.28
CA HIS A 38 -16.07 -0.75 -0.98
C HIS A 38 -16.64 -2.17 -1.03
N ASP A 39 -15.75 -3.15 -1.10
CA ASP A 39 -16.18 -4.55 -1.16
C ASP A 39 -15.15 -5.45 -0.48
N LYS A 40 -13.88 -5.25 -0.82
CA LYS A 40 -12.80 -6.05 -0.24
C LYS A 40 -11.78 -5.15 0.46
N GLU A 41 -11.21 -5.65 1.55
CA GLU A 41 -10.21 -4.90 2.31
C GLU A 41 -8.82 -5.49 2.10
N ILE A 42 -7.80 -4.67 2.32
CA ILE A 42 -6.43 -5.10 2.16
C ILE A 42 -5.78 -5.37 3.51
N PHE A 43 -4.85 -6.33 3.54
CA PHE A 43 -4.15 -6.69 4.78
C PHE A 43 -2.69 -6.29 4.70
N PHE A 44 -2.27 -5.41 5.59
CA PHE A 44 -0.88 -4.94 5.63
C PHE A 44 -0.33 -5.01 7.05
N HIS A 45 0.92 -5.45 7.16
CA HIS A 45 1.57 -5.57 8.47
C HIS A 45 2.28 -4.26 8.82
N TYR A 46 2.41 -4.01 10.13
CA TYR A 46 3.06 -2.80 10.61
C TYR A 46 4.49 -2.70 10.08
N SER A 47 5.15 -3.86 9.97
CA SER A 47 6.53 -3.91 9.48
C SER A 47 6.59 -3.51 8.01
N GLU A 48 5.53 -3.80 7.27
CA GLU A 48 5.48 -3.47 5.85
C GLU A 48 5.24 -1.98 5.64
N PHE A 49 4.59 -1.35 6.63
CA PHE A 49 4.30 0.08 6.56
C PHE A 49 5.53 0.90 6.93
N SER A 50 5.75 1.99 6.20
CA SER A 50 6.89 2.86 6.44
C SER A 50 6.42 4.28 6.79
N GLY A 51 6.46 4.61 8.07
CA GLY A 51 6.04 5.93 8.52
C GLY A 51 5.50 5.92 9.92
N ASP A 52 4.59 6.85 10.20
CA ASP A 52 3.99 6.95 11.53
C ASP A 52 2.71 6.12 11.61
N VAL A 53 2.87 4.80 11.62
CA VAL A 53 1.73 3.89 11.70
C VAL A 53 1.13 3.87 13.10
N ASP A 54 1.96 4.20 14.09
CA ASP A 54 1.51 4.22 15.48
C ASP A 54 0.62 5.43 15.75
N SER A 55 0.84 6.50 14.98
CA SER A 55 0.07 7.72 15.13
C SER A 55 -0.87 7.93 13.95
N LEU A 56 -1.29 6.82 13.34
CA LEU A 56 -2.19 6.87 12.20
C LEU A 56 -3.63 7.09 12.66
N GLU A 57 -4.47 7.61 11.76
CA GLU A 57 -5.87 7.86 12.07
C GLU A 57 -6.79 7.26 11.00
N LEU A 58 -8.05 7.06 11.36
CA LEU A 58 -9.03 6.49 10.44
C LEU A 58 -9.43 7.50 9.39
N GLY A 59 -9.67 7.03 8.17
CA GLY A 59 -10.07 7.91 7.08
C GLY A 59 -8.89 8.61 6.45
N ASP A 60 -7.69 8.12 6.70
CA ASP A 60 -6.48 8.70 6.15
C ASP A 60 -6.14 8.08 4.81
N MET A 61 -5.50 8.85 3.94
CA MET A 61 -5.11 8.38 2.62
C MET A 61 -3.75 7.69 2.66
N VAL A 62 -3.64 6.56 1.97
CA VAL A 62 -2.39 5.80 1.93
C VAL A 62 -2.16 5.20 0.56
N GLU A 63 -0.89 4.94 0.25
CA GLU A 63 -0.53 4.37 -1.05
C GLU A 63 0.05 2.96 -0.89
N TYR A 64 -0.28 2.08 -1.82
CA TYR A 64 0.19 0.71 -1.78
C TYR A 64 0.06 0.04 -3.16
N SER A 65 0.64 -1.15 -3.28
CA SER A 65 0.61 -1.88 -4.53
C SER A 65 -0.11 -3.23 -4.35
N LEU A 66 -0.34 -3.93 -5.46
CA LEU A 66 -1.00 -5.22 -5.44
C LEU A 66 -0.22 -6.25 -6.24
N SER A 67 0.13 -7.37 -5.60
CA SER A 67 0.87 -8.43 -6.26
C SER A 67 0.20 -9.78 -6.03
N LYS A 68 0.63 -10.78 -6.79
CA LYS A 68 0.08 -12.13 -6.67
C LYS A 68 0.89 -12.96 -5.68
N GLY A 69 0.19 -13.75 -4.86
CA GLY A 69 0.85 -14.59 -3.89
C GLY A 69 0.13 -15.89 -3.65
N LYS A 70 -0.98 -15.83 -2.91
CA LYS A 70 -1.77 -17.01 -2.61
C LYS A 70 -2.92 -17.16 -3.60
N GLY A 71 -3.54 -16.05 -3.96
CA GLY A 71 -4.64 -16.09 -4.90
C GLY A 71 -6.00 -16.00 -4.22
N ASN A 72 -6.09 -16.60 -3.04
CA ASN A 72 -7.34 -16.60 -2.28
C ASN A 72 -7.69 -15.19 -1.82
N LYS A 73 -6.67 -14.43 -1.42
CA LYS A 73 -6.86 -13.07 -0.95
C LYS A 73 -5.76 -12.16 -1.46
N VAL A 74 -6.03 -10.85 -1.48
CA VAL A 74 -5.04 -9.87 -1.93
C VAL A 74 -4.56 -9.00 -0.79
N SER A 75 -3.24 -8.81 -0.70
CA SER A 75 -2.66 -8.00 0.35
C SER A 75 -1.80 -6.88 -0.24
N ALA A 76 -1.39 -5.95 0.62
CA ALA A 76 -0.57 -4.83 0.17
C ALA A 76 0.89 -5.05 0.53
N GLU A 77 1.79 -4.36 -0.18
CA GLU A 77 3.22 -4.49 0.06
C GLU A 77 3.89 -3.12 0.07
N LYS A 78 4.64 -2.83 1.14
CA LYS A 78 5.33 -1.55 1.26
C LYS A 78 4.34 -0.39 1.24
N VAL A 79 3.59 -0.23 2.32
CA VAL A 79 2.60 0.84 2.42
C VAL A 79 3.21 2.09 3.04
N ASN A 80 2.76 3.26 2.58
CA ASN A 80 3.27 4.51 3.10
C ASN A 80 2.23 5.62 2.95
N LYS A 81 2.26 6.59 3.86
CA LYS A 81 1.32 7.70 3.85
C LYS A 81 1.57 8.60 2.63
N THR A 82 0.50 9.13 2.06
CA THR A 82 0.60 10.00 0.90
C THR A 82 -0.40 11.15 0.99
N SER A 83 -0.58 11.68 2.20
CA SER A 83 -1.51 12.79 2.42
C SER A 83 -0.80 13.97 3.06
N GLY A 84 -1.44 15.13 3.02
CA GLY A 84 -0.86 16.32 3.60
C GLY A 84 -1.00 16.37 5.11
N PRO A 85 -0.33 17.35 5.74
CA PRO A 85 -0.36 17.52 7.20
C PRO A 85 -1.73 17.98 7.70
N SER A 86 -2.49 18.62 6.81
CA SER A 86 -3.81 19.12 7.16
C SER A 86 -4.76 19.05 5.97
N SER A 87 -5.91 18.40 6.16
CA SER A 87 -6.90 18.27 5.10
C SER A 87 -7.28 19.63 4.53
N GLY A 88 -7.07 19.79 3.23
CA GLY A 88 -7.40 21.05 2.59
C GLY A 88 -7.05 21.06 1.11
N GLY A 1 43.33 -17.55 -20.88
CA GLY A 1 42.18 -18.22 -20.28
C GLY A 1 40.95 -17.34 -20.24
N SER A 2 40.11 -17.56 -19.24
CA SER A 2 38.88 -16.78 -19.10
C SER A 2 37.95 -17.01 -20.29
N SER A 3 36.69 -16.64 -20.12
CA SER A 3 35.70 -16.80 -21.18
C SER A 3 34.79 -15.58 -21.27
N GLY A 4 34.36 -15.08 -20.13
CA GLY A 4 33.50 -13.91 -20.10
C GLY A 4 32.61 -13.88 -18.87
N SER A 5 31.81 -12.82 -18.76
CA SER A 5 30.90 -12.67 -17.63
C SER A 5 29.49 -12.36 -18.10
N SER A 6 28.60 -12.08 -17.15
CA SER A 6 27.21 -11.77 -17.47
C SER A 6 26.54 -11.04 -16.31
N GLY A 7 25.47 -10.31 -16.61
CA GLY A 7 24.75 -9.59 -15.57
C GLY A 7 23.95 -8.43 -16.14
N ARG A 8 24.59 -7.28 -16.30
CA ARG A 8 23.93 -6.10 -16.82
C ARG A 8 22.72 -5.73 -15.97
N LEU A 9 21.98 -4.72 -16.41
CA LEU A 9 20.79 -4.26 -15.69
C LEU A 9 19.97 -3.31 -16.54
N LEU A 10 18.67 -3.58 -16.64
CA LEU A 10 17.77 -2.73 -17.42
C LEU A 10 16.69 -2.13 -16.54
N GLY A 11 16.31 -0.89 -16.84
CA GLY A 11 15.28 -0.21 -16.07
C GLY A 11 15.87 0.69 -14.99
N ARG A 12 15.81 2.00 -15.23
CA ARG A 12 16.34 2.97 -14.28
C ARG A 12 15.48 3.02 -13.02
N ASN A 13 14.17 3.09 -13.21
CA ASN A 13 13.24 3.15 -12.09
C ASN A 13 11.93 2.43 -12.44
N SER A 14 11.80 1.19 -11.99
CA SER A 14 10.61 0.39 -12.25
C SER A 14 9.48 0.80 -11.32
N ASN A 15 8.25 0.56 -11.76
CA ASN A 15 7.07 0.90 -10.95
C ASN A 15 5.94 -0.09 -11.22
N SER A 16 5.37 -0.62 -10.14
CA SER A 16 4.27 -1.58 -10.25
C SER A 16 2.93 -0.85 -10.42
N LYS A 17 2.51 -0.18 -9.36
CA LYS A 17 1.24 0.56 -9.38
C LYS A 17 1.05 1.33 -8.07
N ARG A 18 0.73 2.61 -8.20
CA ARG A 18 0.51 3.45 -7.04
C ARG A 18 -0.98 3.67 -6.79
N LEU A 19 -1.61 2.71 -6.12
CA LEU A 19 -3.04 2.80 -5.82
C LEU A 19 -3.27 3.48 -4.48
N LEU A 20 -4.42 4.15 -4.36
CA LEU A 20 -4.76 4.85 -3.13
C LEU A 20 -5.83 4.07 -2.35
N GLY A 21 -6.11 4.52 -1.12
CA GLY A 21 -7.10 3.86 -0.30
C GLY A 21 -7.47 4.68 0.93
N TYR A 22 -8.30 4.11 1.79
CA TYR A 22 -8.74 4.78 3.00
C TYR A 22 -8.73 3.84 4.19
N VAL A 23 -8.07 4.26 5.27
CA VAL A 23 -7.98 3.45 6.47
C VAL A 23 -9.37 2.99 6.93
N ALA A 24 -9.57 1.68 6.98
CA ALA A 24 -10.85 1.13 7.40
C ALA A 24 -10.76 0.59 8.83
N THR A 25 -9.58 0.12 9.21
CA THR A 25 -9.37 -0.43 10.55
C THR A 25 -7.91 -0.31 10.97
N LEU A 26 -7.68 0.19 12.17
CA LEU A 26 -6.33 0.35 12.69
C LEU A 26 -6.18 -0.35 14.04
N LYS A 27 -5.50 -1.50 14.02
CA LYS A 27 -5.28 -2.28 15.23
C LYS A 27 -3.88 -2.04 15.78
N ASP A 28 -3.51 -2.79 16.81
CA ASP A 28 -2.19 -2.67 17.42
C ASP A 28 -1.24 -3.74 16.89
N ASN A 29 -1.23 -3.91 15.57
CA ASN A 29 -0.37 -4.90 14.93
C ASN A 29 -0.49 -4.84 13.41
N PHE A 30 -1.72 -4.60 12.94
CA PHE A 30 -1.96 -4.51 11.50
C PHE A 30 -3.17 -3.63 11.21
N GLY A 31 -3.32 -3.23 9.95
CA GLY A 31 -4.43 -2.38 9.57
C GLY A 31 -5.13 -2.87 8.32
N PHE A 32 -6.20 -2.17 7.93
CA PHE A 32 -6.95 -2.55 6.75
C PHE A 32 -7.20 -1.33 5.85
N ILE A 33 -7.31 -1.57 4.55
CA ILE A 33 -7.55 -0.50 3.59
C ILE A 33 -8.71 -0.85 2.67
N GLU A 34 -9.80 -0.10 2.80
CA GLU A 34 -10.98 -0.33 1.97
C GLU A 34 -10.88 0.44 0.66
N THR A 35 -10.97 -0.27 -0.46
CA THR A 35 -10.89 0.35 -1.77
C THR A 35 -12.10 1.23 -2.05
N ALA A 36 -12.01 2.07 -3.06
CA ALA A 36 -13.09 2.97 -3.44
C ALA A 36 -14.37 2.18 -3.77
N ASN A 37 -14.19 0.94 -4.21
CA ASN A 37 -15.31 0.09 -4.57
C ASN A 37 -15.93 -0.54 -3.32
N HIS A 38 -15.13 -0.65 -2.27
CA HIS A 38 -15.60 -1.24 -1.02
C HIS A 38 -16.08 -2.67 -1.23
N ASP A 39 -15.46 -3.36 -2.18
CA ASP A 39 -15.82 -4.75 -2.49
C ASP A 39 -14.73 -5.71 -2.00
N LYS A 40 -13.49 -5.23 -1.96
CA LYS A 40 -12.36 -6.04 -1.53
C LYS A 40 -11.57 -5.33 -0.44
N GLU A 41 -11.14 -6.09 0.56
CA GLU A 41 -10.38 -5.52 1.67
C GLU A 41 -8.88 -5.81 1.49
N ILE A 42 -8.06 -5.03 2.18
CA ILE A 42 -6.61 -5.19 2.09
C ILE A 42 -6.01 -5.47 3.47
N PHE A 43 -4.94 -6.26 3.50
CA PHE A 43 -4.27 -6.60 4.75
C PHE A 43 -2.78 -6.28 4.66
N PHE A 44 -2.35 -5.31 5.45
CA PHE A 44 -0.95 -4.91 5.48
C PHE A 44 -0.38 -4.97 6.90
N HIS A 45 0.86 -5.44 7.01
CA HIS A 45 1.51 -5.55 8.31
C HIS A 45 2.25 -4.25 8.66
N TYR A 46 2.39 -3.99 9.95
CA TYR A 46 3.07 -2.79 10.42
C TYR A 46 4.50 -2.73 9.89
N SER A 47 5.18 -3.88 9.92
CA SER A 47 6.56 -3.96 9.45
C SER A 47 6.65 -3.57 7.98
N GLU A 48 5.59 -3.84 7.23
CA GLU A 48 5.56 -3.51 5.80
C GLU A 48 5.33 -2.01 5.60
N PHE A 49 4.67 -1.39 6.57
CA PHE A 49 4.38 0.04 6.51
C PHE A 49 5.63 0.87 6.84
N SER A 50 6.03 1.71 5.89
CA SER A 50 7.22 2.55 6.08
C SER A 50 6.81 4.01 6.30
N GLY A 51 6.85 4.44 7.56
CA GLY A 51 6.48 5.80 7.88
C GLY A 51 5.84 5.93 9.25
N ASP A 52 4.74 6.66 9.33
CA ASP A 52 4.03 6.86 10.58
C ASP A 52 2.74 6.04 10.62
N VAL A 53 2.85 4.80 11.06
CA VAL A 53 1.69 3.91 11.14
C VAL A 53 0.85 4.22 12.37
N ASP A 54 1.50 4.75 13.41
CA ASP A 54 0.81 5.09 14.64
C ASP A 54 0.05 6.41 14.49
N SER A 55 0.68 7.38 13.87
CA SER A 55 0.06 8.69 13.67
C SER A 55 -1.17 8.58 12.78
N LEU A 56 -1.19 7.55 11.93
CA LEU A 56 -2.32 7.33 11.04
C LEU A 56 -3.64 7.30 11.80
N GLU A 57 -4.72 7.64 11.12
CA GLU A 57 -6.04 7.65 11.74
C GLU A 57 -7.13 7.28 10.73
N LEU A 58 -8.27 6.81 11.23
CA LEU A 58 -9.38 6.42 10.38
C LEU A 58 -9.88 7.61 9.57
N GLY A 59 -9.87 7.48 8.25
CA GLY A 59 -10.33 8.54 7.39
C GLY A 59 -9.19 9.23 6.67
N ASP A 60 -8.03 8.60 6.65
CA ASP A 60 -6.85 9.16 5.98
C ASP A 60 -6.53 8.40 4.70
N MET A 61 -5.66 8.97 3.88
CA MET A 61 -5.27 8.35 2.62
C MET A 61 -3.93 7.63 2.76
N VAL A 62 -3.78 6.53 2.04
CA VAL A 62 -2.55 5.75 2.08
C VAL A 62 -2.29 5.06 0.75
N GLU A 63 -1.03 4.97 0.36
CA GLU A 63 -0.65 4.33 -0.90
C GLU A 63 -0.12 2.92 -0.65
N TYR A 64 -0.44 2.01 -1.56
CA TYR A 64 -0.01 0.63 -1.43
C TYR A 64 0.09 -0.04 -2.80
N SER A 65 0.47 -1.31 -2.81
CA SER A 65 0.61 -2.06 -4.06
C SER A 65 0.00 -3.46 -3.92
N LEU A 66 -0.32 -4.07 -5.05
CA LEU A 66 -0.91 -5.40 -5.06
C LEU A 66 0.09 -6.43 -5.59
N SER A 67 -0.10 -7.68 -5.18
CA SER A 67 0.79 -8.76 -5.61
C SER A 67 0.04 -9.79 -6.45
N LYS A 68 0.77 -10.51 -7.29
CA LYS A 68 0.17 -11.52 -8.15
C LYS A 68 0.47 -12.93 -7.63
N GLY A 69 -0.42 -13.86 -7.94
CA GLY A 69 -0.25 -15.23 -7.50
C GLY A 69 -1.17 -16.19 -8.21
N LYS A 70 -2.21 -16.64 -7.52
CA LYS A 70 -3.17 -17.58 -8.09
C LYS A 70 -4.58 -17.31 -7.56
N GLY A 71 -4.85 -16.04 -7.23
CA GLY A 71 -6.15 -15.68 -6.72
C GLY A 71 -6.16 -15.50 -5.21
N ASN A 72 -7.23 -15.96 -4.57
CA ASN A 72 -7.37 -15.86 -3.13
C ASN A 72 -7.29 -14.41 -2.67
N LYS A 73 -7.28 -14.20 -1.36
CA LYS A 73 -7.21 -12.85 -0.80
C LYS A 73 -6.02 -12.09 -1.35
N VAL A 74 -5.99 -10.79 -1.11
CA VAL A 74 -4.89 -9.94 -1.57
C VAL A 74 -4.38 -9.04 -0.46
N SER A 75 -3.06 -9.02 -0.28
CA SER A 75 -2.44 -8.21 0.75
C SER A 75 -1.62 -7.07 0.14
N ALA A 76 -1.46 -6.00 0.89
CA ALA A 76 -0.69 -4.84 0.42
C ALA A 76 0.77 -4.93 0.86
N GLU A 77 1.67 -4.52 -0.02
CA GLU A 77 3.09 -4.56 0.27
C GLU A 77 3.71 -3.16 0.15
N LYS A 78 4.66 -2.86 1.02
CA LYS A 78 5.33 -1.56 1.02
C LYS A 78 4.32 -0.43 1.07
N VAL A 79 3.65 -0.30 2.21
CA VAL A 79 2.64 0.75 2.39
C VAL A 79 3.27 2.01 2.98
N ASN A 80 2.74 3.16 2.60
CA ASN A 80 3.25 4.44 3.08
C ASN A 80 2.19 5.54 2.93
N LYS A 81 2.23 6.51 3.83
CA LYS A 81 1.27 7.62 3.80
C LYS A 81 1.49 8.49 2.57
N THR A 82 0.52 9.34 2.27
CA THR A 82 0.61 10.22 1.11
C THR A 82 -0.39 11.37 1.22
N SER A 83 -0.10 12.48 0.54
CA SER A 83 -0.97 13.64 0.57
C SER A 83 -1.41 14.02 -0.85
N GLY A 84 -2.21 15.08 -0.95
CA GLY A 84 -2.68 15.53 -2.24
C GLY A 84 -4.03 16.23 -2.16
N PRO A 85 -4.43 16.88 -3.26
CA PRO A 85 -5.71 17.61 -3.32
C PRO A 85 -6.90 16.67 -3.33
N SER A 86 -7.55 16.53 -2.18
CA SER A 86 -8.71 15.66 -2.06
C SER A 86 -9.45 15.93 -0.75
N SER A 87 -10.77 16.07 -0.85
CA SER A 87 -11.61 16.34 0.31
C SER A 87 -12.08 15.04 0.96
N GLY A 88 -11.32 14.56 1.93
CA GLY A 88 -11.67 13.32 2.62
C GLY A 88 -11.25 13.33 4.07
#